data_1WWT
#
_entry.id   1WWT
#
_entity_poly.entity_id   1
_entity_poly.type   'polypeptide(L)'
_entity_poly.pdbx_seq_one_letter_code
;GSSGSSGDSKPIKVTLPDGKQVDAESWKTTPYQIACGISQGLADNTVIAKVNNVVWDLDRPLEEDCTLELLKFEDEEAQA
VYSGPSSG
;
_entity_poly.pdbx_strand_id   A
#
# COMPACT_ATOMS: atom_id res chain seq x y z
N GLY A 1 10.95 -5.96 -20.90
CA GLY A 1 10.58 -4.61 -21.31
C GLY A 1 11.30 -3.55 -20.48
N SER A 2 10.84 -2.32 -20.62
CA SER A 2 11.44 -1.22 -19.87
C SER A 2 10.89 -1.20 -18.44
N SER A 3 11.79 -1.44 -17.50
CA SER A 3 11.42 -1.45 -16.09
C SER A 3 10.61 -0.20 -15.76
N GLY A 4 9.34 -0.42 -15.45
CA GLY A 4 8.45 0.67 -15.11
C GLY A 4 9.00 1.48 -13.92
N SER A 5 9.31 2.73 -14.20
CA SER A 5 9.84 3.61 -13.17
C SER A 5 9.26 5.02 -13.33
N SER A 6 8.28 5.31 -12.51
CA SER A 6 7.62 6.61 -12.55
C SER A 6 7.42 7.04 -14.00
N GLY A 7 6.26 6.68 -14.53
CA GLY A 7 5.93 7.02 -15.91
C GLY A 7 4.54 7.67 -15.99
N ASP A 8 4.49 8.93 -15.59
CA ASP A 8 3.24 9.66 -15.63
C ASP A 8 2.19 8.90 -14.83
N SER A 9 2.00 9.32 -13.59
CA SER A 9 1.03 8.68 -12.71
C SER A 9 -0.30 8.49 -13.46
N LYS A 10 -1.20 7.77 -12.81
CA LYS A 10 -2.52 7.51 -13.40
C LYS A 10 -3.48 7.05 -12.30
N PRO A 11 -4.80 7.21 -12.59
CA PRO A 11 -5.82 6.82 -11.64
C PRO A 11 -5.98 5.30 -11.62
N ILE A 12 -5.56 4.71 -10.51
CA ILE A 12 -5.65 3.26 -10.34
C ILE A 12 -6.78 2.94 -9.36
N LYS A 13 -7.05 1.64 -9.23
CA LYS A 13 -8.10 1.19 -8.33
C LYS A 13 -7.50 0.20 -7.32
N VAL A 14 -7.88 0.38 -6.06
CA VAL A 14 -7.39 -0.49 -5.01
C VAL A 14 -8.59 -1.08 -4.25
N THR A 15 -8.69 -2.39 -4.32
CA THR A 15 -9.78 -3.09 -3.65
C THR A 15 -9.37 -3.45 -2.21
N LEU A 16 -10.22 -3.04 -1.27
CA LEU A 16 -9.96 -3.32 0.13
C LEU A 16 -9.96 -4.83 0.36
N PRO A 17 -9.33 -5.23 1.49
CA PRO A 17 -9.25 -6.64 1.84
C PRO A 17 -10.59 -7.16 2.36
N ASP A 18 -11.58 -6.28 2.36
CA ASP A 18 -12.91 -6.62 2.82
C ASP A 18 -13.83 -6.78 1.60
N GLY A 19 -13.32 -6.37 0.46
CA GLY A 19 -14.09 -6.46 -0.77
C GLY A 19 -14.37 -5.07 -1.35
N LYS A 20 -14.51 -4.11 -0.44
CA LYS A 20 -14.79 -2.74 -0.84
C LYS A 20 -13.74 -2.29 -1.85
N GLN A 21 -14.09 -1.25 -2.60
CA GLN A 21 -13.19 -0.72 -3.61
C GLN A 21 -12.92 0.77 -3.35
N VAL A 22 -11.72 1.19 -3.72
CA VAL A 22 -11.34 2.58 -3.53
C VAL A 22 -10.56 3.07 -4.77
N ASP A 23 -10.39 4.37 -4.85
CA ASP A 23 -9.69 4.97 -5.97
C ASP A 23 -8.31 5.43 -5.50
N ALA A 24 -7.30 5.12 -6.30
CA ALA A 24 -5.93 5.50 -5.98
C ALA A 24 -5.22 5.93 -7.26
N GLU A 25 -3.95 6.32 -7.09
CA GLU A 25 -3.15 6.75 -8.22
C GLU A 25 -1.75 6.15 -8.13
N SER A 26 -1.25 5.69 -9.27
CA SER A 26 0.07 5.10 -9.34
C SER A 26 1.12 6.15 -8.97
N TRP A 27 1.99 5.75 -8.04
CA TRP A 27 3.06 6.64 -7.60
C TRP A 27 2.41 7.92 -7.08
N LYS A 28 1.28 7.75 -6.42
CA LYS A 28 0.55 8.90 -5.88
C LYS A 28 -0.02 8.52 -4.50
N THR A 29 -0.81 7.46 -4.50
CA THR A 29 -1.43 6.99 -3.27
C THR A 29 -0.75 5.71 -2.80
N THR A 30 -0.80 5.50 -1.49
CA THR A 30 -0.21 4.31 -0.90
C THR A 30 -1.25 3.52 -0.11
N PRO A 31 -0.82 2.34 0.39
CA PRO A 31 -1.71 1.48 1.17
C PRO A 31 -1.91 2.03 2.58
N TYR A 32 -0.97 2.88 2.98
CA TYR A 32 -1.03 3.48 4.30
C TYR A 32 -2.12 4.56 4.37
N GLN A 33 -2.26 5.27 3.25
CA GLN A 33 -3.26 6.32 3.17
C GLN A 33 -4.66 5.73 3.03
N ILE A 34 -4.79 4.83 2.07
CA ILE A 34 -6.06 4.18 1.83
C ILE A 34 -6.69 3.76 3.17
N ALA A 35 -5.86 3.13 3.99
CA ALA A 35 -6.30 2.68 5.29
C ALA A 35 -6.57 3.89 6.19
N CYS A 36 -5.56 4.74 6.30
CA CYS A 36 -5.67 5.93 7.12
C CYS A 36 -7.03 6.57 6.86
N GLY A 37 -7.37 6.67 5.58
CA GLY A 37 -8.64 7.26 5.19
C GLY A 37 -9.77 6.78 6.09
N ILE A 38 -9.81 5.47 6.30
CA ILE A 38 -10.83 4.87 7.14
C ILE A 38 -10.70 5.43 8.56
N SER A 39 -11.73 5.17 9.36
CA SER A 39 -11.74 5.64 10.74
C SER A 39 -10.35 5.50 11.35
N GLN A 40 -9.84 6.63 11.82
CA GLN A 40 -8.52 6.66 12.43
C GLN A 40 -8.38 5.52 13.45
N GLY A 41 -7.37 4.69 13.22
CA GLY A 41 -7.11 3.56 14.09
C GLY A 41 -6.86 2.28 13.28
N LEU A 42 -7.55 2.19 12.16
CA LEU A 42 -7.42 1.03 11.29
C LEU A 42 -5.95 0.88 10.88
N ALA A 43 -5.44 1.93 10.24
CA ALA A 43 -4.07 1.92 9.79
C ALA A 43 -3.13 1.82 11.00
N ASP A 44 -3.64 2.29 12.14
CA ASP A 44 -2.86 2.26 13.36
C ASP A 44 -2.54 0.80 13.72
N ASN A 45 -3.48 -0.08 13.39
CA ASN A 45 -3.30 -1.50 13.67
C ASN A 45 -2.94 -2.22 12.38
N THR A 46 -1.82 -1.81 11.79
CA THR A 46 -1.36 -2.41 10.55
C THR A 46 0.14 -2.74 10.66
N VAL A 47 0.62 -3.44 9.64
CA VAL A 47 2.02 -3.82 9.59
C VAL A 47 2.54 -3.68 8.16
N ILE A 48 2.30 -4.71 7.37
CA ILE A 48 2.73 -4.71 5.98
C ILE A 48 1.52 -4.88 5.07
N ALA A 49 1.41 -3.99 4.10
CA ALA A 49 0.29 -4.04 3.17
C ALA A 49 0.70 -4.88 1.95
N LYS A 50 -0.22 -5.73 1.53
CA LYS A 50 0.03 -6.60 0.38
C LYS A 50 -0.62 -5.98 -0.86
N VAL A 51 0.20 -5.81 -1.89
CA VAL A 51 -0.28 -5.24 -3.13
C VAL A 51 -0.24 -6.32 -4.23
N ASN A 52 -1.41 -6.88 -4.49
CA ASN A 52 -1.53 -7.91 -5.51
C ASN A 52 -1.06 -9.25 -4.92
N ASN A 53 -1.24 -9.39 -3.62
CA ASN A 53 -0.84 -10.60 -2.93
C ASN A 53 0.68 -10.62 -2.77
N VAL A 54 1.25 -9.43 -2.79
CA VAL A 54 2.69 -9.29 -2.65
C VAL A 54 2.98 -8.23 -1.58
N VAL A 55 3.98 -8.52 -0.77
CA VAL A 55 4.38 -7.60 0.29
C VAL A 55 4.63 -6.21 -0.32
N TRP A 56 4.01 -5.22 0.30
CA TRP A 56 4.15 -3.85 -0.17
C TRP A 56 4.41 -2.96 1.05
N ASP A 57 5.17 -1.90 0.82
CA ASP A 57 5.50 -0.98 1.88
C ASP A 57 4.39 0.07 2.00
N LEU A 58 4.14 0.47 3.24
CA LEU A 58 3.11 1.46 3.51
C LEU A 58 3.57 2.83 3.00
N ASP A 59 4.88 3.01 3.01
CA ASP A 59 5.47 4.26 2.56
C ASP A 59 5.60 4.23 1.04
N ARG A 60 5.48 3.04 0.49
CA ARG A 60 5.60 2.85 -0.95
C ARG A 60 4.21 2.90 -1.60
N PRO A 61 4.08 3.81 -2.60
CA PRO A 61 2.82 3.97 -3.30
C PRO A 61 2.59 2.81 -4.28
N LEU A 62 1.33 2.46 -4.45
CA LEU A 62 0.96 1.39 -5.35
C LEU A 62 1.59 1.63 -6.72
N GLU A 63 1.38 0.67 -7.62
CA GLU A 63 1.92 0.78 -8.96
C GLU A 63 0.79 0.85 -9.98
N GLU A 64 -0.28 0.12 -9.70
CA GLU A 64 -1.43 0.10 -10.58
C GLU A 64 -2.55 -0.74 -9.97
N ASP A 65 -3.63 -0.88 -10.72
CA ASP A 65 -4.78 -1.65 -10.26
C ASP A 65 -4.29 -2.91 -9.55
N CYS A 66 -4.48 -2.93 -8.24
CA CYS A 66 -4.06 -4.07 -7.44
C CYS A 66 -4.98 -4.15 -6.21
N THR A 67 -4.73 -5.18 -5.40
CA THR A 67 -5.51 -5.38 -4.20
C THR A 67 -4.70 -5.01 -2.95
N LEU A 68 -5.39 -4.45 -1.97
CA LEU A 68 -4.75 -4.05 -0.74
C LEU A 68 -5.17 -5.00 0.38
N GLU A 69 -4.19 -5.39 1.18
CA GLU A 69 -4.44 -6.30 2.29
C GLU A 69 -3.51 -5.97 3.46
N LEU A 70 -4.13 -5.50 4.54
CA LEU A 70 -3.38 -5.15 5.73
C LEU A 70 -3.09 -6.41 6.55
N LEU A 71 -1.84 -6.52 6.98
CA LEU A 71 -1.42 -7.67 7.76
C LEU A 71 -1.62 -7.38 9.24
N LYS A 72 -1.80 -8.44 10.01
CA LYS A 72 -2.00 -8.31 11.44
C LYS A 72 -0.65 -8.11 12.13
N PHE A 73 0.37 -8.69 11.53
CA PHE A 73 1.72 -8.59 12.06
C PHE A 73 2.69 -9.51 11.31
N GLU A 74 3.96 -9.12 11.33
CA GLU A 74 4.98 -9.91 10.66
C GLU A 74 4.84 -11.39 11.02
N ASP A 75 5.50 -12.22 10.24
CA ASP A 75 5.46 -13.65 10.46
C ASP A 75 6.59 -14.32 9.67
N GLU A 76 7.74 -14.44 10.32
CA GLU A 76 8.90 -15.06 9.69
C GLU A 76 9.46 -14.14 8.61
N GLU A 77 10.06 -13.04 9.06
CA GLU A 77 10.64 -12.08 8.14
C GLU A 77 11.47 -11.05 8.92
N ALA A 78 12.48 -10.53 8.24
CA ALA A 78 13.36 -9.53 8.85
C ALA A 78 13.97 -8.66 7.76
N GLN A 79 14.53 -7.54 8.18
CA GLN A 79 15.16 -6.61 7.25
C GLN A 79 14.09 -5.82 6.49
N ALA A 80 13.22 -6.57 5.81
CA ALA A 80 12.16 -5.96 5.04
C ALA A 80 11.03 -5.51 5.98
N VAL A 81 11.12 -4.26 6.40
CA VAL A 81 10.12 -3.70 7.30
C VAL A 81 10.36 -2.19 7.45
N TYR A 82 9.30 -1.49 7.81
CA TYR A 82 9.37 -0.05 7.99
C TYR A 82 10.61 0.33 8.79
N SER A 83 10.91 1.63 8.79
CA SER A 83 12.05 2.14 9.51
C SER A 83 11.65 3.35 10.36
N GLY A 84 11.98 3.28 11.64
CA GLY A 84 11.66 4.35 12.56
C GLY A 84 12.11 5.70 12.00
N PRO A 85 11.09 6.49 11.54
CA PRO A 85 11.37 7.80 10.98
C PRO A 85 11.71 8.81 12.09
N SER A 86 12.05 10.02 11.65
CA SER A 86 12.40 11.07 12.60
C SER A 86 11.17 11.48 13.40
N SER A 87 11.42 11.86 14.65
CA SER A 87 10.34 12.27 15.54
C SER A 87 9.41 11.09 15.81
N GLY A 88 9.81 10.27 16.77
CA GLY A 88 9.02 9.11 17.15
C GLY A 88 9.68 7.82 16.63
N GLY A 1 11.12 -3.00 -31.96
CA GLY A 1 11.65 -1.65 -31.89
C GLY A 1 12.19 -1.33 -30.50
N SER A 2 12.07 -0.06 -30.12
CA SER A 2 12.55 0.38 -28.82
C SER A 2 11.96 1.75 -28.49
N SER A 3 11.63 1.94 -27.22
CA SER A 3 11.06 3.20 -26.76
C SER A 3 11.30 3.35 -25.27
N GLY A 4 11.23 4.61 -24.82
CA GLY A 4 11.44 4.91 -23.42
C GLY A 4 10.11 4.87 -22.65
N SER A 5 10.17 5.31 -21.41
CA SER A 5 8.98 5.33 -20.56
C SER A 5 8.98 6.59 -19.69
N SER A 6 8.17 7.56 -20.10
CA SER A 6 8.06 8.80 -19.37
C SER A 6 7.23 8.60 -18.10
N GLY A 7 7.67 9.25 -17.04
CA GLY A 7 6.98 9.14 -15.76
C GLY A 7 5.65 9.90 -15.79
N ASP A 8 4.57 9.15 -15.59
CA ASP A 8 3.25 9.73 -15.60
C ASP A 8 2.29 8.83 -14.80
N SER A 9 1.81 9.37 -13.70
CA SER A 9 0.89 8.63 -12.84
C SER A 9 -0.44 8.42 -13.57
N LYS A 10 -1.34 7.72 -12.89
CA LYS A 10 -2.65 7.44 -13.45
C LYS A 10 -3.58 6.95 -12.34
N PRO A 11 -4.91 7.11 -12.60
CA PRO A 11 -5.91 6.68 -11.63
C PRO A 11 -6.05 5.16 -11.60
N ILE A 12 -5.57 4.57 -10.52
CA ILE A 12 -5.64 3.14 -10.36
C ILE A 12 -6.76 2.78 -9.38
N LYS A 13 -7.10 1.50 -9.35
CA LYS A 13 -8.15 1.03 -8.46
C LYS A 13 -7.54 0.07 -7.44
N VAL A 14 -7.96 0.25 -6.20
CA VAL A 14 -7.47 -0.58 -5.11
C VAL A 14 -8.66 -1.12 -4.31
N THR A 15 -8.81 -2.44 -4.34
CA THR A 15 -9.90 -3.08 -3.62
C THR A 15 -9.48 -3.39 -2.18
N LEU A 16 -10.40 -3.14 -1.27
CA LEU A 16 -10.14 -3.39 0.14
C LEU A 16 -10.14 -4.89 0.39
N PRO A 17 -9.53 -5.28 1.55
CA PRO A 17 -9.45 -6.68 1.92
C PRO A 17 -10.81 -7.17 2.44
N ASP A 18 -11.78 -6.28 2.42
CA ASP A 18 -13.12 -6.62 2.87
C ASP A 18 -14.04 -6.81 1.66
N GLY A 19 -13.49 -6.50 0.49
CA GLY A 19 -14.24 -6.63 -0.74
C GLY A 19 -14.78 -5.28 -1.21
N LYS A 20 -14.14 -4.22 -0.72
CA LYS A 20 -14.54 -2.87 -1.09
C LYS A 20 -13.61 -2.35 -2.18
N GLN A 21 -14.02 -1.24 -2.77
CA GLN A 21 -13.24 -0.62 -3.83
C GLN A 21 -12.86 0.81 -3.44
N VAL A 22 -11.67 1.21 -3.90
CA VAL A 22 -11.18 2.55 -3.61
C VAL A 22 -10.45 3.09 -4.84
N ASP A 23 -10.35 4.41 -4.89
CA ASP A 23 -9.69 5.07 -6.00
C ASP A 23 -8.30 5.54 -5.55
N ALA A 24 -7.30 5.17 -6.34
CA ALA A 24 -5.93 5.56 -6.03
C ALA A 24 -5.21 5.94 -7.32
N GLU A 25 -3.95 6.35 -7.17
CA GLU A 25 -3.15 6.74 -8.32
C GLU A 25 -1.74 6.18 -8.19
N SER A 26 -1.25 5.62 -9.29
CA SER A 26 0.08 5.04 -9.31
C SER A 26 1.12 6.11 -8.98
N TRP A 27 1.99 5.77 -8.04
CA TRP A 27 3.04 6.68 -7.62
C TRP A 27 2.37 7.96 -7.09
N LYS A 28 1.22 7.76 -6.46
CA LYS A 28 0.47 8.88 -5.90
C LYS A 28 -0.06 8.51 -4.53
N THR A 29 -0.99 7.56 -4.53
CA THR A 29 -1.59 7.09 -3.29
C THR A 29 -0.89 5.81 -2.80
N THR A 30 -0.94 5.63 -1.49
CA THR A 30 -0.32 4.46 -0.89
C THR A 30 -1.35 3.64 -0.11
N PRO A 31 -0.89 2.47 0.41
CA PRO A 31 -1.76 1.60 1.17
C PRO A 31 -2.01 2.16 2.58
N TYR A 32 -1.03 2.89 3.07
CA TYR A 32 -1.13 3.49 4.39
C TYR A 32 -2.22 4.56 4.42
N GLN A 33 -2.40 5.23 3.30
CA GLN A 33 -3.39 6.27 3.18
C GLN A 33 -4.79 5.66 3.02
N ILE A 34 -4.92 4.82 2.02
CA ILE A 34 -6.19 4.16 1.75
C ILE A 34 -6.83 3.74 3.08
N ALA A 35 -6.12 2.91 3.82
CA ALA A 35 -6.60 2.43 5.10
C ALA A 35 -6.97 3.63 5.98
N CYS A 36 -5.97 4.49 6.20
CA CYS A 36 -6.19 5.68 7.01
C CYS A 36 -7.52 6.31 6.60
N GLY A 37 -7.62 6.64 5.33
CA GLY A 37 -8.82 7.25 4.81
C GLY A 37 -10.07 6.64 5.46
N ILE A 38 -10.17 5.32 5.35
CA ILE A 38 -11.30 4.61 5.92
C ILE A 38 -11.51 5.07 7.36
N SER A 39 -10.54 4.73 8.20
CA SER A 39 -10.61 5.10 9.61
C SER A 39 -9.21 5.18 10.19
N GLN A 40 -8.94 6.29 10.87
CA GLN A 40 -7.64 6.51 11.49
C GLN A 40 -7.46 5.55 12.67
N GLY A 41 -6.29 4.91 12.69
CA GLY A 41 -5.98 3.97 13.75
C GLY A 41 -5.60 2.61 13.19
N LEU A 42 -6.50 2.06 12.38
CA LEU A 42 -6.27 0.77 11.76
C LEU A 42 -4.81 0.66 11.32
N ALA A 43 -4.37 1.69 10.62
CA ALA A 43 -3.00 1.74 10.12
C ALA A 43 -2.06 1.33 11.26
N ASP A 44 -2.24 1.97 12.41
CA ASP A 44 -1.41 1.69 13.56
C ASP A 44 -1.42 0.18 13.84
N ASN A 45 -2.62 -0.36 13.94
CA ASN A 45 -2.77 -1.78 14.20
C ASN A 45 -2.13 -2.58 13.06
N THR A 46 -2.44 -2.15 11.84
CA THR A 46 -1.91 -2.82 10.65
C THR A 46 -0.40 -3.04 10.80
N VAL A 47 0.12 -3.92 9.96
CA VAL A 47 1.54 -4.23 9.99
C VAL A 47 2.15 -3.94 8.62
N ILE A 48 1.69 -4.70 7.63
CA ILE A 48 2.18 -4.54 6.27
C ILE A 48 1.02 -4.73 5.29
N ALA A 49 0.96 -3.83 4.33
CA ALA A 49 -0.09 -3.88 3.32
C ALA A 49 0.39 -4.72 2.13
N LYS A 50 -0.49 -5.58 1.65
CA LYS A 50 -0.16 -6.44 0.53
C LYS A 50 -0.77 -5.84 -0.75
N VAL A 51 0.09 -5.66 -1.74
CA VAL A 51 -0.33 -5.10 -3.01
C VAL A 51 -0.24 -6.18 -4.10
N ASN A 52 -1.39 -6.76 -4.41
CA ASN A 52 -1.46 -7.80 -5.43
C ASN A 52 -1.00 -9.12 -4.81
N ASN A 53 -1.28 -9.28 -3.53
CA ASN A 53 -0.91 -10.49 -2.82
C ASN A 53 0.60 -10.49 -2.58
N VAL A 54 1.16 -9.29 -2.60
CA VAL A 54 2.60 -9.15 -2.38
C VAL A 54 2.83 -8.05 -1.33
N VAL A 55 3.83 -8.29 -0.48
CA VAL A 55 4.16 -7.34 0.57
C VAL A 55 4.42 -5.97 -0.06
N TRP A 56 3.83 -4.96 0.55
CA TRP A 56 3.98 -3.60 0.06
C TRP A 56 4.12 -2.68 1.28
N ASP A 57 5.20 -1.92 1.28
CA ASP A 57 5.47 -1.00 2.37
C ASP A 57 4.35 0.04 2.44
N LEU A 58 4.00 0.42 3.66
CA LEU A 58 2.96 1.40 3.88
C LEU A 58 3.43 2.76 3.36
N ASP A 59 4.71 3.03 3.56
CA ASP A 59 5.30 4.28 3.13
C ASP A 59 5.75 4.16 1.67
N ARG A 60 4.84 3.64 0.84
CA ARG A 60 5.13 3.46 -0.57
C ARG A 60 3.84 3.44 -1.37
N PRO A 61 3.81 4.29 -2.44
CA PRO A 61 2.64 4.39 -3.29
C PRO A 61 2.54 3.16 -4.22
N LEU A 62 1.31 2.78 -4.51
CA LEU A 62 1.06 1.65 -5.38
C LEU A 62 1.72 1.89 -6.74
N GLU A 63 1.53 0.93 -7.63
CA GLU A 63 2.10 1.03 -8.97
C GLU A 63 0.98 1.03 -10.02
N GLU A 64 -0.05 0.23 -9.74
CA GLU A 64 -1.18 0.14 -10.65
C GLU A 64 -2.31 -0.65 -10.00
N ASP A 65 -3.41 -0.77 -10.73
CA ASP A 65 -4.57 -1.49 -10.23
C ASP A 65 -4.11 -2.77 -9.53
N CYS A 66 -4.35 -2.81 -8.23
CA CYS A 66 -3.96 -3.97 -7.42
C CYS A 66 -4.92 -4.06 -6.23
N THR A 67 -4.69 -5.09 -5.42
CA THR A 67 -5.52 -5.30 -4.26
C THR A 67 -4.78 -4.91 -2.98
N LEU A 68 -5.53 -4.38 -2.03
CA LEU A 68 -4.96 -3.95 -0.77
C LEU A 68 -5.38 -4.91 0.34
N GLU A 69 -4.40 -5.34 1.12
CA GLU A 69 -4.66 -6.26 2.21
C GLU A 69 -3.78 -5.93 3.41
N LEU A 70 -4.41 -5.38 4.44
CA LEU A 70 -3.69 -5.01 5.65
C LEU A 70 -3.46 -6.26 6.51
N LEU A 71 -2.22 -6.43 6.93
CA LEU A 71 -1.85 -7.57 7.75
C LEU A 71 -2.10 -7.24 9.21
N LYS A 72 -2.34 -8.27 9.99
CA LYS A 72 -2.60 -8.11 11.42
C LYS A 72 -1.27 -7.97 12.16
N PHE A 73 -0.38 -8.91 11.88
CA PHE A 73 0.94 -8.91 12.51
C PHE A 73 1.86 -9.94 11.85
N GLU A 74 1.81 -9.96 10.53
CA GLU A 74 2.64 -10.88 9.77
C GLU A 74 3.71 -10.11 8.98
N ASP A 75 4.91 -10.12 9.53
CA ASP A 75 6.03 -9.43 8.90
C ASP A 75 7.34 -10.12 9.27
N GLU A 76 7.64 -11.17 8.52
CA GLU A 76 8.86 -11.94 8.76
C GLU A 76 9.85 -11.73 7.62
N GLU A 77 9.33 -11.20 6.52
CA GLU A 77 10.15 -10.95 5.34
C GLU A 77 11.03 -9.71 5.57
N ALA A 78 12.31 -9.97 5.77
CA ALA A 78 13.26 -8.89 5.99
C ALA A 78 13.60 -8.23 4.65
N GLN A 79 14.42 -7.20 4.73
CA GLN A 79 14.83 -6.47 3.54
C GLN A 79 13.64 -5.71 2.94
N ALA A 80 13.68 -4.40 3.10
CA ALA A 80 12.62 -3.55 2.59
C ALA A 80 11.28 -4.03 3.15
N VAL A 81 10.90 -3.47 4.29
CA VAL A 81 9.65 -3.83 4.93
C VAL A 81 9.42 -2.92 6.12
N TYR A 82 10.49 -2.66 6.86
CA TYR A 82 10.42 -1.80 8.03
C TYR A 82 11.77 -1.16 8.33
N SER A 83 11.72 0.12 8.65
CA SER A 83 12.93 0.87 8.96
C SER A 83 12.60 2.11 9.79
N GLY A 84 11.61 2.85 9.29
CA GLY A 84 11.18 4.06 9.96
C GLY A 84 11.83 5.30 9.34
N PRO A 85 11.16 6.47 9.55
CA PRO A 85 11.66 7.72 9.01
C PRO A 85 12.86 8.22 9.82
N SER A 86 14.03 8.12 9.20
CA SER A 86 15.25 8.55 9.85
C SER A 86 15.75 9.86 9.22
N SER A 87 16.32 10.71 10.05
CA SER A 87 16.83 11.99 9.60
C SER A 87 15.69 12.83 9.01
N GLY A 88 15.15 13.69 9.84
CA GLY A 88 14.05 14.56 9.42
C GLY A 88 13.14 14.90 10.60
N GLY A 1 11.14 -8.12 -18.98
CA GLY A 1 10.45 -6.97 -18.43
C GLY A 1 9.67 -6.23 -19.51
N SER A 2 8.90 -5.24 -19.08
CA SER A 2 8.09 -4.46 -19.99
C SER A 2 8.95 -3.37 -20.64
N SER A 3 9.57 -2.56 -19.79
CA SER A 3 10.42 -1.48 -20.28
C SER A 3 9.59 -0.47 -21.07
N GLY A 4 9.41 0.69 -20.46
CA GLY A 4 8.65 1.76 -21.10
C GLY A 4 9.12 3.13 -20.63
N SER A 5 9.37 3.99 -21.62
CA SER A 5 9.82 5.35 -21.32
C SER A 5 8.64 6.23 -20.92
N SER A 6 8.86 7.02 -19.89
CA SER A 6 7.82 7.92 -19.40
C SER A 6 6.61 7.11 -18.94
N GLY A 7 5.95 7.63 -17.91
CA GLY A 7 4.77 6.97 -17.36
C GLY A 7 4.26 7.70 -16.13
N ASP A 8 3.77 8.91 -16.35
CA ASP A 8 3.24 9.72 -15.27
C ASP A 8 2.13 8.95 -14.54
N SER A 9 1.93 9.31 -13.29
CA SER A 9 0.91 8.66 -12.49
C SER A 9 -0.43 8.66 -13.22
N LYS A 10 -1.33 7.80 -12.77
CA LYS A 10 -2.64 7.69 -13.38
C LYS A 10 -3.64 7.16 -12.34
N PRO A 11 -4.92 7.10 -12.77
CA PRO A 11 -5.98 6.62 -11.89
C PRO A 11 -5.92 5.09 -11.76
N ILE A 12 -5.70 4.64 -10.53
CA ILE A 12 -5.62 3.22 -10.26
C ILE A 12 -6.71 2.84 -9.26
N LYS A 13 -7.07 1.56 -9.28
CA LYS A 13 -8.10 1.06 -8.40
C LYS A 13 -7.46 0.14 -7.36
N VAL A 14 -7.91 0.30 -6.11
CA VAL A 14 -7.39 -0.51 -5.02
C VAL A 14 -8.55 -1.04 -4.19
N THR A 15 -8.65 -2.37 -4.15
CA THR A 15 -9.72 -3.02 -3.40
C THR A 15 -9.28 -3.25 -1.95
N LEU A 16 -10.25 -3.18 -1.05
CA LEU A 16 -9.98 -3.38 0.36
C LEU A 16 -9.97 -4.88 0.66
N PRO A 17 -9.39 -5.23 1.84
CA PRO A 17 -9.31 -6.62 2.26
C PRO A 17 -10.66 -7.11 2.76
N ASP A 18 -11.65 -6.23 2.69
CA ASP A 18 -12.99 -6.56 3.13
C ASP A 18 -13.89 -6.73 1.91
N GLY A 19 -13.38 -6.29 0.77
CA GLY A 19 -14.13 -6.40 -0.47
C GLY A 19 -14.38 -5.01 -1.07
N LYS A 20 -14.52 -4.04 -0.19
CA LYS A 20 -14.76 -2.67 -0.61
C LYS A 20 -13.76 -2.29 -1.71
N GLN A 21 -14.04 -1.17 -2.35
CA GLN A 21 -13.16 -0.69 -3.42
C GLN A 21 -12.90 0.81 -3.25
N VAL A 22 -11.65 1.19 -3.45
CA VAL A 22 -11.26 2.58 -3.32
C VAL A 22 -10.49 3.00 -4.58
N ASP A 23 -10.36 4.31 -4.74
CA ASP A 23 -9.65 4.85 -5.88
C ASP A 23 -8.29 5.37 -5.43
N ALA A 24 -7.28 5.07 -6.24
CA ALA A 24 -5.92 5.50 -5.94
C ALA A 24 -5.22 5.92 -7.24
N GLU A 25 -4.00 6.40 -7.08
CA GLU A 25 -3.21 6.83 -8.22
C GLU A 25 -1.80 6.24 -8.15
N SER A 26 -1.35 5.74 -9.29
CA SER A 26 -0.03 5.15 -9.38
C SER A 26 1.03 6.17 -8.95
N TRP A 27 1.91 5.74 -8.06
CA TRP A 27 2.97 6.60 -7.57
C TRP A 27 2.33 7.87 -7.04
N LYS A 28 1.20 7.69 -6.36
CA LYS A 28 0.49 8.82 -5.79
C LYS A 28 -0.04 8.44 -4.40
N THR A 29 -0.92 7.46 -4.38
CA THR A 29 -1.50 6.99 -3.14
C THR A 29 -0.82 5.69 -2.68
N THR A 30 -0.80 5.50 -1.37
CA THR A 30 -0.18 4.31 -0.81
C THR A 30 -1.21 3.52 0.02
N PRO A 31 -0.76 2.34 0.52
CA PRO A 31 -1.63 1.50 1.32
C PRO A 31 -1.81 2.07 2.73
N TYR A 32 -0.87 2.93 3.11
CA TYR A 32 -0.92 3.55 4.42
C TYR A 32 -2.02 4.60 4.49
N GLN A 33 -2.14 5.37 3.41
CA GLN A 33 -3.15 6.41 3.35
C GLN A 33 -4.54 5.80 3.25
N ILE A 34 -4.71 4.92 2.27
CA ILE A 34 -5.97 4.26 2.06
C ILE A 34 -6.59 3.89 3.41
N ALA A 35 -5.86 3.06 4.15
CA ALA A 35 -6.31 2.62 5.45
C ALA A 35 -6.81 3.83 6.25
N CYS A 36 -5.87 4.69 6.61
CA CYS A 36 -6.19 5.88 7.36
C CYS A 36 -7.45 6.51 6.76
N GLY A 37 -7.42 6.69 5.45
CA GLY A 37 -8.54 7.27 4.74
C GLY A 37 -9.87 6.80 5.34
N ILE A 38 -10.06 5.49 5.30
CA ILE A 38 -11.28 4.90 5.84
C ILE A 38 -11.61 5.55 7.17
N SER A 39 -10.97 5.06 8.23
CA SER A 39 -11.18 5.58 9.56
C SER A 39 -9.87 5.55 10.36
N GLN A 40 -9.57 6.68 10.97
CA GLN A 40 -8.35 6.79 11.77
C GLN A 40 -8.31 5.68 12.82
N GLY A 41 -7.42 4.73 12.58
CA GLY A 41 -7.26 3.61 13.49
C GLY A 41 -6.85 2.34 12.75
N LEU A 42 -7.51 2.11 11.62
CA LEU A 42 -7.21 0.94 10.80
C LEU A 42 -5.71 0.88 10.52
N ALA A 43 -5.17 2.02 10.11
CA ALA A 43 -3.75 2.11 9.82
C ALA A 43 -2.94 1.78 11.08
N ASP A 44 -3.59 2.01 12.22
CA ASP A 44 -2.94 1.75 13.49
C ASP A 44 -2.62 0.26 13.61
N ASN A 45 -3.59 -0.55 13.25
CA ASN A 45 -3.43 -2.00 13.30
C ASN A 45 -2.97 -2.50 11.93
N THR A 46 -1.69 -2.27 11.65
CA THR A 46 -1.11 -2.69 10.39
C THR A 46 0.37 -3.04 10.57
N VAL A 47 0.77 -4.13 9.94
CA VAL A 47 2.16 -4.59 10.02
C VAL A 47 2.79 -4.51 8.64
N ILE A 48 2.07 -5.03 7.66
CA ILE A 48 2.56 -5.02 6.29
C ILE A 48 1.36 -5.00 5.33
N ALA A 49 1.45 -4.12 4.35
CA ALA A 49 0.39 -3.99 3.36
C ALA A 49 0.76 -4.77 2.10
N LYS A 50 -0.19 -5.55 1.62
CA LYS A 50 0.02 -6.35 0.44
C LYS A 50 -0.57 -5.64 -0.78
N VAL A 51 0.12 -5.78 -1.90
CA VAL A 51 -0.33 -5.15 -3.14
C VAL A 51 -0.31 -6.18 -4.26
N ASN A 52 -1.47 -6.75 -4.54
CA ASN A 52 -1.60 -7.74 -5.59
C ASN A 52 -1.19 -9.11 -5.04
N ASN A 53 -1.29 -9.23 -3.72
CA ASN A 53 -0.93 -10.48 -3.06
C ASN A 53 0.58 -10.53 -2.87
N VAL A 54 1.19 -9.36 -2.90
CA VAL A 54 2.64 -9.27 -2.73
C VAL A 54 2.94 -8.20 -1.69
N VAL A 55 3.84 -8.55 -0.77
CA VAL A 55 4.24 -7.63 0.28
C VAL A 55 4.50 -6.25 -0.32
N TRP A 56 3.94 -5.24 0.32
CA TRP A 56 4.11 -3.87 -0.14
C TRP A 56 4.36 -2.99 1.08
N ASP A 57 5.13 -1.92 0.86
CA ASP A 57 5.45 -1.00 1.93
C ASP A 57 4.31 0.01 2.08
N LEU A 58 4.24 0.61 3.27
CA LEU A 58 3.22 1.59 3.54
C LEU A 58 3.67 2.96 3.01
N ASP A 59 4.98 3.15 3.00
CA ASP A 59 5.54 4.40 2.52
C ASP A 59 5.66 4.35 0.99
N ARG A 60 5.55 3.14 0.46
CA ARG A 60 5.64 2.94 -0.97
C ARG A 60 4.24 2.98 -1.60
N PRO A 61 4.06 3.90 -2.58
CA PRO A 61 2.79 4.04 -3.26
C PRO A 61 2.58 2.89 -4.26
N LEU A 62 1.32 2.52 -4.41
CA LEU A 62 0.96 1.45 -5.33
C LEU A 62 1.56 1.75 -6.71
N GLU A 63 1.41 0.77 -7.60
CA GLU A 63 1.92 0.92 -8.95
C GLU A 63 0.77 1.05 -9.95
N GLU A 64 -0.29 0.28 -9.68
CA GLU A 64 -1.46 0.30 -10.54
C GLU A 64 -2.59 -0.49 -9.90
N ASP A 65 -3.61 -0.76 -10.71
CA ASP A 65 -4.77 -1.51 -10.25
C ASP A 65 -4.29 -2.79 -9.56
N CYS A 66 -4.45 -2.81 -8.24
CA CYS A 66 -4.05 -3.96 -7.46
C CYS A 66 -4.92 -4.03 -6.20
N THR A 67 -4.66 -5.03 -5.39
CA THR A 67 -5.42 -5.22 -4.16
C THR A 67 -4.67 -4.64 -2.97
N LEU A 68 -5.33 -4.63 -1.83
CA LEU A 68 -4.74 -4.11 -0.61
C LEU A 68 -5.18 -4.97 0.58
N GLU A 69 -4.19 -5.46 1.31
CA GLU A 69 -4.46 -6.28 2.47
C GLU A 69 -3.51 -5.92 3.62
N LEU A 70 -4.11 -5.52 4.73
CA LEU A 70 -3.33 -5.14 5.90
C LEU A 70 -3.00 -6.39 6.71
N LEU A 71 -1.72 -6.50 7.07
CA LEU A 71 -1.26 -7.63 7.84
C LEU A 71 -1.20 -7.25 9.32
N LYS A 72 -1.31 -8.27 10.16
CA LYS A 72 -1.26 -8.05 11.60
C LYS A 72 0.16 -8.30 12.10
N PHE A 73 0.82 -9.26 11.47
CA PHE A 73 2.18 -9.60 11.85
C PHE A 73 2.82 -10.54 10.81
N GLU A 74 4.09 -10.28 10.53
CA GLU A 74 4.81 -11.08 9.56
C GLU A 74 5.94 -11.85 10.25
N ASP A 75 6.51 -12.80 9.53
CA ASP A 75 7.59 -13.61 10.07
C ASP A 75 8.86 -13.33 9.26
N GLU A 76 9.68 -12.42 9.79
CA GLU A 76 10.92 -12.07 9.15
C GLU A 76 11.98 -11.72 10.20
N GLU A 77 13.20 -11.51 9.71
CA GLU A 77 14.31 -11.18 10.59
C GLU A 77 14.17 -9.73 11.07
N ALA A 78 14.01 -8.84 10.11
CA ALA A 78 13.87 -7.42 10.43
C ALA A 78 13.63 -6.64 9.13
N GLN A 79 14.69 -6.52 8.35
CA GLN A 79 14.60 -5.80 7.09
C GLN A 79 13.72 -4.56 7.24
N ALA A 80 14.31 -3.51 7.79
CA ALA A 80 13.59 -2.26 8.00
C ALA A 80 12.35 -2.54 8.85
N VAL A 81 11.21 -2.66 8.18
CA VAL A 81 9.96 -2.91 8.87
C VAL A 81 9.36 -1.59 9.33
N TYR A 82 10.12 -0.52 9.13
CA TYR A 82 9.67 0.81 9.51
C TYR A 82 9.15 0.81 10.95
N SER A 83 8.66 1.97 11.37
CA SER A 83 8.11 2.11 12.71
C SER A 83 9.01 1.37 13.72
N GLY A 84 9.99 2.11 14.23
CA GLY A 84 10.91 1.53 15.20
C GLY A 84 10.24 1.37 16.57
N PRO A 85 10.84 0.47 17.40
CA PRO A 85 10.31 0.21 18.72
C PRO A 85 10.64 1.37 19.68
N SER A 86 9.58 2.07 20.08
CA SER A 86 9.73 3.20 20.98
C SER A 86 8.35 3.77 21.33
N SER A 87 7.86 3.36 22.50
CA SER A 87 6.56 3.82 22.96
C SER A 87 6.43 3.59 24.46
N GLY A 88 6.04 4.64 25.16
CA GLY A 88 5.88 4.58 26.61
C GLY A 88 5.54 5.95 27.19
N GLY A 1 1.00 17.80 -22.26
CA GLY A 1 2.14 17.31 -21.49
C GLY A 1 2.77 16.08 -22.17
N SER A 2 3.71 16.36 -23.06
CA SER A 2 4.39 15.30 -23.77
C SER A 2 3.39 14.49 -24.60
N SER A 3 3.63 14.44 -25.90
CA SER A 3 2.76 13.71 -26.80
C SER A 3 1.30 13.92 -26.41
N GLY A 4 0.73 14.99 -26.95
CA GLY A 4 -0.66 15.32 -26.66
C GLY A 4 -0.83 15.75 -25.20
N SER A 5 -1.03 14.76 -24.35
CA SER A 5 -1.21 15.01 -22.93
C SER A 5 -1.28 13.69 -22.16
N SER A 6 -0.13 13.26 -21.65
CA SER A 6 -0.06 12.03 -20.90
C SER A 6 -0.07 12.32 -19.40
N GLY A 7 0.98 13.00 -18.96
CA GLY A 7 1.10 13.36 -17.56
C GLY A 7 1.77 12.24 -16.76
N ASP A 8 1.96 12.49 -15.47
CA ASP A 8 2.58 11.51 -14.60
C ASP A 8 1.50 10.80 -13.79
N SER A 9 1.86 9.63 -13.27
CA SER A 9 0.93 8.85 -12.48
C SER A 9 -0.34 8.56 -13.28
N LYS A 10 -1.23 7.82 -12.66
CA LYS A 10 -2.49 7.47 -13.30
C LYS A 10 -3.49 6.98 -12.25
N PRO A 11 -4.80 7.08 -12.59
CA PRO A 11 -5.84 6.65 -11.70
C PRO A 11 -5.94 5.13 -11.62
N ILE A 12 -5.53 4.60 -10.49
CA ILE A 12 -5.56 3.16 -10.28
C ILE A 12 -6.73 2.80 -9.35
N LYS A 13 -7.03 1.51 -9.30
CA LYS A 13 -8.11 1.03 -8.47
C LYS A 13 -7.55 0.08 -7.40
N VAL A 14 -7.95 0.33 -6.16
CA VAL A 14 -7.49 -0.47 -5.05
C VAL A 14 -8.70 -1.02 -4.30
N THR A 15 -8.76 -2.34 -4.19
CA THR A 15 -9.86 -3.00 -3.50
C THR A 15 -9.47 -3.28 -2.05
N LEU A 16 -10.36 -2.89 -1.15
CA LEU A 16 -10.13 -3.09 0.27
C LEU A 16 -10.13 -4.59 0.57
N PRO A 17 -9.53 -4.94 1.74
CA PRO A 17 -9.47 -6.33 2.17
C PRO A 17 -10.82 -6.82 2.67
N ASP A 18 -11.80 -5.93 2.60
CA ASP A 18 -13.14 -6.26 3.04
C ASP A 18 -14.03 -6.50 1.82
N GLY A 19 -13.52 -6.13 0.66
CA GLY A 19 -14.25 -6.30 -0.58
C GLY A 19 -14.54 -4.95 -1.23
N LYS A 20 -14.72 -3.95 -0.40
CA LYS A 20 -15.01 -2.61 -0.88
C LYS A 20 -13.92 -2.18 -1.87
N GLN A 21 -14.24 -1.18 -2.68
CA GLN A 21 -13.30 -0.68 -3.66
C GLN A 21 -13.05 0.81 -3.43
N VAL A 22 -11.85 1.24 -3.81
CA VAL A 22 -11.46 2.63 -3.64
C VAL A 22 -10.65 3.08 -4.87
N ASP A 23 -10.52 4.39 -5.00
CA ASP A 23 -9.78 4.95 -6.11
C ASP A 23 -8.41 5.44 -5.61
N ALA A 24 -7.38 5.06 -6.36
CA ALA A 24 -6.02 5.45 -6.01
C ALA A 24 -5.29 5.92 -7.26
N GLU A 25 -4.06 6.37 -7.06
CA GLU A 25 -3.24 6.85 -8.16
C GLU A 25 -1.82 6.29 -8.05
N SER A 26 -1.31 5.81 -9.18
CA SER A 26 0.03 5.25 -9.22
C SER A 26 1.04 6.31 -8.79
N TRP A 27 1.93 5.90 -7.90
CA TRP A 27 2.97 6.80 -7.40
C TRP A 27 2.28 8.05 -6.86
N LYS A 28 1.11 7.84 -6.26
CA LYS A 28 0.34 8.93 -5.71
C LYS A 28 -0.18 8.53 -4.32
N THR A 29 -0.99 7.48 -4.32
CA THR A 29 -1.56 6.98 -3.08
C THR A 29 -0.83 5.72 -2.62
N THR A 30 -0.88 5.48 -1.32
CA THR A 30 -0.24 4.31 -0.75
C THR A 30 -1.25 3.48 0.06
N PRO A 31 -0.77 2.30 0.53
CA PRO A 31 -1.61 1.41 1.31
C PRO A 31 -1.81 1.95 2.73
N TYR A 32 -0.91 2.83 3.12
CA TYR A 32 -0.97 3.42 4.46
C TYR A 32 -2.10 4.46 4.54
N GLN A 33 -2.27 5.18 3.45
CA GLN A 33 -3.30 6.21 3.39
C GLN A 33 -4.68 5.56 3.27
N ILE A 34 -4.82 4.70 2.27
CA ILE A 34 -6.08 4.01 2.03
C ILE A 34 -6.68 3.60 3.38
N ALA A 35 -5.92 2.80 4.11
CA ALA A 35 -6.36 2.32 5.41
C ALA A 35 -6.89 3.51 6.22
N CYS A 36 -6.03 4.47 6.44
CA CYS A 36 -6.39 5.66 7.20
C CYS A 36 -7.79 6.09 6.76
N GLY A 37 -7.99 6.12 5.45
CA GLY A 37 -9.27 6.51 4.90
C GLY A 37 -10.42 5.83 5.63
N ILE A 38 -10.35 4.50 5.69
CA ILE A 38 -11.38 3.73 6.37
C ILE A 38 -11.78 4.44 7.66
N SER A 39 -10.87 4.40 8.63
CA SER A 39 -11.12 5.03 9.91
C SER A 39 -9.80 5.24 10.65
N GLN A 40 -9.53 6.51 10.97
CA GLN A 40 -8.30 6.85 11.68
C GLN A 40 -8.05 5.86 12.82
N GLY A 41 -7.05 5.02 12.61
CA GLY A 41 -6.70 4.02 13.61
C GLY A 41 -6.21 2.73 12.95
N LEU A 42 -6.87 2.38 11.85
CA LEU A 42 -6.52 1.18 11.12
C LEU A 42 -5.08 1.31 10.60
N ALA A 43 -4.82 2.40 9.92
CA ALA A 43 -3.51 2.66 9.36
C ALA A 43 -2.46 2.54 10.48
N ASP A 44 -2.84 3.02 11.65
CA ASP A 44 -1.95 2.97 12.80
C ASP A 44 -1.79 1.52 13.25
N ASN A 45 -2.85 0.75 13.03
CA ASN A 45 -2.84 -0.65 13.41
C ASN A 45 -2.62 -1.51 12.17
N THR A 46 -1.41 -1.44 11.63
CA THR A 46 -1.07 -2.21 10.45
C THR A 46 0.34 -2.79 10.58
N VAL A 47 0.50 -3.97 9.98
CA VAL A 47 1.79 -4.65 10.03
C VAL A 47 2.46 -4.55 8.66
N ILE A 48 1.84 -5.18 7.68
CA ILE A 48 2.36 -5.17 6.33
C ILE A 48 1.20 -5.22 5.33
N ALA A 49 1.20 -4.26 4.41
CA ALA A 49 0.16 -4.19 3.41
C ALA A 49 0.60 -4.95 2.16
N LYS A 50 -0.32 -5.73 1.62
CA LYS A 50 -0.05 -6.51 0.43
C LYS A 50 -0.58 -5.78 -0.80
N VAL A 51 0.16 -5.90 -1.89
CA VAL A 51 -0.24 -5.26 -3.13
C VAL A 51 -0.20 -6.28 -4.27
N ASN A 52 -1.37 -6.82 -4.58
CA ASN A 52 -1.47 -7.81 -5.64
C ASN A 52 -1.07 -9.18 -5.09
N ASN A 53 -1.21 -9.33 -3.78
CA ASN A 53 -0.85 -10.58 -3.12
C ASN A 53 0.66 -10.62 -2.88
N VAL A 54 1.26 -9.44 -2.93
CA VAL A 54 2.69 -9.32 -2.72
C VAL A 54 2.96 -8.25 -1.66
N VAL A 55 3.82 -8.59 -0.71
CA VAL A 55 4.17 -7.67 0.35
C VAL A 55 4.47 -6.29 -0.24
N TRP A 56 3.94 -5.27 0.40
CA TRP A 56 4.15 -3.91 -0.06
C TRP A 56 4.43 -3.03 1.17
N ASP A 57 5.12 -1.93 0.93
CA ASP A 57 5.46 -1.01 1.99
C ASP A 57 4.36 0.03 2.14
N LEU A 58 4.20 0.52 3.36
CA LEU A 58 3.18 1.51 3.65
C LEU A 58 3.68 2.89 3.21
N ASP A 59 5.00 3.04 3.24
CA ASP A 59 5.62 4.30 2.85
C ASP A 59 5.82 4.31 1.33
N ARG A 60 5.46 3.19 0.71
CA ARG A 60 5.60 3.06 -0.74
C ARG A 60 4.23 3.07 -1.41
N PRO A 61 4.07 3.99 -2.39
CA PRO A 61 2.81 4.11 -3.11
C PRO A 61 2.65 2.96 -4.12
N LEU A 62 1.40 2.56 -4.32
CA LEU A 62 1.10 1.49 -5.24
C LEU A 62 1.70 1.81 -6.61
N GLU A 63 1.60 0.84 -7.51
CA GLU A 63 2.13 1.01 -8.86
C GLU A 63 0.98 1.06 -9.87
N GLU A 64 -0.02 0.22 -9.63
CA GLU A 64 -1.17 0.15 -10.52
C GLU A 64 -2.31 -0.62 -9.85
N ASP A 65 -3.46 -0.61 -10.51
CA ASP A 65 -4.62 -1.30 -9.99
C ASP A 65 -4.20 -2.64 -9.39
N CYS A 66 -4.35 -2.74 -8.08
CA CYS A 66 -3.98 -3.96 -7.38
C CYS A 66 -4.87 -4.09 -6.14
N THR A 67 -4.71 -5.20 -5.45
CA THR A 67 -5.50 -5.46 -4.25
C THR A 67 -4.72 -5.04 -3.00
N LEU A 68 -5.46 -4.53 -2.03
CA LEU A 68 -4.85 -4.08 -0.79
C LEU A 68 -5.28 -5.00 0.35
N GLU A 69 -4.30 -5.42 1.14
CA GLU A 69 -4.57 -6.31 2.26
C GLU A 69 -3.59 -6.02 3.40
N LEU A 70 -4.17 -5.78 4.58
CA LEU A 70 -3.37 -5.48 5.75
C LEU A 70 -3.17 -6.77 6.57
N LEU A 71 -1.92 -7.15 6.72
CA LEU A 71 -1.58 -8.35 7.47
C LEU A 71 -1.68 -8.06 8.97
N LYS A 72 -1.93 -9.13 9.72
CA LYS A 72 -2.06 -9.00 11.16
C LYS A 72 -0.81 -9.56 11.83
N PHE A 73 -0.20 -8.74 12.67
CA PHE A 73 1.01 -9.14 13.38
C PHE A 73 1.83 -10.13 12.55
N GLU A 74 2.01 -9.78 11.29
CA GLU A 74 2.77 -10.62 10.37
C GLU A 74 3.96 -11.25 11.10
N ASP A 75 4.15 -12.54 10.86
CA ASP A 75 5.24 -13.26 11.48
C ASP A 75 6.17 -13.82 10.39
N GLU A 76 6.14 -13.16 9.24
CA GLU A 76 6.96 -13.56 8.12
C GLU A 76 8.43 -13.19 8.38
N GLU A 77 8.64 -11.92 8.66
CA GLU A 77 9.97 -11.42 8.92
C GLU A 77 9.96 -10.45 10.11
N ALA A 78 11.09 -9.77 10.29
CA ALA A 78 11.22 -8.82 11.38
C ALA A 78 11.98 -7.59 10.88
N GLN A 79 13.12 -7.86 10.25
CA GLN A 79 13.95 -6.79 9.73
C GLN A 79 13.11 -5.84 8.86
N ALA A 80 12.40 -6.43 7.91
CA ALA A 80 11.56 -5.65 7.02
C ALA A 80 10.10 -5.80 7.44
N VAL A 81 9.65 -4.85 8.25
CA VAL A 81 8.29 -4.85 8.73
C VAL A 81 7.85 -3.42 9.04
N TYR A 82 8.69 -2.73 9.82
CA TYR A 82 8.40 -1.36 10.19
C TYR A 82 9.30 -0.39 9.42
N SER A 83 8.71 0.75 9.07
CA SER A 83 9.44 1.77 8.33
C SER A 83 9.05 3.16 8.84
N GLY A 84 9.71 3.56 9.92
CA GLY A 84 9.45 4.86 10.51
C GLY A 84 10.05 5.98 9.67
N PRO A 85 9.49 7.21 9.85
CA PRO A 85 9.96 8.36 9.11
C PRO A 85 11.30 8.86 9.68
N SER A 86 12.20 9.20 8.77
CA SER A 86 13.51 9.68 9.18
C SER A 86 14.01 10.71 8.15
N SER A 87 14.31 11.90 8.65
CA SER A 87 14.80 12.97 7.81
C SER A 87 15.49 14.05 8.66
N GLY A 88 16.81 14.06 8.58
CA GLY A 88 17.59 15.02 9.33
C GLY A 88 18.82 15.46 8.54
N GLY A 1 -3.20 1.66 -26.45
CA GLY A 1 -1.92 1.41 -25.81
C GLY A 1 -0.80 2.17 -26.52
N SER A 2 0.18 2.58 -25.74
CA SER A 2 1.31 3.31 -26.29
C SER A 2 2.56 3.05 -25.45
N SER A 3 3.71 3.39 -26.02
CA SER A 3 4.98 3.18 -25.34
C SER A 3 5.66 4.54 -25.12
N GLY A 4 5.91 4.84 -23.86
CA GLY A 4 6.56 6.09 -23.49
C GLY A 4 7.53 5.89 -22.34
N SER A 5 8.45 6.84 -22.21
CA SER A 5 9.45 6.78 -21.16
C SER A 5 8.88 7.38 -19.87
N SER A 6 8.55 8.67 -19.96
CA SER A 6 7.99 9.37 -18.81
C SER A 6 6.55 8.94 -18.58
N GLY A 7 6.35 8.25 -17.45
CA GLY A 7 5.03 7.78 -17.09
C GLY A 7 4.59 8.35 -15.75
N ASP A 8 3.85 9.46 -15.84
CA ASP A 8 3.35 10.11 -14.64
C ASP A 8 2.25 9.26 -14.01
N SER A 9 1.98 9.54 -12.74
CA SER A 9 0.95 8.81 -12.02
C SER A 9 -0.33 8.75 -12.85
N LYS A 10 -1.22 7.85 -12.44
CA LYS A 10 -2.48 7.67 -13.14
C LYS A 10 -3.52 7.11 -12.16
N PRO A 11 -4.78 7.01 -12.67
CA PRO A 11 -5.87 6.49 -11.86
C PRO A 11 -5.77 4.97 -11.71
N ILE A 12 -5.58 4.54 -10.48
CA ILE A 12 -5.47 3.12 -10.19
C ILE A 12 -6.62 2.70 -9.28
N LYS A 13 -6.97 1.42 -9.37
CA LYS A 13 -8.04 0.87 -8.57
C LYS A 13 -7.47 -0.08 -7.52
N VAL A 14 -7.86 0.15 -6.28
CA VAL A 14 -7.39 -0.67 -5.18
C VAL A 14 -8.58 -1.27 -4.44
N THR A 15 -8.73 -2.58 -4.56
CA THR A 15 -9.82 -3.28 -3.91
C THR A 15 -9.44 -3.64 -2.47
N LEU A 16 -10.29 -3.21 -1.56
CA LEU A 16 -10.05 -3.47 -0.14
C LEU A 16 -10.12 -4.98 0.10
N PRO A 17 -9.54 -5.41 1.26
CA PRO A 17 -9.53 -6.81 1.61
C PRO A 17 -10.91 -7.26 2.10
N ASP A 18 -11.85 -6.34 2.05
CA ASP A 18 -13.20 -6.63 2.48
C ASP A 18 -14.10 -6.83 1.25
N GLY A 19 -13.52 -6.51 0.10
CA GLY A 19 -14.25 -6.65 -1.16
C GLY A 19 -14.55 -5.28 -1.77
N LYS A 20 -14.74 -4.31 -0.89
CA LYS A 20 -15.04 -2.95 -1.34
C LYS A 20 -13.90 -2.45 -2.22
N GLN A 21 -14.23 -1.51 -3.08
CA GLN A 21 -13.24 -0.93 -3.99
C GLN A 21 -12.97 0.53 -3.60
N VAL A 22 -11.80 1.00 -4.01
CA VAL A 22 -11.41 2.37 -3.73
C VAL A 22 -10.65 2.94 -4.94
N ASP A 23 -10.60 4.26 -4.99
CA ASP A 23 -9.91 4.94 -6.07
C ASP A 23 -8.56 5.46 -5.57
N ALA A 24 -7.51 5.04 -6.27
CA ALA A 24 -6.17 5.45 -5.91
C ALA A 24 -5.41 5.87 -7.17
N GLU A 25 -4.22 6.41 -6.96
CA GLU A 25 -3.39 6.86 -8.07
C GLU A 25 -1.97 6.32 -7.92
N SER A 26 -1.42 5.84 -9.03
CA SER A 26 -0.07 5.31 -9.03
C SER A 26 0.91 6.36 -8.52
N TRP A 27 1.89 5.89 -7.78
CA TRP A 27 2.91 6.79 -7.23
C TRP A 27 2.21 8.04 -6.72
N LYS A 28 1.11 7.82 -6.01
CA LYS A 28 0.34 8.93 -5.47
C LYS A 28 -0.22 8.52 -4.10
N THR A 29 -1.11 7.54 -4.13
CA THR A 29 -1.73 7.06 -2.90
C THR A 29 -1.07 5.75 -2.45
N THR A 30 -1.03 5.56 -1.15
CA THR A 30 -0.44 4.36 -0.58
C THR A 30 -1.48 3.57 0.22
N PRO A 31 -1.05 2.37 0.69
CA PRO A 31 -1.94 1.51 1.46
C PRO A 31 -2.12 2.05 2.88
N TYR A 32 -1.18 2.89 3.28
CA TYR A 32 -1.23 3.47 4.61
C TYR A 32 -2.31 4.55 4.70
N GLN A 33 -2.51 5.25 3.58
CA GLN A 33 -3.51 6.29 3.53
C GLN A 33 -4.91 5.70 3.37
N ILE A 34 -5.04 4.85 2.37
CA ILE A 34 -6.32 4.20 2.11
C ILE A 34 -6.96 3.80 3.43
N ALA A 35 -6.19 3.09 4.25
CA ALA A 35 -6.67 2.64 5.55
C ALA A 35 -7.05 3.86 6.38
N CYS A 36 -6.08 4.73 6.60
CA CYS A 36 -6.31 5.93 7.39
C CYS A 36 -7.64 6.54 6.95
N GLY A 37 -7.79 6.71 5.65
CA GLY A 37 -9.00 7.28 5.10
C GLY A 37 -10.24 6.65 5.74
N ILE A 38 -10.21 5.32 5.83
CA ILE A 38 -11.32 4.60 6.43
C ILE A 38 -11.39 4.91 7.92
N SER A 39 -10.73 4.06 8.70
CA SER A 39 -10.71 4.22 10.14
C SER A 39 -9.55 5.13 10.55
N GLN A 40 -9.79 5.93 11.57
CA GLN A 40 -8.78 6.85 12.07
C GLN A 40 -7.76 6.09 12.92
N GLY A 41 -6.50 6.26 12.55
CA GLY A 41 -5.42 5.60 13.28
C GLY A 41 -5.39 4.10 12.98
N LEU A 42 -5.96 3.75 11.84
CA LEU A 42 -6.01 2.35 11.43
C LEU A 42 -4.62 1.92 10.92
N ALA A 43 -4.14 2.67 9.94
CA ALA A 43 -2.83 2.37 9.36
C ALA A 43 -1.82 2.17 10.48
N ASP A 44 -1.90 3.04 11.48
CA ASP A 44 -0.99 2.97 12.61
C ASP A 44 -0.96 1.54 13.14
N ASN A 45 -2.09 0.86 13.02
CA ASN A 45 -2.21 -0.51 13.48
C ASN A 45 -2.25 -1.45 12.26
N THR A 46 -1.14 -1.48 11.56
CA THR A 46 -1.03 -2.33 10.38
C THR A 46 0.35 -2.99 10.32
N VAL A 47 0.34 -4.30 10.18
CA VAL A 47 1.58 -5.06 10.10
C VAL A 47 2.25 -4.82 8.75
N ILE A 48 1.65 -5.41 7.72
CA ILE A 48 2.17 -5.26 6.37
C ILE A 48 1.01 -5.33 5.37
N ALA A 49 1.02 -4.37 4.45
CA ALA A 49 -0.02 -4.31 3.43
C ALA A 49 0.46 -5.05 2.18
N LYS A 50 -0.45 -5.83 1.61
CA LYS A 50 -0.13 -6.59 0.42
C LYS A 50 -0.68 -5.85 -0.81
N VAL A 51 0.09 -5.90 -1.88
CA VAL A 51 -0.30 -5.25 -3.12
C VAL A 51 -0.18 -6.24 -4.28
N ASN A 52 -1.32 -6.81 -4.65
CA ASN A 52 -1.35 -7.77 -5.74
C ASN A 52 -0.94 -9.14 -5.21
N ASN A 53 -1.11 -9.32 -3.91
CA ASN A 53 -0.76 -10.58 -3.27
C ASN A 53 0.74 -10.60 -2.99
N VAL A 54 1.32 -9.41 -2.95
CA VAL A 54 2.74 -9.28 -2.68
C VAL A 54 2.96 -8.23 -1.59
N VAL A 55 3.82 -8.57 -0.65
CA VAL A 55 4.14 -7.67 0.45
C VAL A 55 4.43 -6.27 -0.11
N TRP A 56 3.74 -5.29 0.46
CA TRP A 56 3.92 -3.91 0.03
C TRP A 56 4.16 -3.06 1.28
N ASP A 57 4.93 -1.99 1.08
CA ASP A 57 5.24 -1.09 2.17
C ASP A 57 4.13 -0.04 2.30
N LEU A 58 3.91 0.41 3.53
CA LEU A 58 2.89 1.40 3.79
C LEU A 58 3.41 2.78 3.36
N ASP A 59 4.73 2.92 3.37
CA ASP A 59 5.34 4.17 2.99
C ASP A 59 5.57 4.18 1.47
N ARG A 60 5.25 3.05 0.86
CA ARG A 60 5.41 2.92 -0.58
C ARG A 60 4.05 2.97 -1.27
N PRO A 61 3.94 3.91 -2.24
CA PRO A 61 2.70 4.08 -3.00
C PRO A 61 2.52 2.95 -4.02
N LEU A 62 1.26 2.60 -4.23
CA LEU A 62 0.93 1.54 -5.18
C LEU A 62 1.59 1.86 -6.53
N GLU A 63 1.50 0.89 -7.43
CA GLU A 63 2.08 1.04 -8.75
C GLU A 63 0.97 1.12 -9.80
N GLU A 64 -0.06 0.31 -9.59
CA GLU A 64 -1.18 0.27 -10.51
C GLU A 64 -2.34 -0.52 -9.91
N ASP A 65 -3.38 -0.70 -10.70
CA ASP A 65 -4.55 -1.44 -10.26
C ASP A 65 -4.09 -2.76 -9.62
N CYS A 66 -4.29 -2.84 -8.31
CA CYS A 66 -3.91 -4.03 -7.58
C CYS A 66 -4.83 -4.16 -6.35
N THR A 67 -4.60 -5.22 -5.59
CA THR A 67 -5.40 -5.46 -4.41
C THR A 67 -4.68 -4.91 -3.17
N LEU A 68 -5.43 -4.83 -2.08
CA LEU A 68 -4.88 -4.33 -0.83
C LEU A 68 -5.36 -5.21 0.33
N GLU A 69 -4.39 -5.77 1.05
CA GLU A 69 -4.70 -6.63 2.17
C GLU A 69 -3.81 -6.29 3.37
N LEU A 70 -4.45 -5.87 4.45
CA LEU A 70 -3.73 -5.51 5.66
C LEU A 70 -3.46 -6.76 6.48
N LEU A 71 -2.20 -6.93 6.86
CA LEU A 71 -1.81 -8.08 7.66
C LEU A 71 -1.90 -7.73 9.14
N LYS A 72 -2.42 -8.67 9.90
CA LYS A 72 -2.58 -8.47 11.34
C LYS A 72 -1.55 -9.32 12.08
N PHE A 73 -0.37 -9.44 11.48
CA PHE A 73 0.70 -10.22 12.07
C PHE A 73 1.97 -10.14 11.21
N GLU A 74 3.10 -10.08 11.90
CA GLU A 74 4.38 -10.01 11.22
C GLU A 74 5.18 -11.29 11.45
N ASP A 75 6.24 -11.44 10.66
CA ASP A 75 7.10 -12.61 10.77
C ASP A 75 8.38 -12.37 9.96
N GLU A 76 9.41 -11.95 10.68
CA GLU A 76 10.69 -11.69 10.05
C GLU A 76 11.71 -11.22 11.09
N GLU A 77 12.92 -11.77 10.98
CA GLU A 77 13.98 -11.42 11.90
C GLU A 77 14.54 -10.03 11.57
N ALA A 78 13.83 -9.01 12.02
CA ALA A 78 14.24 -7.64 11.77
C ALA A 78 14.64 -7.49 10.31
N GLN A 79 13.65 -7.20 9.48
CA GLN A 79 13.87 -7.03 8.06
C GLN A 79 12.64 -6.39 7.39
N ALA A 80 12.81 -5.15 6.96
CA ALA A 80 11.74 -4.43 6.32
C ALA A 80 10.59 -4.22 7.31
N VAL A 81 10.69 -3.12 8.05
CA VAL A 81 9.68 -2.80 9.04
C VAL A 81 9.58 -1.28 9.18
N TYR A 82 8.40 -0.83 9.56
CA TYR A 82 8.15 0.60 9.74
C TYR A 82 9.31 1.26 10.49
N SER A 83 9.65 2.46 10.06
CA SER A 83 10.73 3.20 10.68
C SER A 83 12.08 2.60 10.29
N GLY A 84 12.47 2.85 9.04
CA GLY A 84 13.72 2.33 8.53
C GLY A 84 14.91 2.96 9.28
N PRO A 85 15.32 4.17 8.80
CA PRO A 85 16.43 4.88 9.41
C PRO A 85 16.01 5.50 10.74
N SER A 86 14.95 6.29 10.69
CA SER A 86 14.45 6.94 11.89
C SER A 86 15.37 8.12 12.27
N SER A 87 16.56 7.77 12.72
CA SER A 87 17.54 8.78 13.11
C SER A 87 18.92 8.38 12.62
N GLY A 88 19.23 8.80 11.40
CA GLY A 88 20.52 8.50 10.80
C GLY A 88 21.49 9.67 10.98
N GLY A 1 19.23 7.96 -29.09
CA GLY A 1 18.97 8.51 -27.77
C GLY A 1 17.69 9.34 -27.77
N SER A 2 17.01 9.32 -26.62
CA SER A 2 15.78 10.06 -26.48
C SER A 2 15.44 10.23 -25.00
N SER A 3 14.82 11.36 -24.67
CA SER A 3 14.43 11.63 -23.30
C SER A 3 13.36 12.73 -23.28
N GLY A 4 12.65 12.79 -22.16
CA GLY A 4 11.60 13.77 -21.99
C GLY A 4 10.79 13.50 -20.72
N SER A 5 9.48 13.47 -20.89
CA SER A 5 8.59 13.23 -19.76
C SER A 5 8.62 11.74 -19.39
N SER A 6 9.26 11.47 -18.27
CA SER A 6 9.37 10.10 -17.78
C SER A 6 7.99 9.59 -17.35
N GLY A 7 7.16 9.29 -18.34
CA GLY A 7 5.83 8.80 -18.08
C GLY A 7 5.11 9.65 -17.03
N ASP A 8 3.94 9.20 -16.62
CA ASP A 8 3.16 9.91 -15.64
C ASP A 8 2.26 8.91 -14.89
N SER A 9 1.76 9.36 -13.75
CA SER A 9 0.90 8.53 -12.93
C SER A 9 -0.41 8.23 -13.68
N LYS A 10 -1.30 7.55 -12.99
CA LYS A 10 -2.59 7.19 -13.59
C LYS A 10 -3.54 6.75 -12.47
N PRO A 11 -4.87 6.84 -12.79
CA PRO A 11 -5.89 6.45 -11.84
C PRO A 11 -5.98 4.93 -11.72
N ILE A 12 -5.57 4.43 -10.56
CA ILE A 12 -5.60 3.01 -10.30
C ILE A 12 -6.73 2.69 -9.31
N LYS A 13 -7.12 1.42 -9.31
CA LYS A 13 -8.19 0.98 -8.43
C LYS A 13 -7.62 0.01 -7.40
N VAL A 14 -7.83 0.34 -6.13
CA VAL A 14 -7.34 -0.50 -5.05
C VAL A 14 -8.54 -1.03 -4.25
N THR A 15 -8.67 -2.36 -4.27
CA THR A 15 -9.76 -3.00 -3.55
C THR A 15 -9.35 -3.30 -2.11
N LEU A 16 -10.15 -2.81 -1.18
CA LEU A 16 -9.88 -3.01 0.23
C LEU A 16 -9.96 -4.51 0.54
N PRO A 17 -9.35 -4.88 1.71
CA PRO A 17 -9.35 -6.27 2.13
C PRO A 17 -10.72 -6.69 2.68
N ASP A 18 -11.66 -5.75 2.59
CA ASP A 18 -13.01 -6.00 3.07
C ASP A 18 -13.91 -6.29 1.88
N GLY A 19 -13.43 -5.92 0.69
CA GLY A 19 -14.19 -6.13 -0.52
C GLY A 19 -14.48 -4.80 -1.22
N LYS A 20 -14.64 -3.76 -0.41
CA LYS A 20 -14.93 -2.45 -0.93
C LYS A 20 -13.79 -2.01 -1.86
N GLN A 21 -14.12 -1.10 -2.76
CA GLN A 21 -13.13 -0.59 -3.71
C GLN A 21 -12.86 0.88 -3.45
N VAL A 22 -11.66 1.31 -3.83
CA VAL A 22 -11.26 2.69 -3.65
C VAL A 22 -10.56 3.20 -4.91
N ASP A 23 -10.38 4.50 -4.96
CA ASP A 23 -9.73 5.12 -6.11
C ASP A 23 -8.38 5.68 -5.67
N ALA A 24 -7.34 5.28 -6.40
CA ALA A 24 -6.00 5.74 -6.10
C ALA A 24 -5.24 6.00 -7.40
N GLU A 25 -4.01 6.45 -7.26
CA GLU A 25 -3.18 6.73 -8.42
C GLU A 25 -1.79 6.14 -8.24
N SER A 26 -1.24 5.63 -9.34
CA SER A 26 0.08 5.03 -9.32
C SER A 26 1.13 6.09 -8.97
N TRP A 27 1.97 5.74 -8.00
CA TRP A 27 3.01 6.65 -7.57
C TRP A 27 2.35 7.91 -7.04
N LYS A 28 1.20 7.73 -6.43
CA LYS A 28 0.45 8.85 -5.87
C LYS A 28 -0.10 8.47 -4.50
N THR A 29 -1.02 7.51 -4.51
CA THR A 29 -1.62 7.04 -3.28
C THR A 29 -0.96 5.74 -2.82
N THR A 30 -0.85 5.59 -1.51
CA THR A 30 -0.24 4.40 -0.93
C THR A 30 -1.26 3.64 -0.08
N PRO A 31 -0.80 2.48 0.45
CA PRO A 31 -1.67 1.65 1.27
C PRO A 31 -1.83 2.26 2.67
N TYR A 32 -0.88 3.12 3.01
CA TYR A 32 -0.90 3.77 4.32
C TYR A 32 -2.01 4.82 4.39
N GLN A 33 -2.26 5.44 3.25
CA GLN A 33 -3.31 6.47 3.17
C GLN A 33 -4.68 5.81 3.08
N ILE A 34 -4.82 4.92 2.11
CA ILE A 34 -6.07 4.22 1.90
C ILE A 34 -6.65 3.81 3.26
N ALA A 35 -5.81 3.17 4.06
CA ALA A 35 -6.22 2.72 5.38
C ALA A 35 -6.52 3.94 6.26
N CYS A 36 -5.57 4.88 6.26
CA CYS A 36 -5.72 6.08 7.05
C CYS A 36 -7.15 6.60 6.87
N GLY A 37 -7.52 6.83 5.62
CA GLY A 37 -8.84 7.32 5.31
C GLY A 37 -9.89 6.65 6.19
N ILE A 38 -9.92 5.34 6.13
CA ILE A 38 -10.87 4.57 6.92
C ILE A 38 -10.77 4.98 8.38
N SER A 39 -11.76 4.56 9.15
CA SER A 39 -11.79 4.88 10.58
C SER A 39 -10.38 4.80 11.16
N GLN A 40 -10.01 5.85 11.87
CA GLN A 40 -8.70 5.92 12.49
C GLN A 40 -8.45 4.67 13.33
N GLY A 41 -7.36 3.99 13.01
CA GLY A 41 -6.99 2.78 13.73
C GLY A 41 -6.63 1.65 12.76
N LEU A 42 -7.33 1.62 11.65
CA LEU A 42 -7.09 0.61 10.63
C LEU A 42 -5.61 0.63 10.24
N ALA A 43 -5.13 1.84 9.95
CA ALA A 43 -3.74 2.01 9.56
C ALA A 43 -2.83 1.66 10.74
N ASP A 44 -3.24 2.12 11.92
CA ASP A 44 -2.47 1.86 13.13
C ASP A 44 -2.30 0.36 13.30
N ASN A 45 -3.39 -0.36 13.08
CA ASN A 45 -3.37 -1.81 13.20
C ASN A 45 -2.92 -2.43 11.88
N THR A 46 -1.79 -1.94 11.39
CA THR A 46 -1.24 -2.43 10.14
C THR A 46 0.24 -2.76 10.30
N VAL A 47 0.58 -4.01 10.04
CA VAL A 47 1.96 -4.46 10.15
C VAL A 47 2.63 -4.36 8.78
N ILE A 48 1.96 -4.93 7.78
CA ILE A 48 2.48 -4.91 6.43
C ILE A 48 1.31 -4.93 5.44
N ALA A 49 1.35 -3.98 4.51
CA ALA A 49 0.31 -3.89 3.51
C ALA A 49 0.72 -4.68 2.27
N LYS A 50 -0.22 -5.46 1.76
CA LYS A 50 0.03 -6.28 0.58
C LYS A 50 -0.55 -5.57 -0.65
N VAL A 51 0.14 -5.76 -1.76
CA VAL A 51 -0.30 -5.15 -3.01
C VAL A 51 -0.27 -6.20 -4.13
N ASN A 52 -1.45 -6.75 -4.39
CA ASN A 52 -1.58 -7.77 -5.43
C ASN A 52 -1.16 -9.13 -4.85
N ASN A 53 -1.29 -9.24 -3.54
CA ASN A 53 -0.94 -10.48 -2.86
C ASN A 53 0.58 -10.51 -2.63
N VAL A 54 1.18 -9.33 -2.69
CA VAL A 54 2.61 -9.22 -2.49
C VAL A 54 2.90 -8.14 -1.45
N VAL A 55 3.80 -8.47 -0.54
CA VAL A 55 4.17 -7.54 0.52
C VAL A 55 4.50 -6.18 -0.10
N TRP A 56 3.86 -5.15 0.43
CA TRP A 56 4.07 -3.80 -0.05
C TRP A 56 4.39 -2.92 1.16
N ASP A 57 5.08 -1.82 0.88
CA ASP A 57 5.45 -0.89 1.93
C ASP A 57 4.38 0.20 2.04
N LEU A 58 4.18 0.67 3.26
CA LEU A 58 3.19 1.70 3.51
C LEU A 58 3.73 3.05 3.03
N ASP A 59 5.05 3.15 3.02
CA ASP A 59 5.71 4.38 2.59
C ASP A 59 5.94 4.31 1.08
N ARG A 60 5.43 3.25 0.47
CA ARG A 60 5.57 3.06 -0.96
C ARG A 60 4.19 3.07 -1.64
N PRO A 61 4.06 3.96 -2.66
CA PRO A 61 2.82 4.07 -3.39
C PRO A 61 2.62 2.89 -4.33
N LEU A 62 1.37 2.51 -4.52
CA LEU A 62 1.04 1.40 -5.40
C LEU A 62 1.69 1.61 -6.76
N GLU A 63 1.49 0.65 -7.64
CA GLU A 63 2.06 0.72 -8.97
C GLU A 63 0.95 0.75 -10.03
N GLU A 64 -0.10 0.00 -9.75
CA GLU A 64 -1.24 -0.06 -10.65
C GLU A 64 -2.39 -0.85 -10.01
N ASP A 65 -3.48 -0.95 -10.76
CA ASP A 65 -4.65 -1.66 -10.27
C ASP A 65 -4.21 -2.93 -9.54
N CYS A 66 -4.37 -2.92 -8.23
CA CYS A 66 -4.00 -4.05 -7.41
C CYS A 66 -4.89 -4.08 -6.17
N THR A 67 -4.71 -5.11 -5.36
CA THR A 67 -5.49 -5.26 -4.15
C THR A 67 -4.71 -4.71 -2.96
N LEU A 68 -5.43 -4.51 -1.86
CA LEU A 68 -4.82 -4.00 -0.65
C LEU A 68 -5.24 -4.87 0.54
N GLU A 69 -4.25 -5.28 1.30
CA GLU A 69 -4.49 -6.11 2.47
C GLU A 69 -3.54 -5.74 3.61
N LEU A 70 -4.14 -5.40 4.75
CA LEU A 70 -3.35 -5.02 5.91
C LEU A 70 -3.08 -6.26 6.76
N LEU A 71 -1.82 -6.43 7.11
CA LEU A 71 -1.41 -7.57 7.91
C LEU A 71 -1.37 -7.16 9.39
N LYS A 72 -1.55 -8.14 10.25
CA LYS A 72 -1.54 -7.89 11.68
C LYS A 72 -0.13 -8.11 12.22
N PHE A 73 0.58 -9.03 11.58
CA PHE A 73 1.94 -9.34 11.99
C PHE A 73 2.61 -10.30 11.01
N GLU A 74 3.83 -9.98 10.66
CA GLU A 74 4.59 -10.81 9.73
C GLU A 74 6.03 -10.98 10.20
N ASP A 75 6.17 -11.75 11.28
CA ASP A 75 7.49 -12.00 11.85
C ASP A 75 8.12 -10.67 12.27
N GLU A 76 8.14 -10.46 13.59
CA GLU A 76 8.70 -9.25 14.15
C GLU A 76 10.00 -8.89 13.42
N GLU A 77 9.96 -7.74 12.75
CA GLU A 77 11.13 -7.27 12.02
C GLU A 77 11.21 -5.74 12.09
N ALA A 78 12.43 -5.24 12.10
CA ALA A 78 12.67 -3.81 12.15
C ALA A 78 12.63 -3.24 10.74
N GLN A 79 12.70 -1.91 10.67
CA GLN A 79 12.68 -1.23 9.39
C GLN A 79 11.29 -1.32 8.76
N ALA A 80 10.88 -2.55 8.48
CA ALA A 80 9.57 -2.79 7.88
C ALA A 80 8.57 -3.14 8.98
N VAL A 81 8.22 -2.13 9.76
CA VAL A 81 7.27 -2.32 10.84
C VAL A 81 6.83 -0.96 11.38
N TYR A 82 5.64 -0.94 11.96
CA TYR A 82 5.09 0.29 12.50
C TYR A 82 3.99 -0.01 13.52
N SER A 83 4.38 0.00 14.79
CA SER A 83 3.44 -0.27 15.87
C SER A 83 2.18 0.58 15.69
N GLY A 84 1.07 0.06 16.16
CA GLY A 84 -0.20 0.75 16.06
C GLY A 84 -0.35 1.78 17.18
N PRO A 85 -0.92 1.32 18.32
CA PRO A 85 -1.14 2.18 19.47
C PRO A 85 0.19 2.44 20.20
N SER A 86 0.64 3.68 20.12
CA SER A 86 1.89 4.06 20.78
C SER A 86 1.74 5.45 21.40
N SER A 87 1.51 5.46 22.70
CA SER A 87 1.35 6.71 23.42
C SER A 87 1.40 6.45 24.93
N GLY A 88 1.70 7.51 25.67
CA GLY A 88 1.78 7.41 27.12
C GLY A 88 0.46 6.90 27.70
N GLY A 1 10.03 5.76 -25.95
CA GLY A 1 9.25 5.00 -26.91
C GLY A 1 7.75 5.19 -26.69
N SER A 2 7.03 4.08 -26.74
CA SER A 2 5.59 4.12 -26.54
C SER A 2 5.24 3.55 -25.16
N SER A 3 5.13 4.46 -24.20
CA SER A 3 4.80 4.06 -22.84
C SER A 3 5.88 3.13 -22.29
N GLY A 4 6.96 3.75 -21.81
CA GLY A 4 8.06 2.99 -21.25
C GLY A 4 8.91 3.85 -20.32
N SER A 5 9.53 4.86 -20.91
CA SER A 5 10.37 5.77 -20.16
C SER A 5 9.52 6.83 -19.46
N SER A 6 8.77 7.56 -20.28
CA SER A 6 7.89 8.61 -19.77
C SER A 6 7.19 8.13 -18.50
N GLY A 7 7.50 8.80 -17.40
CA GLY A 7 6.90 8.45 -16.13
C GLY A 7 5.83 9.46 -15.73
N ASP A 8 4.70 8.94 -15.25
CA ASP A 8 3.60 9.79 -14.83
C ASP A 8 2.55 8.93 -14.13
N SER A 9 1.99 9.49 -13.07
CA SER A 9 0.97 8.79 -12.30
C SER A 9 -0.30 8.63 -13.14
N LYS A 10 -1.17 7.76 -12.67
CA LYS A 10 -2.42 7.50 -13.37
C LYS A 10 -3.46 6.97 -12.38
N PRO A 11 -4.71 6.80 -12.88
CA PRO A 11 -5.79 6.30 -12.05
C PRO A 11 -5.64 4.78 -11.81
N ILE A 12 -5.61 4.42 -10.54
CA ILE A 12 -5.48 3.03 -10.16
C ILE A 12 -6.61 2.66 -9.18
N LYS A 13 -7.01 1.40 -9.25
CA LYS A 13 -8.06 0.90 -8.39
C LYS A 13 -7.46 0.03 -7.29
N VAL A 14 -7.93 0.24 -6.08
CA VAL A 14 -7.44 -0.53 -4.94
C VAL A 14 -8.63 -1.03 -4.12
N THR A 15 -8.79 -2.35 -4.12
CA THR A 15 -9.88 -2.96 -3.38
C THR A 15 -9.45 -3.26 -1.94
N LEU A 16 -10.32 -2.89 -1.01
CA LEU A 16 -10.03 -3.10 0.40
C LEU A 16 -10.08 -4.61 0.69
N PRO A 17 -9.45 -4.98 1.84
CA PRO A 17 -9.42 -6.37 2.25
C PRO A 17 -10.77 -6.83 2.80
N ASP A 18 -11.72 -5.91 2.77
CA ASP A 18 -13.06 -6.20 3.25
C ASP A 18 -13.99 -6.40 2.05
N GLY A 19 -13.48 -6.08 0.88
CA GLY A 19 -14.26 -6.22 -0.34
C GLY A 19 -14.53 -4.85 -0.98
N LYS A 20 -14.66 -3.84 -0.12
CA LYS A 20 -14.92 -2.49 -0.58
C LYS A 20 -13.88 -2.12 -1.64
N GLN A 21 -14.15 -1.02 -2.32
CA GLN A 21 -13.25 -0.54 -3.37
C GLN A 21 -12.96 0.95 -3.17
N VAL A 22 -11.76 1.33 -3.55
CA VAL A 22 -11.33 2.72 -3.42
C VAL A 22 -10.56 3.13 -4.67
N ASP A 23 -10.45 4.44 -4.87
CA ASP A 23 -9.74 4.98 -6.02
C ASP A 23 -8.40 5.54 -5.55
N ALA A 24 -7.36 5.17 -6.29
CA ALA A 24 -6.01 5.63 -5.97
C ALA A 24 -5.27 5.93 -7.27
N GLU A 25 -4.09 6.52 -7.12
CA GLU A 25 -3.27 6.86 -8.26
C GLU A 25 -1.86 6.28 -8.10
N SER A 26 -1.31 5.84 -9.22
CA SER A 26 0.02 5.26 -9.22
C SER A 26 1.05 6.32 -8.81
N TRP A 27 2.01 5.87 -8.00
CA TRP A 27 3.06 6.77 -7.53
C TRP A 27 2.39 8.02 -6.96
N LYS A 28 1.19 7.83 -6.45
CA LYS A 28 0.43 8.94 -5.88
C LYS A 28 -0.06 8.55 -4.48
N THR A 29 -0.98 7.58 -4.46
CA THR A 29 -1.52 7.11 -3.20
C THR A 29 -0.83 5.83 -2.76
N THR A 30 -0.82 5.60 -1.46
CA THR A 30 -0.20 4.42 -0.89
C THR A 30 -1.21 3.61 -0.08
N PRO A 31 -0.75 2.44 0.41
CA PRO A 31 -1.61 1.57 1.20
C PRO A 31 -1.79 2.12 2.62
N TYR A 32 -0.85 2.97 3.01
CA TYR A 32 -0.91 3.58 4.34
C TYR A 32 -2.03 4.61 4.42
N GLN A 33 -2.19 5.35 3.34
CA GLN A 33 -3.22 6.38 3.28
C GLN A 33 -4.61 5.73 3.19
N ILE A 34 -4.76 4.87 2.18
CA ILE A 34 -6.02 4.18 1.98
C ILE A 34 -6.59 3.76 3.33
N ALA A 35 -5.87 2.85 3.99
CA ALA A 35 -6.29 2.36 5.29
C ALA A 35 -6.83 3.51 6.12
N CYS A 36 -5.93 4.41 6.49
CA CYS A 36 -6.30 5.56 7.29
C CYS A 36 -7.61 6.15 6.73
N GLY A 37 -7.67 6.20 5.40
CA GLY A 37 -8.85 6.71 4.74
C GLY A 37 -10.13 6.20 5.41
N ILE A 38 -10.27 4.88 5.40
CA ILE A 38 -11.43 4.25 6.01
C ILE A 38 -11.77 4.96 7.32
N SER A 39 -10.92 4.74 8.31
CA SER A 39 -11.11 5.35 9.62
C SER A 39 -9.80 5.32 10.40
N GLN A 40 -9.58 6.39 11.16
CA GLN A 40 -8.37 6.50 11.96
C GLN A 40 -8.28 5.33 12.96
N GLY A 41 -7.26 4.52 12.77
CA GLY A 41 -7.05 3.36 13.64
C GLY A 41 -6.74 2.11 12.82
N LEU A 42 -7.28 2.07 11.61
CA LEU A 42 -7.07 0.95 10.72
C LEU A 42 -5.58 0.89 10.33
N ALA A 43 -5.08 2.04 9.87
CA ALA A 43 -3.70 2.14 9.46
C ALA A 43 -2.79 1.78 10.64
N ASP A 44 -3.18 2.29 11.81
CA ASP A 44 -2.40 2.03 13.01
C ASP A 44 -2.26 0.53 13.22
N ASN A 45 -3.38 -0.17 13.07
CA ASN A 45 -3.39 -1.61 13.23
C ASN A 45 -2.93 -2.28 11.94
N THR A 46 -1.71 -1.96 11.55
CA THR A 46 -1.14 -2.50 10.33
C THR A 46 0.32 -2.92 10.57
N VAL A 47 0.70 -4.00 9.91
CA VAL A 47 2.06 -4.50 10.04
C VAL A 47 2.73 -4.49 8.67
N ILE A 48 2.03 -5.05 7.69
CA ILE A 48 2.56 -5.10 6.34
C ILE A 48 1.39 -5.11 5.35
N ALA A 49 1.40 -4.14 4.45
CA ALA A 49 0.35 -4.03 3.46
C ALA A 49 0.77 -4.81 2.20
N LYS A 50 -0.19 -5.57 1.68
CA LYS A 50 0.06 -6.38 0.49
C LYS A 50 -0.49 -5.64 -0.73
N VAL A 51 0.16 -5.87 -1.87
CA VAL A 51 -0.25 -5.24 -3.10
C VAL A 51 -0.24 -6.27 -4.23
N ASN A 52 -1.41 -6.81 -4.52
CA ASN A 52 -1.55 -7.81 -5.57
C ASN A 52 -1.13 -9.18 -5.01
N ASN A 53 -1.25 -9.32 -3.71
CA ASN A 53 -0.90 -10.55 -3.04
C ASN A 53 0.62 -10.59 -2.82
N VAL A 54 1.22 -9.41 -2.85
CA VAL A 54 2.66 -9.30 -2.66
C VAL A 54 2.94 -8.21 -1.62
N VAL A 55 3.86 -8.53 -0.71
CA VAL A 55 4.22 -7.60 0.33
C VAL A 55 4.51 -6.23 -0.29
N TRP A 56 3.95 -5.20 0.34
CA TRP A 56 4.14 -3.84 -0.14
C TRP A 56 4.40 -2.94 1.07
N ASP A 57 5.19 -1.91 0.84
CA ASP A 57 5.51 -0.97 1.90
C ASP A 57 4.41 0.08 2.02
N LEU A 58 4.27 0.62 3.23
CA LEU A 58 3.25 1.62 3.48
C LEU A 58 3.74 2.97 2.96
N ASP A 59 5.04 3.18 3.04
CA ASP A 59 5.64 4.42 2.58
C ASP A 59 5.81 4.37 1.07
N ARG A 60 5.49 3.21 0.51
CA ARG A 60 5.61 3.02 -0.93
C ARG A 60 4.23 3.04 -1.58
N PRO A 61 4.07 3.97 -2.56
CA PRO A 61 2.81 4.11 -3.27
C PRO A 61 2.61 2.96 -4.27
N LEU A 62 1.36 2.58 -4.45
CA LEU A 62 1.02 1.51 -5.36
C LEU A 62 1.59 1.82 -6.74
N GLU A 63 1.51 0.84 -7.63
CA GLU A 63 2.01 1.01 -8.98
C GLU A 63 0.84 1.05 -9.98
N GLU A 64 -0.15 0.22 -9.70
CA GLU A 64 -1.33 0.15 -10.56
C GLU A 64 -2.45 -0.63 -9.87
N ASP A 65 -3.59 -0.66 -10.53
CA ASP A 65 -4.75 -1.36 -9.99
C ASP A 65 -4.29 -2.68 -9.36
N CYS A 66 -4.45 -2.77 -8.05
CA CYS A 66 -4.05 -3.96 -7.33
C CYS A 66 -4.93 -4.07 -6.08
N THR A 67 -4.71 -5.14 -5.33
CA THR A 67 -5.47 -5.39 -4.12
C THR A 67 -4.69 -4.88 -2.90
N LEU A 68 -5.44 -4.58 -1.85
CA LEU A 68 -4.85 -4.09 -0.62
C LEU A 68 -5.27 -4.99 0.54
N GLU A 69 -4.27 -5.42 1.31
CA GLU A 69 -4.52 -6.29 2.45
C GLU A 69 -3.59 -5.93 3.60
N LEU A 70 -4.19 -5.47 4.69
CA LEU A 70 -3.42 -5.09 5.86
C LEU A 70 -3.14 -6.34 6.70
N LEU A 71 -1.87 -6.47 7.10
CA LEU A 71 -1.46 -7.61 7.91
C LEU A 71 -1.46 -7.21 9.38
N LYS A 72 -1.62 -8.21 10.23
CA LYS A 72 -1.64 -7.98 11.66
C LYS A 72 -0.41 -8.65 12.30
N PHE A 73 0.46 -9.16 11.44
CA PHE A 73 1.67 -9.82 11.90
C PHE A 73 2.60 -10.11 10.73
N GLU A 74 3.88 -10.24 11.06
CA GLU A 74 4.89 -10.52 10.06
C GLU A 74 5.73 -11.74 10.47
N ASP A 75 5.06 -12.87 10.61
CA ASP A 75 5.72 -14.10 11.00
C ASP A 75 5.42 -15.19 9.97
N GLU A 76 6.20 -15.19 8.90
CA GLU A 76 6.03 -16.17 7.85
C GLU A 76 7.36 -16.47 7.17
N GLU A 77 8.00 -15.41 6.69
CA GLU A 77 9.28 -15.55 6.02
C GLU A 77 10.18 -14.37 6.36
N ALA A 78 11.45 -14.51 6.00
CA ALA A 78 12.42 -13.45 6.26
C ALA A 78 12.61 -12.61 4.99
N GLN A 79 13.43 -11.58 5.12
CA GLN A 79 13.69 -10.70 3.99
C GLN A 79 12.41 -9.97 3.58
N ALA A 80 12.61 -8.82 2.93
CA ALA A 80 11.48 -8.02 2.48
C ALA A 80 10.45 -7.90 3.61
N VAL A 81 10.86 -7.21 4.66
CA VAL A 81 10.00 -7.01 5.81
C VAL A 81 10.41 -5.73 6.54
N TYR A 82 11.69 -5.68 6.87
CA TYR A 82 12.23 -4.52 7.58
C TYR A 82 13.60 -4.14 7.03
N SER A 83 13.62 -3.11 6.21
CA SER A 83 14.86 -2.63 5.61
C SER A 83 15.28 -1.32 6.26
N GLY A 84 14.37 -0.35 6.20
CA GLY A 84 14.65 0.96 6.78
C GLY A 84 14.59 2.05 5.71
N PRO A 85 14.82 3.31 6.17
CA PRO A 85 14.81 4.45 5.26
C PRO A 85 16.08 4.50 4.43
N SER A 86 16.13 3.61 3.43
CA SER A 86 17.28 3.54 2.55
C SER A 86 18.49 3.00 3.31
N SER A 87 18.98 3.82 4.24
CA SER A 87 20.13 3.43 5.03
C SER A 87 21.35 3.21 4.13
N GLY A 88 22.27 4.16 4.20
CA GLY A 88 23.48 4.09 3.41
C GLY A 88 23.45 5.12 2.26
N GLY A 1 9.25 1.00 -25.43
CA GLY A 1 9.06 2.23 -24.66
C GLY A 1 8.07 3.16 -25.36
N SER A 2 8.10 4.42 -24.93
CA SER A 2 7.22 5.43 -25.51
C SER A 2 8.01 6.71 -25.79
N SER A 3 8.59 7.24 -24.74
CA SER A 3 9.38 8.47 -24.85
C SER A 3 10.82 8.21 -24.43
N GLY A 4 10.97 7.77 -23.19
CA GLY A 4 12.29 7.48 -22.64
C GLY A 4 12.40 7.97 -21.20
N SER A 5 12.59 7.03 -20.28
CA SER A 5 12.71 7.35 -18.87
C SER A 5 11.66 8.39 -18.48
N SER A 6 10.48 7.90 -18.16
CA SER A 6 9.38 8.76 -17.77
C SER A 6 8.22 7.93 -17.21
N GLY A 7 7.70 8.38 -16.09
CA GLY A 7 6.58 7.70 -15.45
C GLY A 7 5.40 8.63 -15.25
N ASP A 8 4.31 8.33 -15.95
CA ASP A 8 3.11 9.13 -15.86
C ASP A 8 2.11 8.44 -14.93
N SER A 9 1.68 9.17 -13.91
CA SER A 9 0.73 8.64 -12.95
C SER A 9 -0.65 8.48 -13.60
N LYS A 10 -1.49 7.71 -12.94
CA LYS A 10 -2.84 7.47 -13.45
C LYS A 10 -3.73 7.00 -12.30
N PRO A 11 -5.07 7.18 -12.51
CA PRO A 11 -6.03 6.77 -11.50
C PRO A 11 -6.19 5.25 -11.48
N ILE A 12 -5.69 4.64 -10.42
CA ILE A 12 -5.77 3.21 -10.26
C ILE A 12 -6.87 2.87 -9.24
N LYS A 13 -7.18 1.59 -9.16
CA LYS A 13 -8.20 1.13 -8.23
C LYS A 13 -7.56 0.15 -7.23
N VAL A 14 -7.91 0.34 -5.97
CA VAL A 14 -7.39 -0.50 -4.91
C VAL A 14 -8.56 -1.03 -4.07
N THR A 15 -8.72 -2.35 -4.14
CA THR A 15 -9.80 -3.00 -3.39
C THR A 15 -9.34 -3.30 -1.95
N LEU A 16 -10.23 -3.03 -1.02
CA LEU A 16 -9.93 -3.27 0.38
C LEU A 16 -9.96 -4.77 0.66
N PRO A 17 -9.32 -5.16 1.79
CA PRO A 17 -9.27 -6.55 2.19
C PRO A 17 -10.61 -7.03 2.74
N ASP A 18 -11.57 -6.13 2.72
CA ASP A 18 -12.91 -6.44 3.20
C ASP A 18 -13.86 -6.57 2.02
N GLY A 19 -13.35 -6.21 0.85
CA GLY A 19 -14.15 -6.29 -0.37
C GLY A 19 -14.41 -4.89 -0.94
N LYS A 20 -14.50 -3.93 -0.04
CA LYS A 20 -14.74 -2.55 -0.45
C LYS A 20 -13.73 -2.15 -1.53
N GLN A 21 -13.98 -1.00 -2.13
CA GLN A 21 -13.10 -0.50 -3.18
C GLN A 21 -12.76 0.97 -2.92
N VAL A 22 -11.58 1.36 -3.38
CA VAL A 22 -11.13 2.73 -3.22
C VAL A 22 -10.38 3.17 -4.48
N ASP A 23 -10.21 4.48 -4.60
CA ASP A 23 -9.51 5.05 -5.74
C ASP A 23 -8.10 5.44 -5.33
N ALA A 24 -7.14 5.13 -6.19
CA ALA A 24 -5.76 5.45 -5.93
C ALA A 24 -5.09 5.93 -7.22
N GLU A 25 -3.83 6.33 -7.09
CA GLU A 25 -3.07 6.79 -8.24
C GLU A 25 -1.66 6.21 -8.22
N SER A 26 -1.30 5.57 -9.32
CA SER A 26 0.01 4.97 -9.43
C SER A 26 1.10 6.01 -9.16
N TRP A 27 1.93 5.71 -8.17
CA TRP A 27 3.00 6.61 -7.80
C TRP A 27 2.38 7.89 -7.25
N LYS A 28 1.31 7.71 -6.48
CA LYS A 28 0.62 8.84 -5.89
C LYS A 28 0.10 8.44 -4.50
N THR A 29 -0.82 7.50 -4.50
CA THR A 29 -1.41 7.03 -3.26
C THR A 29 -0.69 5.76 -2.78
N THR A 30 -0.75 5.55 -1.47
CA THR A 30 -0.11 4.38 -0.88
C THR A 30 -1.13 3.56 -0.09
N PRO A 31 -0.67 2.37 0.40
CA PRO A 31 -1.53 1.50 1.16
C PRO A 31 -1.75 2.03 2.58
N TYR A 32 -0.79 2.84 3.02
CA TYR A 32 -0.88 3.43 4.35
C TYR A 32 -1.98 4.49 4.42
N GLN A 33 -2.13 5.21 3.32
CA GLN A 33 -3.14 6.25 3.23
C GLN A 33 -4.54 5.63 3.12
N ILE A 34 -4.69 4.78 2.11
CA ILE A 34 -5.96 4.12 1.87
C ILE A 34 -6.57 3.71 3.21
N ALA A 35 -5.88 2.80 3.89
CA ALA A 35 -6.34 2.31 5.18
C ALA A 35 -6.74 3.50 6.06
N CYS A 36 -5.89 4.52 6.03
CA CYS A 36 -6.13 5.71 6.81
C CYS A 36 -7.48 6.31 6.38
N GLY A 37 -7.64 6.44 5.08
CA GLY A 37 -8.88 6.99 4.52
C GLY A 37 -10.10 6.40 5.25
N ILE A 38 -10.16 5.08 5.28
CA ILE A 38 -11.26 4.40 5.94
C ILE A 38 -11.61 5.13 7.23
N SER A 39 -10.73 4.99 8.21
CA SER A 39 -10.94 5.63 9.49
C SER A 39 -9.64 5.61 10.31
N GLN A 40 -9.41 6.69 11.03
CA GLN A 40 -8.22 6.80 11.85
C GLN A 40 -8.21 5.72 12.93
N GLY A 41 -7.30 4.77 12.78
CA GLY A 41 -7.19 3.68 13.73
C GLY A 41 -6.80 2.38 13.02
N LEU A 42 -7.43 2.15 11.87
CA LEU A 42 -7.18 0.95 11.10
C LEU A 42 -5.68 0.86 10.80
N ALA A 43 -5.16 1.92 10.20
CA ALA A 43 -3.74 1.97 9.86
C ALA A 43 -2.91 1.77 11.13
N ASP A 44 -3.56 1.97 12.27
CA ASP A 44 -2.89 1.82 13.55
C ASP A 44 -2.75 0.33 13.87
N ASN A 45 -3.68 -0.44 13.35
CA ASN A 45 -3.68 -1.88 13.57
C ASN A 45 -3.30 -2.59 12.27
N THR A 46 -2.08 -2.33 11.83
CA THR A 46 -1.58 -2.94 10.60
C THR A 46 -0.08 -3.19 10.70
N VAL A 47 0.41 -4.01 9.78
CA VAL A 47 1.83 -4.34 9.76
C VAL A 47 2.38 -4.07 8.35
N ILE A 48 2.18 -5.04 7.48
CA ILE A 48 2.65 -4.93 6.11
C ILE A 48 1.46 -5.03 5.16
N ALA A 49 1.41 -4.08 4.22
CA ALA A 49 0.34 -4.05 3.25
C ALA A 49 0.74 -4.85 2.02
N LYS A 50 -0.18 -5.68 1.55
CA LYS A 50 0.07 -6.51 0.39
C LYS A 50 -0.57 -5.86 -0.84
N VAL A 51 0.24 -5.72 -1.89
CA VAL A 51 -0.24 -5.12 -3.11
C VAL A 51 -0.23 -6.17 -4.23
N ASN A 52 -1.41 -6.75 -4.46
CA ASN A 52 -1.56 -7.76 -5.48
C ASN A 52 -1.03 -9.10 -4.95
N ASN A 53 -1.18 -9.28 -3.65
CA ASN A 53 -0.74 -10.49 -3.00
C ASN A 53 0.78 -10.46 -2.84
N VAL A 54 1.33 -9.25 -2.97
CA VAL A 54 2.77 -9.06 -2.83
C VAL A 54 3.04 -8.02 -1.74
N VAL A 55 4.02 -8.33 -0.91
CA VAL A 55 4.40 -7.44 0.17
C VAL A 55 4.64 -6.05 -0.39
N TRP A 56 4.03 -5.06 0.26
CA TRP A 56 4.18 -3.68 -0.16
C TRP A 56 4.31 -2.82 1.09
N ASP A 57 5.35 -2.00 1.10
CA ASP A 57 5.60 -1.12 2.23
C ASP A 57 4.50 -0.06 2.30
N LEU A 58 4.20 0.36 3.53
CA LEU A 58 3.17 1.36 3.75
C LEU A 58 3.65 2.70 3.21
N ASP A 59 4.93 2.97 3.43
CA ASP A 59 5.52 4.22 2.97
C ASP A 59 5.94 4.08 1.50
N ARG A 60 5.00 3.60 0.70
CA ARG A 60 5.27 3.40 -0.72
C ARG A 60 3.95 3.38 -1.50
N PRO A 61 3.91 4.22 -2.58
CA PRO A 61 2.73 4.30 -3.42
C PRO A 61 2.60 3.07 -4.31
N LEU A 62 1.36 2.69 -4.59
CA LEU A 62 1.09 1.54 -5.43
C LEU A 62 1.71 1.77 -6.81
N GLU A 63 1.49 0.80 -7.69
CA GLU A 63 2.01 0.88 -9.05
C GLU A 63 0.87 0.92 -10.06
N GLU A 64 -0.19 0.19 -9.73
CA GLU A 64 -1.35 0.13 -10.60
C GLU A 64 -2.49 -0.61 -9.90
N ASP A 65 -3.57 -0.81 -10.65
CA ASP A 65 -4.74 -1.50 -10.12
C ASP A 65 -4.29 -2.79 -9.43
N CYS A 66 -4.46 -2.82 -8.12
CA CYS A 66 -4.08 -3.99 -7.35
C CYS A 66 -4.97 -4.05 -6.10
N THR A 67 -4.72 -5.06 -5.29
CA THR A 67 -5.49 -5.24 -4.07
C THR A 67 -4.67 -4.81 -2.85
N LEU A 68 -5.38 -4.34 -1.83
CA LEU A 68 -4.73 -3.90 -0.61
C LEU A 68 -5.16 -4.80 0.55
N GLU A 69 -4.17 -5.42 1.17
CA GLU A 69 -4.42 -6.30 2.30
C GLU A 69 -3.51 -5.95 3.47
N LEU A 70 -4.12 -5.41 4.51
CA LEU A 70 -3.39 -5.02 5.70
C LEU A 70 -3.20 -6.25 6.60
N LEU A 71 -1.95 -6.58 6.86
CA LEU A 71 -1.62 -7.71 7.70
C LEU A 71 -1.86 -7.34 9.16
N LYS A 72 -2.14 -8.37 9.96
CA LYS A 72 -2.39 -8.16 11.38
C LYS A 72 -1.06 -8.14 12.13
N PHE A 73 -0.11 -8.91 11.61
CA PHE A 73 1.21 -8.97 12.22
C PHE A 73 2.27 -9.32 11.18
N GLU A 74 1.94 -10.29 10.34
CA GLU A 74 2.86 -10.72 9.29
C GLU A 74 3.57 -9.52 8.68
N ASP A 75 4.88 -9.65 8.52
CA ASP A 75 5.67 -8.59 7.94
C ASP A 75 6.60 -9.17 6.87
N GLU A 76 5.98 -9.76 5.86
CA GLU A 76 6.73 -10.37 4.77
C GLU A 76 7.33 -11.70 5.22
N GLU A 77 8.22 -11.63 6.18
CA GLU A 77 8.87 -12.81 6.71
C GLU A 77 9.80 -12.44 7.86
N ALA A 78 10.80 -11.63 7.54
CA ALA A 78 11.76 -11.20 8.54
C ALA A 78 12.74 -10.20 7.90
N GLN A 79 13.32 -9.37 8.74
CA GLN A 79 14.27 -8.38 8.28
C GLN A 79 13.54 -7.25 7.54
N ALA A 80 12.85 -7.63 6.47
CA ALA A 80 12.11 -6.67 5.67
C ALA A 80 10.89 -6.21 6.45
N VAL A 81 11.07 -5.17 7.24
CA VAL A 81 9.99 -4.62 8.04
C VAL A 81 10.32 -3.17 8.42
N TYR A 82 11.46 -3.01 9.08
CA TYR A 82 11.89 -1.68 9.50
C TYR A 82 10.89 -1.05 10.46
N SER A 83 11.15 -1.24 11.75
CA SER A 83 10.27 -0.69 12.77
C SER A 83 11.03 0.35 13.60
N GLY A 84 12.14 -0.08 14.16
CA GLY A 84 12.97 0.79 14.97
C GLY A 84 14.32 0.16 15.27
N PRO A 85 15.10 0.83 16.17
CA PRO A 85 16.42 0.34 16.54
C PRO A 85 16.30 -0.86 17.48
N SER A 86 16.71 -2.01 16.98
CA SER A 86 16.67 -3.24 17.76
C SER A 86 17.79 -3.23 18.80
N SER A 87 17.41 -3.01 20.04
CA SER A 87 18.36 -2.98 21.13
C SER A 87 18.69 -4.41 21.58
N GLY A 88 19.97 -4.64 21.82
CA GLY A 88 20.42 -5.96 22.26
C GLY A 88 21.24 -5.85 23.55
N GLY A 1 19.48 1.25 -25.04
CA GLY A 1 19.75 2.66 -24.84
C GLY A 1 18.44 3.46 -24.76
N SER A 2 18.04 3.99 -25.91
CA SER A 2 16.82 4.77 -25.97
C SER A 2 16.89 5.94 -24.99
N SER A 3 15.92 6.84 -25.13
CA SER A 3 15.87 8.01 -24.25
C SER A 3 15.50 7.57 -22.83
N GLY A 4 16.08 8.29 -21.86
CA GLY A 4 15.82 7.99 -20.47
C GLY A 4 14.67 8.84 -19.92
N SER A 5 14.46 8.74 -18.62
CA SER A 5 13.41 9.49 -17.97
C SER A 5 12.05 9.09 -18.56
N SER A 6 11.25 8.45 -17.73
CA SER A 6 9.93 8.01 -18.15
C SER A 6 9.09 7.61 -16.93
N GLY A 7 8.11 8.46 -16.63
CA GLY A 7 7.23 8.21 -15.50
C GLY A 7 6.05 9.17 -15.50
N ASP A 8 4.91 8.67 -15.04
CA ASP A 8 3.70 9.47 -14.99
C ASP A 8 2.64 8.72 -14.19
N SER A 9 2.09 9.41 -13.19
CA SER A 9 1.07 8.83 -12.34
C SER A 9 -0.22 8.62 -13.14
N LYS A 10 -1.17 7.97 -12.50
CA LYS A 10 -2.46 7.70 -13.14
C LYS A 10 -3.45 7.21 -12.08
N PRO A 11 -4.76 7.35 -12.42
CA PRO A 11 -5.81 6.92 -11.52
C PRO A 11 -5.95 5.40 -11.52
N ILE A 12 -5.54 4.81 -10.41
CA ILE A 12 -5.61 3.36 -10.26
C ILE A 12 -6.78 3.00 -9.35
N LYS A 13 -7.05 1.70 -9.26
CA LYS A 13 -8.13 1.21 -8.43
C LYS A 13 -7.57 0.18 -7.44
N VAL A 14 -8.01 0.30 -6.20
CA VAL A 14 -7.56 -0.61 -5.16
C VAL A 14 -8.78 -1.18 -4.42
N THR A 15 -8.73 -2.47 -4.16
CA THR A 15 -9.82 -3.15 -3.48
C THR A 15 -9.44 -3.43 -2.02
N LEU A 16 -10.35 -3.08 -1.13
CA LEU A 16 -10.13 -3.28 0.29
C LEU A 16 -10.17 -4.78 0.59
N PRO A 17 -9.59 -5.14 1.77
CA PRO A 17 -9.54 -6.54 2.19
C PRO A 17 -10.92 -7.01 2.68
N ASP A 18 -11.88 -6.11 2.58
CA ASP A 18 -13.24 -6.42 3.00
C ASP A 18 -14.11 -6.70 1.77
N GLY A 19 -13.56 -6.33 0.62
CA GLY A 19 -14.28 -6.54 -0.64
C GLY A 19 -14.57 -5.21 -1.32
N LYS A 20 -14.78 -4.19 -0.50
CA LYS A 20 -15.08 -2.86 -1.02
C LYS A 20 -13.95 -2.41 -1.94
N GLN A 21 -14.23 -1.36 -2.69
CA GLN A 21 -13.25 -0.82 -3.62
C GLN A 21 -13.02 0.66 -3.35
N VAL A 22 -11.86 1.14 -3.78
CA VAL A 22 -11.50 2.54 -3.59
C VAL A 22 -10.75 3.04 -4.83
N ASP A 23 -10.44 4.32 -4.80
CA ASP A 23 -9.72 4.95 -5.90
C ASP A 23 -8.36 5.43 -5.41
N ALA A 24 -7.33 5.13 -6.19
CA ALA A 24 -5.98 5.54 -5.86
C ALA A 24 -5.25 5.97 -7.12
N GLU A 25 -4.00 6.38 -6.94
CA GLU A 25 -3.18 6.82 -8.05
C GLU A 25 -1.76 6.25 -7.93
N SER A 26 -1.28 5.73 -9.04
CA SER A 26 0.06 5.16 -9.07
C SER A 26 1.09 6.23 -8.73
N TRP A 27 1.98 5.87 -7.81
CA TRP A 27 3.03 6.78 -7.38
C TRP A 27 2.36 8.04 -6.83
N LYS A 28 1.23 7.83 -6.16
CA LYS A 28 0.48 8.93 -5.59
C LYS A 28 -0.06 8.50 -4.22
N THR A 29 -0.93 7.50 -4.25
CA THR A 29 -1.53 6.99 -3.03
C THR A 29 -0.88 5.67 -2.62
N THR A 30 -0.76 5.48 -1.32
CA THR A 30 -0.16 4.27 -0.79
C THR A 30 -1.19 3.46 -0.02
N PRO A 31 -0.74 2.27 0.47
CA PRO A 31 -1.62 1.37 1.21
C PRO A 31 -1.85 1.90 2.64
N TYR A 32 -0.84 2.61 3.13
CA TYR A 32 -0.92 3.18 4.47
C TYR A 32 -2.02 4.24 4.56
N GLN A 33 -2.24 4.91 3.44
CA GLN A 33 -3.26 5.95 3.39
C GLN A 33 -4.65 5.32 3.24
N ILE A 34 -4.80 4.53 2.20
CA ILE A 34 -6.06 3.87 1.94
C ILE A 34 -6.65 3.37 3.26
N ALA A 35 -5.83 2.63 4.00
CA ALA A 35 -6.25 2.10 5.29
C ALA A 35 -6.88 3.21 6.12
N CYS A 36 -6.07 4.24 6.38
CA CYS A 36 -6.54 5.37 7.17
C CYS A 36 -7.94 5.73 6.70
N GLY A 37 -8.10 5.76 5.38
CA GLY A 37 -9.39 6.10 4.79
C GLY A 37 -10.54 5.48 5.58
N ILE A 38 -10.48 4.17 5.72
CA ILE A 38 -11.51 3.45 6.45
C ILE A 38 -11.86 4.22 7.73
N SER A 39 -10.91 4.23 8.65
CA SER A 39 -11.10 4.93 9.92
C SER A 39 -9.75 5.26 10.54
N GLN A 40 -9.56 6.53 10.84
CA GLN A 40 -8.32 7.00 11.44
C GLN A 40 -7.94 6.10 12.61
N GLY A 41 -6.91 5.30 12.39
CA GLY A 41 -6.42 4.40 13.42
C GLY A 41 -5.89 3.10 12.81
N LEU A 42 -6.68 2.53 11.92
CA LEU A 42 -6.30 1.30 11.24
C LEU A 42 -4.87 1.43 10.72
N ALA A 43 -4.68 2.43 9.86
CA ALA A 43 -3.37 2.68 9.28
C ALA A 43 -2.31 2.59 10.37
N ASP A 44 -2.44 3.48 11.35
CA ASP A 44 -1.49 3.52 12.45
C ASP A 44 -1.21 2.08 12.92
N ASN A 45 -2.28 1.37 13.21
CA ASN A 45 -2.16 0.00 13.67
C ASN A 45 -2.21 -0.95 12.47
N THR A 46 -1.06 -1.13 11.85
CA THR A 46 -0.96 -2.01 10.69
C THR A 46 0.38 -2.74 10.68
N VAL A 47 0.36 -3.95 10.17
CA VAL A 47 1.55 -4.77 10.09
C VAL A 47 2.23 -4.56 8.73
N ILE A 48 1.62 -5.15 7.71
CA ILE A 48 2.14 -5.03 6.36
C ILE A 48 0.99 -5.11 5.36
N ALA A 49 1.04 -4.23 4.38
CA ALA A 49 0.01 -4.18 3.35
C ALA A 49 0.50 -4.93 2.11
N LYS A 50 -0.41 -5.69 1.52
CA LYS A 50 -0.09 -6.45 0.33
C LYS A 50 -0.61 -5.72 -0.91
N VAL A 51 0.14 -5.85 -2.00
CA VAL A 51 -0.23 -5.21 -3.24
C VAL A 51 -0.15 -6.22 -4.38
N ASN A 52 -1.30 -6.79 -4.71
CA ASN A 52 -1.39 -7.77 -5.78
C ASN A 52 -0.99 -9.14 -5.22
N ASN A 53 -1.16 -9.29 -3.92
CA ASN A 53 -0.83 -10.54 -3.26
C ASN A 53 0.67 -10.58 -2.96
N VAL A 54 1.27 -9.40 -2.98
CA VAL A 54 2.69 -9.28 -2.72
C VAL A 54 2.92 -8.18 -1.67
N VAL A 55 3.76 -8.52 -0.69
CA VAL A 55 4.06 -7.58 0.38
C VAL A 55 4.38 -6.21 -0.24
N TRP A 56 3.83 -5.18 0.38
CA TRP A 56 4.04 -3.82 -0.10
C TRP A 56 4.20 -2.91 1.12
N ASP A 57 5.32 -2.19 1.15
CA ASP A 57 5.60 -1.29 2.25
C ASP A 57 4.49 -0.25 2.36
N LEU A 58 4.16 0.10 3.59
CA LEU A 58 3.12 1.08 3.83
C LEU A 58 3.58 2.45 3.32
N ASP A 59 4.86 2.72 3.54
CA ASP A 59 5.44 3.99 3.11
C ASP A 59 5.89 3.87 1.65
N ARG A 60 4.97 3.36 0.83
CA ARG A 60 5.26 3.19 -0.59
C ARG A 60 3.96 3.21 -1.40
N PRO A 61 3.94 4.09 -2.42
CA PRO A 61 2.77 4.21 -3.28
C PRO A 61 2.67 3.03 -4.25
N LEU A 62 1.44 2.66 -4.55
CA LEU A 62 1.19 1.55 -5.46
C LEU A 62 1.76 1.90 -6.84
N GLU A 63 1.68 0.93 -7.74
CA GLU A 63 2.16 1.11 -9.10
C GLU A 63 1.00 1.15 -10.08
N GLU A 64 -0.03 0.37 -9.77
CA GLU A 64 -1.21 0.31 -10.62
C GLU A 64 -2.31 -0.48 -9.93
N ASP A 65 -3.48 -0.50 -10.56
CA ASP A 65 -4.61 -1.21 -10.02
C ASP A 65 -4.15 -2.55 -9.43
N CYS A 66 -4.39 -2.71 -8.14
CA CYS A 66 -3.99 -3.93 -7.45
C CYS A 66 -4.94 -4.14 -6.27
N THR A 67 -4.66 -5.18 -5.51
CA THR A 67 -5.47 -5.51 -4.35
C THR A 67 -4.75 -5.09 -3.06
N LEU A 68 -5.53 -4.59 -2.12
CA LEU A 68 -4.98 -4.16 -0.84
C LEU A 68 -5.40 -5.16 0.25
N GLU A 69 -4.46 -5.42 1.15
CA GLU A 69 -4.72 -6.35 2.23
C GLU A 69 -3.80 -6.02 3.42
N LEU A 70 -4.41 -5.49 4.47
CA LEU A 70 -3.68 -5.13 5.67
C LEU A 70 -3.50 -6.38 6.54
N LEU A 71 -2.25 -6.66 6.86
CA LEU A 71 -1.93 -7.82 7.68
C LEU A 71 -2.02 -7.43 9.15
N LYS A 72 -2.57 -8.34 9.95
CA LYS A 72 -2.73 -8.11 11.37
C LYS A 72 -1.72 -8.97 12.14
N PHE A 73 -0.50 -9.01 11.62
CA PHE A 73 0.55 -9.79 12.24
C PHE A 73 1.81 -9.81 11.37
N GLU A 74 2.96 -9.74 12.02
CA GLU A 74 4.22 -9.74 11.32
C GLU A 74 4.97 -11.05 11.59
N ASP A 75 6.12 -11.18 10.95
CA ASP A 75 6.94 -12.36 11.12
C ASP A 75 8.11 -12.32 10.13
N GLU A 76 9.27 -11.95 10.64
CA GLU A 76 10.46 -11.86 9.81
C GLU A 76 11.54 -11.03 10.52
N GLU A 77 12.78 -11.25 10.10
CA GLU A 77 13.90 -10.53 10.68
C GLU A 77 14.17 -9.25 9.89
N ALA A 78 13.21 -8.35 9.92
CA ALA A 78 13.34 -7.10 9.19
C ALA A 78 12.94 -7.29 7.74
N GLN A 79 13.65 -6.60 6.86
CA GLN A 79 13.38 -6.70 5.44
C GLN A 79 12.06 -6.01 5.09
N ALA A 80 10.97 -6.64 5.50
CA ALA A 80 9.65 -6.10 5.24
C ALA A 80 9.31 -5.07 6.32
N VAL A 81 9.77 -5.35 7.53
CA VAL A 81 9.52 -4.46 8.65
C VAL A 81 10.83 -3.73 9.01
N TYR A 82 10.80 -3.09 10.17
CA TYR A 82 11.96 -2.36 10.65
C TYR A 82 12.37 -2.82 12.04
N SER A 83 13.62 -3.24 12.17
CA SER A 83 14.14 -3.70 13.44
C SER A 83 15.21 -2.73 13.96
N GLY A 84 14.92 -2.16 15.12
CA GLY A 84 15.84 -1.21 15.72
C GLY A 84 15.77 -1.28 17.25
N PRO A 85 14.72 -0.61 17.81
CA PRO A 85 14.52 -0.59 19.25
C PRO A 85 13.97 -1.93 19.74
N SER A 86 13.04 -2.48 18.98
CA SER A 86 12.43 -3.75 19.33
C SER A 86 11.92 -3.71 20.78
N SER A 87 10.74 -3.13 20.94
CA SER A 87 10.14 -3.02 22.26
C SER A 87 10.00 -4.40 22.88
N GLY A 88 10.04 -4.43 24.21
CA GLY A 88 9.92 -5.69 24.94
C GLY A 88 11.26 -6.09 25.55
N GLY A 1 10.96 -1.08 -28.78
CA GLY A 1 9.68 -1.63 -28.38
C GLY A 1 9.13 -0.91 -27.14
N SER A 2 8.46 -1.68 -26.31
CA SER A 2 7.89 -1.13 -25.08
C SER A 2 9.00 -0.80 -24.09
N SER A 3 9.41 0.46 -24.11
CA SER A 3 10.46 0.91 -23.21
C SER A 3 10.50 2.44 -23.18
N GLY A 4 10.26 2.99 -21.99
CA GLY A 4 10.27 4.42 -21.81
C GLY A 4 11.10 4.83 -20.59
N SER A 5 11.40 6.11 -20.52
CA SER A 5 12.19 6.63 -19.42
C SER A 5 11.39 6.52 -18.11
N SER A 6 10.24 7.17 -18.11
CA SER A 6 9.37 7.14 -16.94
C SER A 6 7.92 7.40 -17.36
N GLY A 7 7.01 6.95 -16.51
CA GLY A 7 5.59 7.12 -16.77
C GLY A 7 4.91 7.92 -15.66
N ASP A 8 4.16 8.93 -16.07
CA ASP A 8 3.46 9.79 -15.13
C ASP A 8 2.42 8.94 -14.37
N SER A 9 1.97 9.49 -13.24
CA SER A 9 0.99 8.81 -12.42
C SER A 9 -0.27 8.53 -13.25
N LYS A 10 -1.19 7.79 -12.64
CA LYS A 10 -2.43 7.44 -13.30
C LYS A 10 -3.45 6.97 -12.26
N PRO A 11 -4.75 7.06 -12.65
CA PRO A 11 -5.82 6.65 -11.75
C PRO A 11 -5.92 5.13 -11.68
N ILE A 12 -5.57 4.60 -10.51
CA ILE A 12 -5.61 3.17 -10.29
C ILE A 12 -6.76 2.83 -9.34
N LYS A 13 -7.03 1.54 -9.22
CA LYS A 13 -8.10 1.07 -8.36
C LYS A 13 -7.54 0.07 -7.36
N VAL A 14 -7.90 0.27 -6.09
CA VAL A 14 -7.44 -0.60 -5.03
C VAL A 14 -8.65 -1.18 -4.30
N THR A 15 -8.79 -2.50 -4.42
CA THR A 15 -9.89 -3.18 -3.77
C THR A 15 -9.53 -3.57 -2.34
N LEU A 16 -10.36 -3.14 -1.41
CA LEU A 16 -10.12 -3.42 0.00
C LEU A 16 -10.15 -4.94 0.22
N PRO A 17 -9.55 -5.36 1.36
CA PRO A 17 -9.51 -6.77 1.70
C PRO A 17 -10.88 -7.27 2.18
N ASP A 18 -11.84 -6.36 2.17
CA ASP A 18 -13.19 -6.69 2.61
C ASP A 18 -14.08 -6.86 1.38
N GLY A 19 -13.56 -6.46 0.24
CA GLY A 19 -14.30 -6.56 -1.01
C GLY A 19 -14.58 -5.18 -1.59
N LYS A 20 -14.74 -4.21 -0.71
CA LYS A 20 -15.00 -2.84 -1.13
C LYS A 20 -13.92 -2.40 -2.11
N GLN A 21 -14.19 -1.28 -2.76
CA GLN A 21 -13.26 -0.73 -3.73
C GLN A 21 -12.91 0.72 -3.37
N VAL A 22 -11.73 1.14 -3.81
CA VAL A 22 -11.27 2.49 -3.54
C VAL A 22 -10.54 3.02 -4.77
N ASP A 23 -10.45 4.35 -4.85
CA ASP A 23 -9.78 4.99 -5.96
C ASP A 23 -8.40 5.47 -5.50
N ALA A 24 -7.39 5.10 -6.27
CA ALA A 24 -6.02 5.48 -5.96
C ALA A 24 -5.29 5.85 -7.25
N GLU A 25 -4.04 6.25 -7.09
CA GLU A 25 -3.23 6.64 -8.23
C GLU A 25 -1.82 6.06 -8.10
N SER A 26 -1.31 5.57 -9.22
CA SER A 26 0.03 4.99 -9.24
C SER A 26 1.07 6.05 -8.92
N TRP A 27 1.91 5.74 -7.95
CA TRP A 27 2.97 6.65 -7.54
C TRP A 27 2.30 7.93 -7.04
N LYS A 28 1.20 7.75 -6.32
CA LYS A 28 0.46 8.88 -5.78
C LYS A 28 -0.09 8.51 -4.41
N THR A 29 -1.04 7.58 -4.42
CA THR A 29 -1.66 7.13 -3.18
C THR A 29 -1.06 5.79 -2.74
N THR A 30 -0.86 5.67 -1.44
CA THR A 30 -0.30 4.45 -0.87
C THR A 30 -1.35 3.71 -0.05
N PRO A 31 -0.94 2.51 0.45
CA PRO A 31 -1.84 1.69 1.26
C PRO A 31 -1.98 2.27 2.67
N TYR A 32 -1.00 3.07 3.05
CA TYR A 32 -1.00 3.70 4.36
C TYR A 32 -2.10 4.77 4.45
N GLN A 33 -2.37 5.41 3.32
CA GLN A 33 -3.38 6.45 3.26
C GLN A 33 -4.75 5.83 3.00
N ILE A 34 -4.74 4.77 2.19
CA ILE A 34 -5.98 4.08 1.86
C ILE A 34 -6.65 3.59 3.13
N ALA A 35 -5.84 3.03 4.01
CA ALA A 35 -6.34 2.50 5.27
C ALA A 35 -6.72 3.67 6.17
N CYS A 36 -5.90 4.71 6.14
CA CYS A 36 -6.15 5.88 6.95
C CYS A 36 -7.58 6.37 6.67
N GLY A 37 -7.92 6.39 5.39
CA GLY A 37 -9.24 6.83 4.99
C GLY A 37 -10.33 6.16 5.82
N ILE A 38 -10.12 4.89 6.11
CA ILE A 38 -11.07 4.12 6.90
C ILE A 38 -11.37 4.89 8.19
N SER A 39 -10.43 4.82 9.12
CA SER A 39 -10.58 5.50 10.39
C SER A 39 -9.25 5.52 11.14
N GLN A 40 -8.87 6.71 11.59
CA GLN A 40 -7.63 6.87 12.32
C GLN A 40 -7.45 5.73 13.33
N GLY A 41 -6.38 4.98 13.13
CA GLY A 41 -6.07 3.87 14.00
C GLY A 41 -5.75 2.60 13.20
N LEU A 42 -6.61 2.33 12.23
CA LEU A 42 -6.44 1.16 11.38
C LEU A 42 -4.98 1.09 10.92
N ALA A 43 -4.51 2.21 10.37
CA ALA A 43 -3.15 2.29 9.88
C ALA A 43 -2.19 1.81 10.97
N ASP A 44 -2.18 2.54 12.08
CA ASP A 44 -1.31 2.20 13.19
C ASP A 44 -1.39 0.70 13.46
N ASN A 45 -2.62 0.20 13.51
CA ASN A 45 -2.85 -1.22 13.75
C ASN A 45 -2.19 -2.03 12.63
N THR A 46 -2.49 -1.63 11.41
CA THR A 46 -1.94 -2.31 10.24
C THR A 46 -0.44 -2.52 10.41
N VAL A 47 0.01 -3.69 9.97
CA VAL A 47 1.42 -4.03 10.08
C VAL A 47 2.07 -3.92 8.69
N ILE A 48 1.43 -4.54 7.72
CA ILE A 48 1.93 -4.52 6.36
C ILE A 48 0.76 -4.69 5.38
N ALA A 49 0.87 -4.01 4.24
CA ALA A 49 -0.17 -4.07 3.23
C ALA A 49 0.33 -4.91 2.05
N LYS A 50 -0.55 -5.77 1.56
CA LYS A 50 -0.22 -6.62 0.43
C LYS A 50 -0.76 -6.00 -0.86
N VAL A 51 0.14 -5.81 -1.81
CA VAL A 51 -0.24 -5.23 -3.09
C VAL A 51 -0.09 -6.29 -4.19
N ASN A 52 -1.23 -6.83 -4.60
CA ASN A 52 -1.24 -7.84 -5.64
C ASN A 52 -0.82 -9.19 -5.03
N ASN A 53 -1.05 -9.32 -3.74
CA ASN A 53 -0.72 -10.54 -3.03
C ASN A 53 0.78 -10.54 -2.70
N VAL A 54 1.35 -9.33 -2.69
CA VAL A 54 2.76 -9.17 -2.38
C VAL A 54 2.93 -8.08 -1.32
N VAL A 55 3.84 -8.35 -0.39
CA VAL A 55 4.11 -7.41 0.68
C VAL A 55 4.41 -6.03 0.08
N TRP A 56 3.71 -5.03 0.59
CA TRP A 56 3.91 -3.67 0.12
C TRP A 56 4.03 -2.76 1.35
N ASP A 57 5.13 -2.02 1.39
CA ASP A 57 5.38 -1.11 2.49
C ASP A 57 4.31 0.00 2.48
N LEU A 58 3.91 0.39 3.68
CA LEU A 58 2.90 1.43 3.83
C LEU A 58 3.43 2.74 3.26
N ASP A 59 4.72 2.97 3.50
CA ASP A 59 5.36 4.19 3.03
C ASP A 59 5.81 3.98 1.58
N ARG A 60 4.89 3.50 0.77
CA ARG A 60 5.17 3.25 -0.64
C ARG A 60 3.87 3.25 -1.45
N PRO A 61 3.86 4.12 -2.49
CA PRO A 61 2.69 4.22 -3.35
C PRO A 61 2.60 3.02 -4.31
N LEU A 62 1.37 2.63 -4.59
CA LEU A 62 1.13 1.49 -5.48
C LEU A 62 1.71 1.81 -6.86
N GLU A 63 1.65 0.81 -7.73
CA GLU A 63 2.16 0.97 -9.08
C GLU A 63 1.02 1.01 -10.09
N GLU A 64 -0.01 0.23 -9.79
CA GLU A 64 -1.18 0.16 -10.65
C GLU A 64 -2.31 -0.62 -9.97
N ASP A 65 -3.42 -0.72 -10.67
CA ASP A 65 -4.58 -1.44 -10.14
C ASP A 65 -4.12 -2.78 -9.56
N CYS A 66 -4.30 -2.92 -8.26
CA CYS A 66 -3.91 -4.14 -7.57
C CYS A 66 -4.81 -4.31 -6.35
N THR A 67 -4.65 -5.45 -5.69
CA THR A 67 -5.44 -5.75 -4.50
C THR A 67 -4.67 -5.36 -3.24
N LEU A 68 -5.39 -4.71 -2.33
CA LEU A 68 -4.79 -4.27 -1.08
C LEU A 68 -5.31 -5.15 0.06
N GLU A 69 -4.39 -5.57 0.91
CA GLU A 69 -4.74 -6.41 2.04
C GLU A 69 -3.84 -6.09 3.24
N LEU A 70 -4.46 -5.52 4.26
CA LEU A 70 -3.73 -5.15 5.47
C LEU A 70 -3.34 -6.42 6.22
N LEU A 71 -2.17 -6.37 6.84
CA LEU A 71 -1.67 -7.52 7.60
C LEU A 71 -1.71 -7.17 9.09
N LYS A 72 -1.79 -8.22 9.89
CA LYS A 72 -1.84 -8.05 11.34
C LYS A 72 -0.46 -8.40 11.93
N PHE A 73 0.36 -9.01 11.10
CA PHE A 73 1.70 -9.40 11.52
C PHE A 73 2.59 -9.69 10.31
N GLU A 74 3.87 -9.39 10.47
CA GLU A 74 4.83 -9.61 9.41
C GLU A 74 5.53 -10.96 9.60
N ASP A 75 6.47 -11.23 8.70
CA ASP A 75 7.21 -12.48 8.75
C ASP A 75 8.70 -12.18 8.59
N GLU A 76 9.47 -12.63 9.57
CA GLU A 76 10.91 -12.42 9.55
C GLU A 76 11.45 -12.58 8.13
N GLU A 77 11.91 -11.46 7.58
CA GLU A 77 12.45 -11.47 6.23
C GLU A 77 13.60 -10.46 6.12
N ALA A 78 13.23 -9.19 6.23
CA ALA A 78 14.23 -8.13 6.14
C ALA A 78 14.43 -7.74 4.68
N GLN A 79 14.58 -8.77 3.85
CA GLN A 79 14.78 -8.57 2.42
C GLN A 79 13.94 -7.38 1.94
N ALA A 80 12.66 -7.43 2.27
CA ALA A 80 11.74 -6.38 1.87
C ALA A 80 10.52 -6.40 2.78
N VAL A 81 10.63 -5.66 3.88
CA VAL A 81 9.55 -5.58 4.84
C VAL A 81 9.59 -4.21 5.54
N TYR A 82 10.77 -3.86 6.01
CA TYR A 82 10.96 -2.59 6.69
C TYR A 82 11.42 -1.51 5.72
N SER A 83 10.71 -0.39 5.72
CA SER A 83 11.04 0.72 4.85
C SER A 83 12.40 1.31 5.26
N GLY A 84 13.22 1.57 4.24
CA GLY A 84 14.54 2.12 4.48
C GLY A 84 15.17 2.60 3.16
N PRO A 85 15.83 1.64 2.46
CA PRO A 85 16.48 1.95 1.20
C PRO A 85 15.44 2.12 0.08
N SER A 86 15.39 3.32 -0.47
CA SER A 86 14.46 3.62 -1.54
C SER A 86 14.73 5.02 -2.09
N SER A 87 14.71 5.99 -1.19
CA SER A 87 14.95 7.37 -1.56
C SER A 87 15.63 8.12 -0.41
N GLY A 88 16.67 8.88 -0.77
CA GLY A 88 17.41 9.64 0.22
C GLY A 88 18.19 8.72 1.15
N GLY A 1 -1.29 -6.07 -26.86
CA GLY A 1 -0.07 -5.65 -27.53
C GLY A 1 0.85 -4.90 -26.57
N SER A 2 1.90 -4.32 -27.15
CA SER A 2 2.86 -3.58 -26.35
C SER A 2 2.15 -2.45 -25.60
N SER A 3 2.31 -2.46 -24.27
CA SER A 3 1.70 -1.46 -23.43
C SER A 3 2.72 -0.92 -22.42
N GLY A 4 2.41 0.24 -21.87
CA GLY A 4 3.28 0.86 -20.90
C GLY A 4 4.17 1.93 -21.54
N SER A 5 5.35 2.09 -20.99
CA SER A 5 6.30 3.06 -21.51
C SER A 5 5.63 4.43 -21.62
N SER A 6 5.86 5.25 -20.62
CA SER A 6 5.27 6.59 -20.59
C SER A 6 5.83 7.38 -19.41
N GLY A 7 5.61 6.84 -18.23
CA GLY A 7 6.07 7.48 -17.00
C GLY A 7 5.15 8.63 -16.60
N ASP A 8 4.08 8.27 -15.90
CA ASP A 8 3.12 9.27 -15.44
C ASP A 8 2.07 8.58 -14.57
N SER A 9 1.71 9.26 -13.49
CA SER A 9 0.72 8.73 -12.56
C SER A 9 -0.63 8.57 -13.27
N LYS A 10 -1.42 7.65 -12.76
CA LYS A 10 -2.73 7.38 -13.33
C LYS A 10 -3.69 6.95 -12.23
N PRO A 11 -5.01 7.12 -12.50
CA PRO A 11 -6.03 6.75 -11.54
C PRO A 11 -6.20 5.23 -11.48
N ILE A 12 -5.77 4.65 -10.38
CA ILE A 12 -5.87 3.22 -10.18
C ILE A 12 -6.97 2.92 -9.17
N LYS A 13 -7.26 1.64 -9.02
CA LYS A 13 -8.29 1.21 -8.09
C LYS A 13 -7.71 0.17 -7.13
N VAL A 14 -7.83 0.47 -5.85
CA VAL A 14 -7.32 -0.42 -4.81
C VAL A 14 -8.49 -1.01 -4.03
N THR A 15 -8.62 -2.32 -4.12
CA THR A 15 -9.69 -3.02 -3.43
C THR A 15 -9.26 -3.39 -2.01
N LEU A 16 -10.08 -2.94 -1.06
CA LEU A 16 -9.79 -3.21 0.34
C LEU A 16 -9.84 -4.72 0.60
N PRO A 17 -9.22 -5.13 1.73
CA PRO A 17 -9.19 -6.54 2.10
C PRO A 17 -10.55 -7.00 2.63
N ASP A 18 -11.50 -6.08 2.60
CA ASP A 18 -12.84 -6.37 3.08
C ASP A 18 -13.76 -6.61 1.88
N GLY A 19 -13.28 -6.20 0.71
CA GLY A 19 -14.04 -6.37 -0.51
C GLY A 19 -14.34 -5.01 -1.15
N LYS A 20 -14.51 -4.00 -0.30
CA LYS A 20 -14.80 -2.66 -0.77
C LYS A 20 -13.71 -2.23 -1.75
N GLN A 21 -14.02 -1.17 -2.50
CA GLN A 21 -13.08 -0.65 -3.48
C GLN A 21 -12.84 0.84 -3.23
N VAL A 22 -11.65 1.29 -3.58
CA VAL A 22 -11.30 2.69 -3.41
C VAL A 22 -10.51 3.17 -4.64
N ASP A 23 -10.43 4.48 -4.77
CA ASP A 23 -9.71 5.08 -5.89
C ASP A 23 -8.32 5.52 -5.42
N ALA A 24 -7.31 5.14 -6.20
CA ALA A 24 -5.95 5.49 -5.87
C ALA A 24 -5.22 5.94 -7.15
N GLU A 25 -3.97 6.33 -6.98
CA GLU A 25 -3.17 6.78 -8.10
C GLU A 25 -1.75 6.18 -8.02
N SER A 26 -1.36 5.54 -9.10
CA SER A 26 -0.05 4.92 -9.17
C SER A 26 1.04 5.97 -8.93
N TRP A 27 1.97 5.62 -8.05
CA TRP A 27 3.06 6.53 -7.73
C TRP A 27 2.46 7.80 -7.14
N LYS A 28 1.33 7.64 -6.48
CA LYS A 28 0.65 8.76 -5.85
C LYS A 28 0.17 8.35 -4.46
N THR A 29 -0.92 7.59 -4.44
CA THR A 29 -1.48 7.13 -3.18
C THR A 29 -0.66 5.97 -2.62
N THR A 30 -0.99 5.60 -1.39
CA THR A 30 -0.28 4.52 -0.72
C THR A 30 -1.28 3.58 -0.04
N PRO A 31 -0.75 2.40 0.38
CA PRO A 31 -1.59 1.41 1.05
C PRO A 31 -1.87 1.82 2.49
N TYR A 32 -1.03 2.72 2.99
CA TYR A 32 -1.18 3.20 4.36
C TYR A 32 -2.26 4.29 4.43
N GLN A 33 -2.35 5.06 3.36
CA GLN A 33 -3.32 6.14 3.29
C GLN A 33 -4.73 5.57 3.09
N ILE A 34 -4.84 4.68 2.12
CA ILE A 34 -6.12 4.05 1.82
C ILE A 34 -6.82 3.67 3.12
N ALA A 35 -6.05 3.05 4.00
CA ALA A 35 -6.58 2.63 5.29
C ALA A 35 -7.05 3.86 6.07
N CYS A 36 -6.09 4.75 6.34
CA CYS A 36 -6.39 5.96 7.07
C CYS A 36 -7.72 6.53 6.55
N GLY A 37 -7.87 6.46 5.24
CA GLY A 37 -9.09 6.96 4.61
C GLY A 37 -10.33 6.50 5.37
N ILE A 38 -10.49 5.20 5.45
CA ILE A 38 -11.64 4.63 6.15
C ILE A 38 -11.86 5.38 7.46
N SER A 39 -10.88 5.29 8.34
CA SER A 39 -10.96 5.96 9.63
C SER A 39 -9.62 5.85 10.36
N GLN A 40 -9.18 6.97 10.92
CA GLN A 40 -7.94 7.01 11.64
C GLN A 40 -7.93 5.95 12.75
N GLY A 41 -7.03 4.98 12.59
CA GLY A 41 -6.90 3.91 13.56
C GLY A 41 -6.69 2.56 12.86
N LEU A 42 -7.32 2.43 11.70
CA LEU A 42 -7.22 1.21 10.93
C LEU A 42 -5.75 0.98 10.54
N ALA A 43 -5.08 2.08 10.27
CA ALA A 43 -3.68 2.02 9.88
C ALA A 43 -2.81 1.81 11.13
N ASP A 44 -3.45 1.97 12.28
CA ASP A 44 -2.76 1.79 13.55
C ASP A 44 -2.65 0.30 13.86
N ASN A 45 -3.45 -0.49 13.15
CA ASN A 45 -3.45 -1.92 13.34
C ASN A 45 -3.02 -2.61 12.04
N THR A 46 -1.80 -2.31 11.63
CA THR A 46 -1.27 -2.90 10.41
C THR A 46 0.25 -3.12 10.54
N VAL A 47 0.75 -4.05 9.74
CA VAL A 47 2.16 -4.36 9.75
C VAL A 47 2.75 -4.14 8.36
N ILE A 48 2.18 -4.85 7.40
CA ILE A 48 2.63 -4.74 6.02
C ILE A 48 1.43 -4.91 5.08
N ALA A 49 1.35 -4.01 4.12
CA ALA A 49 0.26 -4.04 3.16
C ALA A 49 0.69 -4.88 1.94
N LYS A 50 -0.24 -5.69 1.46
CA LYS A 50 0.04 -6.55 0.32
C LYS A 50 -0.60 -5.93 -0.93
N VAL A 51 0.24 -5.72 -1.93
CA VAL A 51 -0.22 -5.13 -3.18
C VAL A 51 -0.19 -6.20 -4.28
N ASN A 52 -1.36 -6.77 -4.53
CA ASN A 52 -1.48 -7.80 -5.55
C ASN A 52 -0.97 -9.13 -4.99
N ASN A 53 -1.22 -9.33 -3.70
CA ASN A 53 -0.80 -10.54 -3.03
C ASN A 53 0.72 -10.53 -2.88
N VAL A 54 1.27 -9.32 -2.87
CA VAL A 54 2.71 -9.16 -2.74
C VAL A 54 3.00 -8.11 -1.66
N VAL A 55 4.00 -8.41 -0.83
CA VAL A 55 4.38 -7.50 0.24
C VAL A 55 4.61 -6.11 -0.34
N TRP A 56 3.99 -5.13 0.30
CA TRP A 56 4.12 -3.75 -0.12
C TRP A 56 4.24 -2.87 1.11
N ASP A 57 5.31 -2.09 1.15
CA ASP A 57 5.55 -1.20 2.28
C ASP A 57 4.44 -0.16 2.34
N LEU A 58 4.10 0.23 3.56
CA LEU A 58 3.05 1.22 3.78
C LEU A 58 3.57 2.59 3.36
N ASP A 59 4.89 2.73 3.39
CA ASP A 59 5.52 3.99 3.03
C ASP A 59 5.95 3.93 1.56
N ARG A 60 5.13 3.25 0.76
CA ARG A 60 5.41 3.11 -0.66
C ARG A 60 4.12 3.20 -1.47
N PRO A 61 4.17 4.02 -2.56
CA PRO A 61 3.01 4.20 -3.42
C PRO A 61 2.79 2.97 -4.31
N LEU A 62 1.53 2.69 -4.58
CA LEU A 62 1.17 1.56 -5.40
C LEU A 62 1.76 1.74 -6.80
N GLU A 63 1.51 0.76 -7.65
CA GLU A 63 2.02 0.80 -9.02
C GLU A 63 0.86 0.91 -10.01
N GLU A 64 -0.22 0.22 -9.69
CA GLU A 64 -1.40 0.23 -10.53
C GLU A 64 -2.53 -0.59 -9.90
N ASP A 65 -3.63 -0.71 -10.62
CA ASP A 65 -4.77 -1.45 -10.15
C ASP A 65 -4.29 -2.75 -9.47
N CYS A 66 -4.48 -2.81 -8.17
CA CYS A 66 -4.07 -3.97 -7.40
C CYS A 66 -5.00 -4.09 -6.18
N THR A 67 -4.68 -5.06 -5.33
CA THR A 67 -5.46 -5.28 -4.13
C THR A 67 -4.66 -4.92 -2.89
N LEU A 68 -5.37 -4.43 -1.88
CA LEU A 68 -4.74 -4.04 -0.63
C LEU A 68 -5.14 -5.02 0.47
N GLU A 69 -4.16 -5.36 1.29
CA GLU A 69 -4.40 -6.29 2.39
C GLU A 69 -3.43 -6.00 3.54
N LEU A 70 -3.99 -5.45 4.61
CA LEU A 70 -3.19 -5.11 5.79
C LEU A 70 -2.94 -6.39 6.60
N LEU A 71 -1.69 -6.58 6.96
CA LEU A 71 -1.30 -7.75 7.74
C LEU A 71 -1.51 -7.46 9.22
N LYS A 72 -1.76 -8.53 9.97
CA LYS A 72 -1.98 -8.40 11.40
C LYS A 72 -0.63 -8.44 12.13
N PHE A 73 0.30 -9.17 11.54
CA PHE A 73 1.63 -9.30 12.12
C PHE A 73 2.62 -9.84 11.10
N GLU A 74 3.88 -9.52 11.32
CA GLU A 74 4.94 -9.96 10.44
C GLU A 74 6.22 -10.26 11.22
N ASP A 75 7.11 -11.02 10.60
CA ASP A 75 8.36 -11.39 11.22
C ASP A 75 9.38 -11.77 10.15
N GLU A 76 10.23 -10.80 9.82
CA GLU A 76 11.25 -11.03 8.81
C GLU A 76 12.02 -9.73 8.54
N GLU A 77 13.04 -9.51 9.35
CA GLU A 77 13.85 -8.31 9.22
C GLU A 77 13.01 -7.06 9.43
N ALA A 78 13.69 -5.99 9.84
CA ALA A 78 13.01 -4.73 10.09
C ALA A 78 13.07 -3.87 8.82
N GLN A 79 14.26 -3.34 8.56
CA GLN A 79 14.46 -2.50 7.39
C GLN A 79 13.25 -1.60 7.16
N ALA A 80 13.19 -0.52 7.93
CA ALA A 80 12.09 0.42 7.82
C ALA A 80 10.79 -0.35 7.66
N VAL A 81 10.35 -0.95 8.76
CA VAL A 81 9.11 -1.72 8.75
C VAL A 81 7.97 -0.86 9.29
N TYR A 82 8.29 0.41 9.54
CA TYR A 82 7.31 1.34 10.06
C TYR A 82 7.78 2.78 9.89
N SER A 83 6.89 3.71 10.20
CA SER A 83 7.19 5.13 10.09
C SER A 83 7.63 5.68 11.45
N GLY A 84 6.78 5.48 12.43
CA GLY A 84 7.07 5.95 13.78
C GLY A 84 5.77 6.19 14.56
N PRO A 85 5.93 6.42 15.89
CA PRO A 85 4.79 6.68 16.75
C PRO A 85 4.25 8.09 16.54
N SER A 86 3.71 8.31 15.35
CA SER A 86 3.16 9.62 15.02
C SER A 86 4.26 10.68 15.07
N SER A 87 4.39 11.29 16.24
CA SER A 87 5.40 12.32 16.43
C SER A 87 6.48 11.83 17.41
N GLY A 88 7.72 11.95 16.98
CA GLY A 88 8.84 11.53 17.80
C GLY A 88 10.17 11.82 17.11
N GLY A 1 13.16 -4.81 -22.18
CA GLY A 1 13.16 -3.38 -22.44
C GLY A 1 12.33 -3.04 -23.68
N SER A 2 11.02 -3.20 -23.54
CA SER A 2 10.12 -2.91 -24.64
C SER A 2 9.61 -1.47 -24.54
N SER A 3 10.12 -0.64 -25.43
CA SER A 3 9.73 0.76 -25.46
C SER A 3 9.98 1.39 -24.08
N GLY A 4 11.20 1.87 -23.90
CA GLY A 4 11.57 2.50 -22.64
C GLY A 4 10.52 3.51 -22.20
N SER A 5 10.00 3.30 -20.99
CA SER A 5 8.99 4.19 -20.45
C SER A 5 9.66 5.34 -19.69
N SER A 6 8.90 6.41 -19.52
CA SER A 6 9.39 7.58 -18.83
C SER A 6 9.01 7.52 -17.35
N GLY A 7 7.70 7.49 -17.11
CA GLY A 7 7.18 7.44 -15.76
C GLY A 7 6.11 8.51 -15.53
N ASP A 8 5.00 8.07 -14.97
CA ASP A 8 3.89 8.98 -14.70
C ASP A 8 2.85 8.26 -13.84
N SER A 9 2.01 9.05 -13.19
CA SER A 9 0.97 8.51 -12.33
C SER A 9 -0.37 8.52 -13.07
N LYS A 10 -1.14 7.47 -12.85
CA LYS A 10 -2.44 7.34 -13.48
C LYS A 10 -3.46 6.86 -12.46
N PRO A 11 -4.75 6.83 -12.90
CA PRO A 11 -5.83 6.40 -12.02
C PRO A 11 -5.81 4.88 -11.85
N ILE A 12 -5.55 4.45 -10.62
CA ILE A 12 -5.51 3.03 -10.31
C ILE A 12 -6.67 2.68 -9.39
N LYS A 13 -6.96 1.39 -9.31
CA LYS A 13 -8.04 0.91 -8.48
C LYS A 13 -7.47 -0.03 -7.40
N VAL A 14 -7.72 0.34 -6.15
CA VAL A 14 -7.24 -0.45 -5.03
C VAL A 14 -8.43 -1.05 -4.29
N THR A 15 -8.53 -2.38 -4.36
CA THR A 15 -9.61 -3.09 -3.70
C THR A 15 -9.24 -3.42 -2.26
N LEU A 16 -10.09 -2.97 -1.35
CA LEU A 16 -9.86 -3.22 0.06
C LEU A 16 -9.92 -4.72 0.35
N PRO A 17 -9.35 -5.11 1.52
CA PRO A 17 -9.32 -6.52 1.90
C PRO A 17 -10.70 -6.97 2.37
N ASP A 18 -11.67 -6.06 2.28
CA ASP A 18 -13.02 -6.36 2.69
C ASP A 18 -13.87 -6.68 1.46
N GLY A 19 -13.34 -6.30 0.30
CA GLY A 19 -14.03 -6.54 -0.96
C GLY A 19 -14.36 -5.22 -1.66
N LYS A 20 -14.61 -4.20 -0.86
CA LYS A 20 -14.93 -2.89 -1.40
C LYS A 20 -13.78 -2.41 -2.28
N GLN A 21 -14.04 -1.31 -3.00
CA GLN A 21 -13.04 -0.75 -3.88
C GLN A 21 -12.84 0.73 -3.57
N VAL A 22 -11.69 1.24 -3.99
CA VAL A 22 -11.36 2.63 -3.77
C VAL A 22 -10.65 3.19 -4.99
N ASP A 23 -10.55 4.52 -5.03
CA ASP A 23 -9.91 5.18 -6.15
C ASP A 23 -8.52 5.67 -5.70
N ALA A 24 -7.51 5.22 -6.43
CA ALA A 24 -6.13 5.60 -6.13
C ALA A 24 -5.40 5.90 -7.44
N GLU A 25 -4.15 6.32 -7.28
CA GLU A 25 -3.33 6.65 -8.44
C GLU A 25 -1.92 6.09 -8.24
N SER A 26 -1.38 5.56 -9.33
CA SER A 26 -0.04 4.99 -9.30
C SER A 26 0.98 6.06 -8.90
N TRP A 27 1.79 5.73 -7.91
CA TRP A 27 2.81 6.66 -7.44
C TRP A 27 2.10 7.91 -6.93
N LYS A 28 0.93 7.69 -6.34
CA LYS A 28 0.15 8.80 -5.81
C LYS A 28 -0.34 8.45 -4.40
N THR A 29 -1.33 7.56 -4.36
CA THR A 29 -1.90 7.13 -3.10
C THR A 29 -1.10 5.95 -2.53
N THR A 30 -1.38 5.64 -1.28
CA THR A 30 -0.70 4.54 -0.60
C THR A 30 -1.72 3.63 0.09
N PRO A 31 -1.22 2.44 0.52
CA PRO A 31 -2.07 1.47 1.20
C PRO A 31 -2.35 1.91 2.64
N TYR A 32 -1.50 2.80 3.13
CA TYR A 32 -1.65 3.30 4.49
C TYR A 32 -2.70 4.41 4.55
N GLN A 33 -2.77 5.17 3.46
CA GLN A 33 -3.73 6.26 3.38
C GLN A 33 -5.14 5.72 3.18
N ILE A 34 -5.25 4.80 2.22
CA ILE A 34 -6.54 4.20 1.92
C ILE A 34 -7.26 3.85 3.22
N ALA A 35 -6.57 3.08 4.06
CA ALA A 35 -7.13 2.68 5.34
C ALA A 35 -7.43 3.92 6.17
N CYS A 36 -6.38 4.68 6.46
CA CYS A 36 -6.52 5.90 7.25
C CYS A 36 -7.78 6.63 6.77
N GLY A 37 -7.78 6.96 5.49
CA GLY A 37 -8.91 7.66 4.89
C GLY A 37 -10.24 7.08 5.38
N ILE A 38 -10.25 5.76 5.52
CA ILE A 38 -11.44 5.07 5.96
C ILE A 38 -11.60 5.26 7.48
N SER A 39 -10.58 4.83 8.20
CA SER A 39 -10.59 4.94 9.66
C SER A 39 -9.17 5.20 10.16
N GLN A 40 -9.07 6.17 11.07
CA GLN A 40 -7.79 6.53 11.65
C GLN A 40 -7.53 5.72 12.91
N GLY A 41 -6.59 4.79 12.81
CA GLY A 41 -6.24 3.94 13.94
C GLY A 41 -5.69 2.60 13.47
N LEU A 42 -6.60 1.76 12.97
CA LEU A 42 -6.22 0.45 12.49
C LEU A 42 -4.93 0.56 11.68
N ALA A 43 -4.85 1.62 10.89
CA ALA A 43 -3.67 1.85 10.07
C ALA A 43 -2.43 1.83 10.95
N ASP A 44 -2.49 2.59 12.04
CA ASP A 44 -1.37 2.67 12.96
C ASP A 44 -0.93 1.25 13.33
N ASN A 45 -1.91 0.39 13.55
CA ASN A 45 -1.63 -0.99 13.90
C ASN A 45 -1.83 -1.89 12.67
N THR A 46 -0.79 -1.93 11.84
CA THR A 46 -0.84 -2.73 10.63
C THR A 46 0.57 -3.03 10.14
N VAL A 47 1.01 -4.26 10.38
CA VAL A 47 2.33 -4.69 9.96
C VAL A 47 2.64 -4.10 8.58
N ILE A 48 2.27 -4.86 7.55
CA ILE A 48 2.51 -4.43 6.19
C ILE A 48 1.27 -4.74 5.34
N ALA A 49 1.08 -3.93 4.31
CA ALA A 49 -0.06 -4.11 3.42
C ALA A 49 0.39 -4.91 2.19
N LYS A 50 -0.53 -5.73 1.71
CA LYS A 50 -0.25 -6.56 0.54
C LYS A 50 -0.83 -5.89 -0.70
N VAL A 51 0.00 -5.78 -1.73
CA VAL A 51 -0.41 -5.17 -2.98
C VAL A 51 -0.33 -6.20 -4.10
N ASN A 52 -1.50 -6.64 -4.55
CA ASN A 52 -1.57 -7.62 -5.61
C ASN A 52 -1.22 -9.00 -5.05
N ASN A 53 -1.39 -9.14 -3.74
CA ASN A 53 -1.09 -10.40 -3.07
C ASN A 53 0.40 -10.47 -2.78
N VAL A 54 1.04 -9.31 -2.79
CA VAL A 54 2.46 -9.23 -2.52
C VAL A 54 2.73 -8.14 -1.47
N VAL A 55 3.63 -8.47 -0.56
CA VAL A 55 3.98 -7.54 0.51
C VAL A 55 4.22 -6.15 -0.09
N TRP A 56 3.69 -5.15 0.58
CA TRP A 56 3.83 -3.78 0.13
C TRP A 56 3.94 -2.88 1.37
N ASP A 57 4.99 -2.07 1.39
CA ASP A 57 5.20 -1.16 2.50
C ASP A 57 4.09 -0.11 2.53
N LEU A 58 3.69 0.25 3.73
CA LEU A 58 2.64 1.25 3.91
C LEU A 58 3.16 2.62 3.50
N ASP A 59 4.48 2.69 3.35
CA ASP A 59 5.12 3.94 2.96
C ASP A 59 5.28 3.97 1.44
N ARG A 60 5.45 2.78 0.87
CA ARG A 60 5.62 2.66 -0.57
C ARG A 60 4.27 2.81 -1.27
N PRO A 61 4.23 3.76 -2.25
CA PRO A 61 3.02 4.00 -3.02
C PRO A 61 2.78 2.89 -4.04
N LEU A 62 1.50 2.61 -4.26
CA LEU A 62 1.12 1.57 -5.21
C LEU A 62 1.83 1.82 -6.55
N GLU A 63 1.63 0.89 -7.47
CA GLU A 63 2.24 1.00 -8.78
C GLU A 63 1.15 1.10 -9.86
N GLU A 64 0.08 0.34 -9.65
CA GLU A 64 -1.03 0.33 -10.59
C GLU A 64 -2.19 -0.48 -10.02
N ASP A 65 -3.25 -0.58 -10.82
CA ASP A 65 -4.42 -1.32 -10.41
C ASP A 65 -3.99 -2.62 -9.72
N CYS A 66 -4.23 -2.65 -8.41
CA CYS A 66 -3.87 -3.81 -7.62
C CYS A 66 -4.82 -3.88 -6.41
N THR A 67 -4.57 -4.87 -5.56
CA THR A 67 -5.38 -5.06 -4.38
C THR A 67 -4.66 -4.51 -3.14
N LEU A 68 -5.39 -4.49 -2.04
CA LEU A 68 -4.83 -4.00 -0.78
C LEU A 68 -5.29 -4.91 0.36
N GLU A 69 -4.31 -5.40 1.11
CA GLU A 69 -4.59 -6.29 2.22
C GLU A 69 -3.61 -6.03 3.37
N LEU A 70 -4.14 -5.47 4.44
CA LEU A 70 -3.31 -5.17 5.60
C LEU A 70 -3.15 -6.44 6.45
N LEU A 71 -1.89 -6.76 6.73
CA LEU A 71 -1.58 -7.93 7.53
C LEU A 71 -1.75 -7.60 9.01
N LYS A 72 -2.02 -8.63 9.79
CA LYS A 72 -2.21 -8.46 11.22
C LYS A 72 -0.87 -8.69 11.94
N PHE A 73 -0.01 -9.44 11.27
CA PHE A 73 1.30 -9.74 11.83
C PHE A 73 1.99 -10.87 11.05
N GLU A 74 3.29 -10.71 10.85
CA GLU A 74 4.05 -11.70 10.13
C GLU A 74 4.82 -12.60 11.11
N ASP A 75 5.35 -13.69 10.59
CA ASP A 75 6.10 -14.63 11.40
C ASP A 75 7.13 -15.35 10.53
N GLU A 76 8.19 -14.63 10.21
CA GLU A 76 9.25 -15.18 9.37
C GLU A 76 10.62 -14.65 9.82
N GLU A 77 10.75 -13.34 9.75
CA GLU A 77 11.99 -12.69 10.14
C GLU A 77 11.70 -11.40 10.92
N ALA A 78 12.77 -10.73 11.30
CA ALA A 78 12.64 -9.49 12.04
C ALA A 78 13.24 -8.34 11.23
N GLN A 79 13.22 -7.16 11.82
CA GLN A 79 13.76 -5.98 11.17
C GLN A 79 12.99 -5.69 9.87
N ALA A 80 12.40 -4.50 9.82
CA ALA A 80 11.63 -4.09 8.67
C ALA A 80 10.35 -4.92 8.59
N VAL A 81 9.65 -4.98 9.71
CA VAL A 81 8.41 -5.73 9.79
C VAL A 81 7.36 -4.90 10.53
N TYR A 82 7.66 -4.59 11.78
CA TYR A 82 6.75 -3.80 12.59
C TYR A 82 7.49 -2.63 13.26
N SER A 83 7.03 -1.43 12.93
CA SER A 83 7.62 -0.23 13.48
C SER A 83 7.04 0.06 14.87
N GLY A 84 7.67 1.01 15.56
CA GLY A 84 7.23 1.37 16.89
C GLY A 84 7.65 2.81 17.22
N PRO A 85 8.05 3.00 18.51
CA PRO A 85 8.49 4.32 18.97
C PRO A 85 9.88 4.64 18.45
N SER A 86 10.76 3.66 18.52
CA SER A 86 12.13 3.83 18.07
C SER A 86 12.84 2.47 18.02
N SER A 87 12.91 1.91 16.83
CA SER A 87 13.56 0.62 16.65
C SER A 87 15.03 0.82 16.25
N GLY A 88 15.91 0.39 17.13
CA GLY A 88 17.34 0.53 16.90
C GLY A 88 18.13 -0.33 17.88
N GLY A 1 16.71 10.06 -29.90
CA GLY A 1 17.64 9.87 -28.81
C GLY A 1 17.09 10.43 -27.50
N SER A 2 16.02 9.79 -27.04
CA SER A 2 15.39 10.22 -25.80
C SER A 2 15.93 9.41 -24.62
N SER A 3 16.52 10.13 -23.67
CA SER A 3 17.08 9.49 -22.49
C SER A 3 16.40 10.02 -21.23
N GLY A 4 15.45 9.23 -20.73
CA GLY A 4 14.72 9.61 -19.54
C GLY A 4 13.83 8.45 -19.06
N SER A 5 13.52 8.48 -17.77
CA SER A 5 12.69 7.46 -17.18
C SER A 5 11.24 7.62 -17.64
N SER A 6 10.74 6.60 -18.29
CA SER A 6 9.37 6.62 -18.79
C SER A 6 8.40 6.25 -17.66
N GLY A 7 7.77 7.28 -17.10
CA GLY A 7 6.83 7.07 -16.02
C GLY A 7 5.70 8.11 -16.08
N ASP A 8 4.57 7.75 -15.50
CA ASP A 8 3.42 8.63 -15.48
C ASP A 8 2.37 8.07 -14.52
N SER A 9 1.84 8.95 -13.68
CA SER A 9 0.83 8.56 -12.71
C SER A 9 -0.53 8.44 -13.41
N LYS A 10 -1.27 7.42 -13.01
CA LYS A 10 -2.59 7.19 -13.58
C LYS A 10 -3.55 6.75 -12.47
N PRO A 11 -4.87 6.93 -12.74
CA PRO A 11 -5.90 6.56 -11.79
C PRO A 11 -6.08 5.04 -11.73
N ILE A 12 -5.65 4.47 -10.61
CA ILE A 12 -5.77 3.04 -10.41
C ILE A 12 -6.90 2.75 -9.43
N LYS A 13 -7.24 1.46 -9.33
CA LYS A 13 -8.30 1.04 -8.44
C LYS A 13 -7.73 0.06 -7.40
N VAL A 14 -7.89 0.43 -6.14
CA VAL A 14 -7.40 -0.40 -5.05
C VAL A 14 -8.58 -0.90 -4.22
N THR A 15 -8.69 -2.21 -4.14
CA THR A 15 -9.78 -2.83 -3.39
C THR A 15 -9.32 -3.13 -1.96
N LEU A 16 -10.16 -2.77 -1.01
CA LEU A 16 -9.86 -2.99 0.39
C LEU A 16 -9.96 -4.49 0.69
N PRO A 17 -9.34 -4.89 1.84
CA PRO A 17 -9.34 -6.28 2.25
C PRO A 17 -10.71 -6.68 2.81
N ASP A 18 -11.63 -5.74 2.76
CA ASP A 18 -12.98 -5.97 3.26
C ASP A 18 -13.93 -6.19 2.09
N GLY A 19 -13.44 -5.81 0.90
CA GLY A 19 -14.23 -5.97 -0.30
C GLY A 19 -14.48 -4.60 -0.96
N LYS A 20 -14.57 -3.58 -0.12
CA LYS A 20 -14.81 -2.23 -0.60
C LYS A 20 -13.75 -1.87 -1.65
N GLN A 21 -13.99 -0.77 -2.33
CA GLN A 21 -13.08 -0.31 -3.35
C GLN A 21 -12.76 1.17 -3.16
N VAL A 22 -11.55 1.55 -3.56
CA VAL A 22 -11.12 2.94 -3.43
C VAL A 22 -10.37 3.35 -4.71
N ASP A 23 -10.32 4.66 -4.93
CA ASP A 23 -9.65 5.19 -6.09
C ASP A 23 -8.27 5.71 -5.69
N ALA A 24 -7.25 5.20 -6.36
CA ALA A 24 -5.88 5.61 -6.09
C ALA A 24 -5.16 5.89 -7.40
N GLU A 25 -3.91 6.28 -7.28
CA GLU A 25 -3.10 6.59 -8.44
C GLU A 25 -1.71 5.96 -8.31
N SER A 26 -1.28 5.32 -9.39
CA SER A 26 0.02 4.68 -9.40
C SER A 26 1.13 5.72 -9.23
N TRP A 27 1.92 5.54 -8.18
CA TRP A 27 3.00 6.46 -7.88
C TRP A 27 2.40 7.76 -7.37
N LYS A 28 1.33 7.62 -6.61
CA LYS A 28 0.65 8.77 -6.05
C LYS A 28 0.09 8.42 -4.67
N THR A 29 -0.81 7.44 -4.67
CA THR A 29 -1.44 7.00 -3.44
C THR A 29 -0.76 5.72 -2.94
N THR A 30 -0.73 5.58 -1.62
CA THR A 30 -0.13 4.42 -1.00
C THR A 30 -1.16 3.65 -0.17
N PRO A 31 -0.72 2.48 0.36
CA PRO A 31 -1.60 1.65 1.17
C PRO A 31 -1.78 2.25 2.57
N TYR A 32 -0.84 3.09 2.94
CA TYR A 32 -0.88 3.74 4.24
C TYR A 32 -1.96 4.83 4.27
N GLN A 33 -2.17 5.44 3.11
CA GLN A 33 -3.17 6.50 3.00
C GLN A 33 -4.57 5.90 2.90
N ILE A 34 -4.73 4.99 1.95
CA ILE A 34 -6.01 4.33 1.75
C ILE A 34 -6.62 3.96 3.11
N ALA A 35 -5.88 3.12 3.83
CA ALA A 35 -6.32 2.69 5.14
C ALA A 35 -6.61 3.91 6.02
N CYS A 36 -5.70 4.86 5.95
CA CYS A 36 -5.83 6.08 6.74
C CYS A 36 -7.15 6.75 6.36
N GLY A 37 -7.66 6.37 5.20
CA GLY A 37 -8.91 6.92 4.71
C GLY A 37 -10.07 5.95 4.97
N ILE A 38 -9.98 5.26 6.08
CA ILE A 38 -11.00 4.29 6.46
C ILE A 38 -11.55 4.66 7.84
N SER A 39 -10.75 4.37 8.86
CA SER A 39 -11.15 4.65 10.22
C SER A 39 -9.92 4.68 11.12
N GLN A 40 -9.90 5.64 12.03
CA GLN A 40 -8.79 5.79 12.96
C GLN A 40 -8.63 4.52 13.79
N GLY A 41 -7.56 3.78 13.49
CA GLY A 41 -7.28 2.55 14.21
C GLY A 41 -6.98 1.41 13.22
N LEU A 42 -7.45 1.58 12.00
CA LEU A 42 -7.24 0.58 10.97
C LEU A 42 -5.76 0.56 10.59
N ALA A 43 -5.34 1.63 9.93
CA ALA A 43 -3.96 1.74 9.50
C ALA A 43 -3.04 1.56 10.70
N ASP A 44 -3.54 1.99 11.86
CA ASP A 44 -2.78 1.88 13.09
C ASP A 44 -2.47 0.41 13.38
N ASN A 45 -3.50 -0.41 13.25
CA ASN A 45 -3.36 -1.84 13.48
C ASN A 45 -2.92 -2.52 12.19
N THR A 46 -1.85 -2.00 11.61
CA THR A 46 -1.32 -2.54 10.37
C THR A 46 0.17 -2.82 10.50
N VAL A 47 0.56 -4.03 10.12
CA VAL A 47 1.96 -4.42 10.19
C VAL A 47 2.60 -4.27 8.81
N ILE A 48 1.92 -4.85 7.82
CA ILE A 48 2.41 -4.79 6.46
C ILE A 48 1.22 -4.78 5.49
N ALA A 49 1.37 -4.02 4.42
CA ALA A 49 0.32 -3.90 3.42
C ALA A 49 0.71 -4.73 2.19
N LYS A 50 -0.25 -5.53 1.74
CA LYS A 50 -0.02 -6.37 0.57
C LYS A 50 -0.61 -5.69 -0.67
N VAL A 51 0.14 -5.76 -1.75
CA VAL A 51 -0.29 -5.16 -3.01
C VAL A 51 -0.27 -6.22 -4.11
N ASN A 52 -1.45 -6.74 -4.40
CA ASN A 52 -1.59 -7.75 -5.43
C ASN A 52 -1.11 -9.10 -4.88
N ASN A 53 -1.18 -9.23 -3.56
CA ASN A 53 -0.75 -10.45 -2.91
C ASN A 53 0.77 -10.43 -2.72
N VAL A 54 1.31 -9.23 -2.80
CA VAL A 54 2.75 -9.04 -2.65
C VAL A 54 3.02 -7.96 -1.61
N VAL A 55 3.87 -8.30 -0.65
CA VAL A 55 4.21 -7.37 0.41
C VAL A 55 4.49 -5.99 -0.20
N TRP A 56 3.94 -4.97 0.44
CA TRP A 56 4.12 -3.62 -0.03
C TRP A 56 4.30 -2.71 1.19
N ASP A 57 5.30 -1.84 1.12
CA ASP A 57 5.58 -0.92 2.20
C ASP A 57 4.50 0.15 2.26
N LEU A 58 4.16 0.55 3.47
CA LEU A 58 3.15 1.57 3.67
C LEU A 58 3.66 2.91 3.14
N ASP A 59 4.97 3.11 3.29
CA ASP A 59 5.59 4.34 2.83
C ASP A 59 6.00 4.17 1.36
N ARG A 60 5.08 3.63 0.58
CA ARG A 60 5.34 3.42 -0.84
C ARG A 60 4.01 3.36 -1.62
N PRO A 61 3.97 4.17 -2.72
CA PRO A 61 2.78 4.21 -3.55
C PRO A 61 2.65 2.95 -4.40
N LEU A 62 1.40 2.58 -4.66
CA LEU A 62 1.13 1.39 -5.46
C LEU A 62 1.77 1.56 -6.84
N GLU A 63 1.53 0.58 -7.69
CA GLU A 63 2.08 0.60 -9.04
C GLU A 63 0.94 0.67 -10.07
N GLU A 64 -0.15 0.01 -9.73
CA GLU A 64 -1.31 -0.02 -10.61
C GLU A 64 -2.46 -0.80 -9.97
N ASP A 65 -3.56 -0.88 -10.70
CA ASP A 65 -4.72 -1.59 -10.21
C ASP A 65 -4.28 -2.87 -9.51
N CYS A 66 -4.42 -2.87 -8.19
CA CYS A 66 -4.04 -4.03 -7.39
C CYS A 66 -4.90 -4.05 -6.14
N THR A 67 -4.79 -5.15 -5.40
CA THR A 67 -5.55 -5.32 -4.17
C THR A 67 -4.73 -4.85 -2.97
N LEU A 68 -5.44 -4.37 -1.97
CA LEU A 68 -4.79 -3.88 -0.75
C LEU A 68 -5.22 -4.76 0.42
N GLU A 69 -4.24 -5.19 1.20
CA GLU A 69 -4.51 -6.02 2.35
C GLU A 69 -3.53 -5.68 3.49
N LEU A 70 -4.09 -5.33 4.62
CA LEU A 70 -3.28 -4.98 5.79
C LEU A 70 -2.96 -6.25 6.58
N LEU A 71 -1.72 -6.33 7.02
CA LEU A 71 -1.27 -7.48 7.79
C LEU A 71 -1.29 -7.13 9.28
N LYS A 72 -1.42 -8.17 10.09
CA LYS A 72 -1.45 -7.99 11.54
C LYS A 72 -0.08 -8.32 12.12
N PHE A 73 0.68 -9.10 11.36
CA PHE A 73 2.01 -9.49 11.79
C PHE A 73 2.73 -10.28 10.69
N GLU A 74 3.98 -9.92 10.47
CA GLU A 74 4.78 -10.59 9.45
C GLU A 74 6.26 -10.58 9.85
N ASP A 75 6.50 -10.96 11.10
CA ASP A 75 7.85 -11.01 11.62
C ASP A 75 8.37 -9.59 11.82
N GLU A 76 8.41 -9.18 13.08
CA GLU A 76 8.87 -7.84 13.41
C GLU A 76 10.34 -7.88 13.82
N GLU A 77 11.19 -7.35 12.95
CA GLU A 77 12.62 -7.32 13.21
C GLU A 77 13.24 -6.07 12.57
N ALA A 78 13.01 -5.92 11.28
CA ALA A 78 13.54 -4.79 10.54
C ALA A 78 13.12 -4.89 9.08
N GLN A 79 13.69 -4.01 8.28
CA GLN A 79 13.38 -3.99 6.85
C GLN A 79 11.93 -3.54 6.63
N ALA A 80 11.02 -4.46 6.91
CA ALA A 80 9.60 -4.17 6.74
C ALA A 80 8.88 -4.42 8.07
N VAL A 81 8.79 -3.35 8.86
CA VAL A 81 8.13 -3.44 10.14
C VAL A 81 7.13 -2.29 10.28
N TYR A 82 7.63 -1.09 10.10
CA TYR A 82 6.78 0.10 10.20
C TYR A 82 7.27 1.19 9.24
N SER A 83 6.52 2.28 9.20
CA SER A 83 6.85 3.40 8.33
C SER A 83 7.87 4.31 9.02
N GLY A 84 9.11 4.20 8.57
CA GLY A 84 10.19 5.01 9.14
C GLY A 84 11.31 5.20 8.13
N PRO A 85 12.53 5.45 8.67
CA PRO A 85 13.70 5.64 7.84
C PRO A 85 14.20 4.32 7.26
N SER A 86 14.12 4.21 5.95
CA SER A 86 14.55 3.01 5.27
C SER A 86 14.54 3.23 3.75
N SER A 87 15.66 2.90 3.12
CA SER A 87 15.80 3.05 1.69
C SER A 87 15.50 4.51 1.29
N GLY A 88 16.59 5.26 1.12
CA GLY A 88 16.47 6.66 0.74
C GLY A 88 17.85 7.29 0.55
N GLY A 1 18.47 -2.29 -25.62
CA GLY A 1 17.04 -2.51 -25.48
C GLY A 1 16.33 -1.21 -25.08
N SER A 2 15.29 -0.88 -25.84
CA SER A 2 14.53 0.32 -25.58
C SER A 2 13.03 0.00 -25.56
N SER A 3 12.27 0.89 -24.94
CA SER A 3 10.83 0.71 -24.85
C SER A 3 10.12 2.03 -25.14
N GLY A 4 10.45 3.04 -24.34
CA GLY A 4 9.85 4.35 -24.50
C GLY A 4 9.92 5.14 -23.20
N SER A 5 9.28 6.30 -23.22
CA SER A 5 9.27 7.17 -22.05
C SER A 5 7.85 7.25 -21.47
N SER A 6 7.79 7.26 -20.15
CA SER A 6 6.51 7.33 -19.46
C SER A 6 6.72 7.71 -18.00
N GLY A 7 6.50 9.00 -17.71
CA GLY A 7 6.67 9.50 -16.36
C GLY A 7 5.45 10.31 -15.93
N ASP A 8 4.61 9.67 -15.12
CA ASP A 8 3.41 10.32 -14.63
C ASP A 8 2.54 9.28 -13.91
N SER A 9 1.69 9.78 -13.02
CA SER A 9 0.81 8.92 -12.26
C SER A 9 -0.52 8.75 -13.00
N LYS A 10 -1.24 7.71 -12.61
CA LYS A 10 -2.53 7.42 -13.23
C LYS A 10 -3.51 6.95 -12.16
N PRO A 11 -4.83 7.10 -12.47
CA PRO A 11 -5.87 6.69 -11.55
C PRO A 11 -6.01 5.16 -11.53
N ILE A 12 -5.63 4.59 -10.39
CA ILE A 12 -5.71 3.15 -10.22
C ILE A 12 -6.83 2.81 -9.23
N LYS A 13 -7.22 1.54 -9.22
CA LYS A 13 -8.27 1.08 -8.34
C LYS A 13 -7.68 0.11 -7.31
N VAL A 14 -7.91 0.43 -6.05
CA VAL A 14 -7.42 -0.40 -4.96
C VAL A 14 -8.60 -0.97 -4.17
N THR A 15 -8.77 -2.27 -4.28
CA THR A 15 -9.84 -2.95 -3.58
C THR A 15 -9.43 -3.29 -2.15
N LEU A 16 -10.27 -2.90 -1.20
CA LEU A 16 -10.00 -3.16 0.20
C LEU A 16 -10.05 -4.66 0.45
N PRO A 17 -9.45 -5.08 1.59
CA PRO A 17 -9.41 -6.49 1.96
C PRO A 17 -10.78 -6.94 2.49
N ASP A 18 -11.73 -6.02 2.45
CA ASP A 18 -13.07 -6.31 2.93
C ASP A 18 -13.99 -6.52 1.72
N GLY A 19 -13.50 -6.12 0.57
CA GLY A 19 -14.27 -6.27 -0.66
C GLY A 19 -14.55 -4.90 -1.30
N LYS A 20 -14.70 -3.90 -0.44
CA LYS A 20 -14.98 -2.55 -0.90
C LYS A 20 -13.87 -2.12 -1.88
N GLN A 21 -14.16 -1.05 -2.60
CA GLN A 21 -13.21 -0.52 -3.57
C GLN A 21 -12.95 0.96 -3.29
N VAL A 22 -11.76 1.40 -3.69
CA VAL A 22 -11.37 2.79 -3.49
C VAL A 22 -10.56 3.25 -4.70
N ASP A 23 -10.48 4.58 -4.85
CA ASP A 23 -9.75 5.17 -5.95
C ASP A 23 -8.36 5.60 -5.47
N ALA A 24 -7.34 5.15 -6.20
CA ALA A 24 -5.97 5.48 -5.85
C ALA A 24 -5.21 5.88 -7.13
N GLU A 25 -3.98 6.32 -6.92
CA GLU A 25 -3.15 6.73 -8.04
C GLU A 25 -1.74 6.14 -7.90
N SER A 26 -1.23 5.67 -9.02
CA SER A 26 0.10 5.07 -9.04
C SER A 26 1.15 6.13 -8.70
N TRP A 27 2.02 5.77 -7.77
CA TRP A 27 3.08 6.68 -7.35
C TRP A 27 2.43 7.95 -6.81
N LYS A 28 1.27 7.76 -6.18
CA LYS A 28 0.55 8.88 -5.62
C LYS A 28 -0.02 8.47 -4.25
N THR A 29 -0.87 7.47 -4.26
CA THR A 29 -1.48 6.99 -3.04
C THR A 29 -0.75 5.73 -2.54
N THR A 30 -0.90 5.47 -1.25
CA THR A 30 -0.27 4.31 -0.64
C THR A 30 -1.29 3.48 0.12
N PRO A 31 -0.83 2.29 0.60
CA PRO A 31 -1.70 1.39 1.35
C PRO A 31 -1.93 1.92 2.76
N TYR A 32 -1.04 2.81 3.19
CA TYR A 32 -1.13 3.38 4.52
C TYR A 32 -2.25 4.43 4.58
N GLN A 33 -2.43 5.12 3.48
CA GLN A 33 -3.45 6.16 3.40
C GLN A 33 -4.83 5.51 3.23
N ILE A 34 -4.90 4.57 2.29
CA ILE A 34 -6.15 3.88 2.03
C ILE A 34 -6.74 3.37 3.35
N ALA A 35 -6.00 2.50 4.00
CA ALA A 35 -6.43 1.94 5.27
C ALA A 35 -6.92 3.07 6.18
N CYS A 36 -6.13 4.12 6.24
CA CYS A 36 -6.46 5.26 7.06
C CYS A 36 -7.83 5.79 6.62
N GLY A 37 -7.94 6.05 5.33
CA GLY A 37 -9.17 6.55 4.76
C GLY A 37 -10.38 5.91 5.44
N ILE A 38 -10.47 4.60 5.33
CA ILE A 38 -11.57 3.86 5.93
C ILE A 38 -11.88 4.45 7.30
N SER A 39 -10.93 4.28 8.21
CA SER A 39 -11.09 4.79 9.57
C SER A 39 -9.72 4.97 10.22
N GLN A 40 -9.46 6.19 10.65
CA GLN A 40 -8.21 6.51 11.30
C GLN A 40 -7.92 5.52 12.44
N GLY A 41 -6.85 4.76 12.25
CA GLY A 41 -6.46 3.78 13.25
C GLY A 41 -5.92 2.51 12.58
N LEU A 42 -6.69 2.01 11.63
CA LEU A 42 -6.30 0.81 10.91
C LEU A 42 -4.87 0.97 10.40
N ALA A 43 -4.65 2.04 9.67
CA ALA A 43 -3.33 2.32 9.12
C ALA A 43 -2.30 2.36 10.26
N ASP A 44 -2.62 3.16 11.26
CA ASP A 44 -1.74 3.30 12.41
C ASP A 44 -1.41 1.92 12.97
N ASN A 45 -2.35 1.01 12.79
CA ASN A 45 -2.18 -0.35 13.26
C ASN A 45 -2.18 -1.31 12.07
N THR A 46 -1.09 -1.28 11.33
CA THR A 46 -0.96 -2.14 10.15
C THR A 46 0.46 -2.71 10.07
N VAL A 47 0.55 -4.03 10.19
CA VAL A 47 1.83 -4.69 10.13
C VAL A 47 2.46 -4.45 8.75
N ILE A 48 1.90 -5.12 7.76
CA ILE A 48 2.40 -4.99 6.39
C ILE A 48 1.22 -5.04 5.42
N ALA A 49 1.25 -4.14 4.45
CA ALA A 49 0.20 -4.08 3.46
C ALA A 49 0.62 -4.88 2.22
N LYS A 50 -0.30 -5.71 1.76
CA LYS A 50 -0.04 -6.53 0.58
C LYS A 50 -0.67 -5.88 -0.65
N VAL A 51 0.11 -5.79 -1.71
CA VAL A 51 -0.35 -5.19 -2.95
C VAL A 51 -0.32 -6.25 -4.05
N ASN A 52 -1.51 -6.77 -4.36
CA ASN A 52 -1.63 -7.77 -5.40
C ASN A 52 -1.19 -9.13 -4.84
N ASN A 53 -1.35 -9.27 -3.54
CA ASN A 53 -0.99 -10.51 -2.87
C ASN A 53 0.54 -10.54 -2.68
N VAL A 54 1.13 -9.36 -2.72
CA VAL A 54 2.57 -9.24 -2.55
C VAL A 54 2.87 -8.16 -1.50
N VAL A 55 3.79 -8.50 -0.61
CA VAL A 55 4.18 -7.57 0.44
C VAL A 55 4.44 -6.19 -0.17
N TRP A 56 3.90 -5.17 0.49
CA TRP A 56 4.07 -3.81 0.02
C TRP A 56 4.29 -2.91 1.24
N ASP A 57 5.11 -1.89 1.05
CA ASP A 57 5.41 -0.96 2.13
C ASP A 57 4.27 0.04 2.26
N LEU A 58 4.10 0.53 3.48
CA LEU A 58 3.05 1.50 3.75
C LEU A 58 3.47 2.87 3.22
N ASP A 59 4.77 3.08 3.20
CA ASP A 59 5.32 4.35 2.71
C ASP A 59 5.39 4.30 1.18
N ARG A 60 5.60 3.11 0.65
CA ARG A 60 5.69 2.93 -0.78
C ARG A 60 4.30 2.97 -1.41
N PRO A 61 4.13 3.90 -2.38
CA PRO A 61 2.85 4.06 -3.07
C PRO A 61 2.63 2.93 -4.07
N LEU A 62 1.37 2.56 -4.23
CA LEU A 62 1.02 1.50 -5.16
C LEU A 62 1.66 1.77 -6.51
N GLU A 63 1.50 0.82 -7.42
CA GLU A 63 2.05 0.95 -8.75
C GLU A 63 0.94 1.03 -9.80
N GLU A 64 -0.10 0.23 -9.57
CA GLU A 64 -1.24 0.20 -10.48
C GLU A 64 -2.39 -0.58 -9.85
N ASP A 65 -3.47 -0.72 -10.62
CA ASP A 65 -4.64 -1.43 -10.16
C ASP A 65 -4.20 -2.73 -9.47
N CYS A 66 -4.40 -2.75 -8.15
CA CYS A 66 -4.01 -3.90 -7.36
C CYS A 66 -4.93 -3.96 -6.13
N THR A 67 -4.80 -5.04 -5.38
CA THR A 67 -5.60 -5.22 -4.19
C THR A 67 -4.80 -4.87 -2.94
N LEU A 68 -5.50 -4.30 -1.96
CA LEU A 68 -4.86 -3.91 -0.71
C LEU A 68 -5.30 -4.86 0.40
N GLU A 69 -4.32 -5.33 1.15
CA GLU A 69 -4.59 -6.24 2.25
C GLU A 69 -3.69 -5.92 3.45
N LEU A 70 -4.33 -5.59 4.55
CA LEU A 70 -3.61 -5.26 5.77
C LEU A 70 -3.38 -6.54 6.59
N LEU A 71 -2.11 -6.83 6.83
CA LEU A 71 -1.75 -8.01 7.60
C LEU A 71 -1.78 -7.68 9.09
N LYS A 72 -2.00 -8.71 9.90
CA LYS A 72 -2.06 -8.53 11.33
C LYS A 72 -0.81 -9.13 11.97
N PHE A 73 0.23 -9.24 11.15
CA PHE A 73 1.49 -9.79 11.61
C PHE A 73 2.51 -9.87 10.47
N GLU A 74 3.78 -9.79 10.85
CA GLU A 74 4.85 -9.85 9.87
C GLU A 74 4.88 -11.22 9.19
N ASP A 75 4.68 -11.20 7.89
CA ASP A 75 4.69 -12.42 7.10
C ASP A 75 5.95 -12.48 6.26
N GLU A 76 6.71 -11.40 6.29
CA GLU A 76 7.94 -11.31 5.53
C GLU A 76 8.56 -9.92 5.67
N GLU A 77 9.02 -9.63 6.88
CA GLU A 77 9.64 -8.35 7.16
C GLU A 77 10.17 -8.32 8.59
N ALA A 78 11.33 -7.70 8.75
CA ALA A 78 11.96 -7.60 10.05
C ALA A 78 12.48 -6.17 10.26
N GLN A 79 13.33 -5.76 9.32
CA GLN A 79 13.91 -4.43 9.38
C GLN A 79 12.89 -3.38 8.95
N ALA A 80 12.65 -2.43 9.83
CA ALA A 80 11.70 -1.36 9.56
C ALA A 80 10.31 -1.98 9.36
N VAL A 81 9.47 -1.81 10.36
CA VAL A 81 8.12 -2.33 10.30
C VAL A 81 7.27 -1.69 11.41
N TYR A 82 7.81 -1.76 12.62
CA TYR A 82 7.12 -1.19 13.77
C TYR A 82 6.76 0.28 13.53
N SER A 83 7.78 1.06 13.17
CA SER A 83 7.58 2.47 12.91
C SER A 83 7.67 2.74 11.42
N GLY A 84 8.80 2.37 10.83
CA GLY A 84 9.02 2.57 9.42
C GLY A 84 10.25 3.45 9.16
N PRO A 85 10.15 4.28 8.09
CA PRO A 85 11.23 5.18 7.74
C PRO A 85 11.31 6.36 8.69
N SER A 86 12.52 6.64 9.16
CA SER A 86 12.73 7.74 10.07
C SER A 86 12.84 9.06 9.30
N SER A 87 12.02 10.01 9.71
CA SER A 87 12.01 11.31 9.05
C SER A 87 12.24 12.41 10.09
N GLY A 88 12.99 13.43 9.67
CA GLY A 88 13.30 14.54 10.55
C GLY A 88 12.06 15.41 10.79
N GLY A 1 0.20 13.86 -26.08
CA GLY A 1 -0.64 14.58 -25.13
C GLY A 1 0.22 15.21 -24.03
N SER A 2 0.85 14.34 -23.26
CA SER A 2 1.70 14.79 -22.16
C SER A 2 3.17 14.55 -22.51
N SER A 3 3.49 13.29 -22.75
CA SER A 3 4.86 12.92 -23.09
C SER A 3 5.79 13.23 -21.92
N GLY A 4 5.85 12.29 -20.99
CA GLY A 4 6.69 12.46 -19.81
C GLY A 4 7.92 11.55 -19.91
N SER A 5 9.07 12.12 -19.53
CA SER A 5 10.31 11.38 -19.57
C SER A 5 10.39 10.43 -18.36
N SER A 6 10.39 11.03 -17.18
CA SER A 6 10.46 10.26 -15.95
C SER A 6 9.30 9.26 -15.90
N GLY A 7 8.09 9.80 -15.95
CA GLY A 7 6.89 8.97 -15.90
C GLY A 7 5.67 9.81 -15.57
N ASP A 8 4.50 9.18 -15.72
CA ASP A 8 3.25 9.85 -15.44
C ASP A 8 2.34 8.91 -14.64
N SER A 9 1.69 9.48 -13.64
CA SER A 9 0.80 8.70 -12.80
C SER A 9 -0.52 8.44 -13.54
N LYS A 10 -1.39 7.70 -12.87
CA LYS A 10 -2.68 7.37 -13.47
C LYS A 10 -3.64 6.92 -12.35
N PRO A 11 -4.96 7.04 -12.65
CA PRO A 11 -5.98 6.64 -11.70
C PRO A 11 -6.09 5.12 -11.60
N ILE A 12 -5.70 4.60 -10.45
CA ILE A 12 -5.74 3.16 -10.22
C ILE A 12 -6.86 2.85 -9.22
N LYS A 13 -7.17 1.56 -9.12
CA LYS A 13 -8.21 1.13 -8.20
C LYS A 13 -7.61 0.15 -7.18
N VAL A 14 -7.88 0.43 -5.91
CA VAL A 14 -7.38 -0.39 -4.83
C VAL A 14 -8.56 -0.94 -4.03
N THR A 15 -8.73 -2.26 -4.11
CA THR A 15 -9.81 -2.91 -3.40
C THR A 15 -9.37 -3.25 -1.97
N LEU A 16 -10.22 -2.87 -1.03
CA LEU A 16 -9.94 -3.12 0.38
C LEU A 16 -9.97 -4.63 0.64
N PRO A 17 -9.34 -5.03 1.77
CA PRO A 17 -9.29 -6.43 2.15
C PRO A 17 -10.63 -6.90 2.69
N ASP A 18 -11.59 -5.99 2.68
CA ASP A 18 -12.93 -6.30 3.17
C ASP A 18 -13.87 -6.48 1.98
N GLY A 19 -13.39 -6.08 0.81
CA GLY A 19 -14.17 -6.19 -0.41
C GLY A 19 -14.44 -4.81 -1.01
N LYS A 20 -14.56 -3.83 -0.13
CA LYS A 20 -14.82 -2.46 -0.56
C LYS A 20 -13.77 -2.06 -1.60
N GLN A 21 -14.10 -1.00 -2.33
CA GLN A 21 -13.19 -0.51 -3.37
C GLN A 21 -12.84 0.96 -3.09
N VAL A 22 -11.63 1.32 -3.47
CA VAL A 22 -11.15 2.69 -3.28
C VAL A 22 -10.53 3.19 -4.59
N ASP A 23 -10.33 4.50 -4.62
CA ASP A 23 -9.73 5.12 -5.80
C ASP A 23 -8.39 5.75 -5.43
N ALA A 24 -7.36 5.33 -6.14
CA ALA A 24 -6.02 5.84 -5.90
C ALA A 24 -5.31 6.05 -7.23
N GLU A 25 -4.08 6.53 -7.13
CA GLU A 25 -3.28 6.79 -8.32
C GLU A 25 -1.87 6.19 -8.15
N SER A 26 -1.36 5.66 -9.25
CA SER A 26 -0.04 5.06 -9.25
C SER A 26 1.01 6.11 -8.87
N TRP A 27 1.94 5.70 -8.01
CA TRP A 27 3.00 6.60 -7.57
C TRP A 27 2.34 7.83 -6.96
N LYS A 28 1.09 7.66 -6.54
CA LYS A 28 0.35 8.75 -5.94
C LYS A 28 -0.08 8.35 -4.52
N THR A 29 -1.14 7.55 -4.46
CA THR A 29 -1.65 7.09 -3.18
C THR A 29 -0.82 5.91 -2.67
N THR A 30 -0.95 5.65 -1.38
CA THR A 30 -0.22 4.55 -0.76
C THR A 30 -1.19 3.63 0.00
N PRO A 31 -0.65 2.46 0.42
CA PRO A 31 -1.46 1.48 1.14
C PRO A 31 -1.68 1.94 2.59
N TYR A 32 -0.81 2.84 3.04
CA TYR A 32 -0.91 3.35 4.39
C TYR A 32 -1.99 4.44 4.49
N GLN A 33 -2.11 5.21 3.42
CA GLN A 33 -3.11 6.27 3.38
C GLN A 33 -4.51 5.68 3.27
N ILE A 34 -4.67 4.80 2.30
CA ILE A 34 -5.96 4.17 2.07
C ILE A 34 -6.60 3.83 3.43
N ALA A 35 -5.96 2.90 4.12
CA ALA A 35 -6.46 2.48 5.43
C ALA A 35 -6.91 3.70 6.22
N CYS A 36 -5.96 4.57 6.52
CA CYS A 36 -6.23 5.78 7.28
C CYS A 36 -7.51 6.39 6.71
N GLY A 37 -7.61 6.41 5.39
CA GLY A 37 -8.76 6.97 4.72
C GLY A 37 -10.06 6.47 5.36
N ILE A 38 -10.22 5.15 5.34
CA ILE A 38 -11.41 4.54 5.91
C ILE A 38 -11.75 5.23 7.23
N SER A 39 -10.95 4.95 8.25
CA SER A 39 -11.15 5.54 9.55
C SER A 39 -9.89 5.39 10.40
N GLN A 40 -9.61 6.43 11.18
CA GLN A 40 -8.44 6.43 12.03
C GLN A 40 -8.48 5.24 12.98
N GLY A 41 -7.61 4.28 12.71
CA GLY A 41 -7.53 3.08 13.53
C GLY A 41 -7.12 1.86 12.69
N LEU A 42 -7.59 1.85 11.46
CA LEU A 42 -7.29 0.76 10.55
C LEU A 42 -5.78 0.74 10.27
N ALA A 43 -5.27 1.91 9.90
CA ALA A 43 -3.86 2.05 9.60
C ALA A 43 -3.04 1.81 10.88
N ASP A 44 -3.65 2.19 12.00
CA ASP A 44 -3.00 2.03 13.28
C ASP A 44 -2.71 0.54 13.53
N ASN A 45 -3.59 -0.29 12.99
CA ASN A 45 -3.44 -1.73 13.13
C ASN A 45 -2.97 -2.33 11.81
N THR A 46 -1.76 -1.96 11.43
CA THR A 46 -1.18 -2.46 10.19
C THR A 46 0.30 -2.77 10.38
N VAL A 47 0.72 -3.89 9.80
CA VAL A 47 2.10 -4.32 9.90
C VAL A 47 2.75 -4.27 8.51
N ILE A 48 2.05 -4.88 7.56
CA ILE A 48 2.54 -4.91 6.19
C ILE A 48 1.36 -4.94 5.23
N ALA A 49 1.42 -4.05 4.24
CA ALA A 49 0.35 -3.96 3.26
C ALA A 49 0.73 -4.81 2.03
N LYS A 50 -0.23 -5.59 1.59
CA LYS A 50 -0.02 -6.46 0.43
C LYS A 50 -0.60 -5.78 -0.82
N VAL A 51 0.20 -5.79 -1.87
CA VAL A 51 -0.22 -5.19 -3.13
C VAL A 51 -0.21 -6.25 -4.23
N ASN A 52 -1.39 -6.80 -4.48
CA ASN A 52 -1.52 -7.82 -5.51
C ASN A 52 -1.05 -9.17 -4.95
N ASN A 53 -1.32 -9.35 -3.66
CA ASN A 53 -0.93 -10.59 -2.99
C ASN A 53 0.59 -10.62 -2.82
N VAL A 54 1.18 -9.43 -2.84
CA VAL A 54 2.62 -9.31 -2.70
C VAL A 54 2.93 -8.23 -1.64
N VAL A 55 3.83 -8.59 -0.74
CA VAL A 55 4.23 -7.68 0.32
C VAL A 55 4.53 -6.30 -0.28
N TRP A 56 3.97 -5.28 0.35
CA TRP A 56 4.18 -3.92 -0.13
C TRP A 56 4.45 -3.04 1.10
N ASP A 57 5.21 -1.99 0.88
CA ASP A 57 5.55 -1.06 1.95
C ASP A 57 4.44 -0.04 2.10
N LEU A 58 4.33 0.51 3.31
CA LEU A 58 3.31 1.50 3.60
C LEU A 58 3.80 2.87 3.15
N ASP A 59 5.11 2.97 2.98
CA ASP A 59 5.72 4.22 2.54
C ASP A 59 5.85 4.22 1.02
N ARG A 60 5.77 3.03 0.45
CA ARG A 60 5.88 2.87 -0.98
C ARG A 60 4.50 2.97 -1.64
N PRO A 61 4.40 3.87 -2.65
CA PRO A 61 3.15 4.06 -3.37
C PRO A 61 2.88 2.90 -4.33
N LEU A 62 1.60 2.59 -4.49
CA LEU A 62 1.19 1.51 -5.37
C LEU A 62 1.78 1.74 -6.76
N GLU A 63 1.59 0.76 -7.63
CA GLU A 63 2.09 0.85 -8.98
C GLU A 63 0.92 0.93 -9.97
N GLU A 64 -0.12 0.17 -9.68
CA GLU A 64 -1.30 0.14 -10.53
C GLU A 64 -2.43 -0.63 -9.84
N ASP A 65 -3.53 -0.75 -10.56
CA ASP A 65 -4.69 -1.46 -10.04
C ASP A 65 -4.24 -2.76 -9.39
N CYS A 66 -4.39 -2.82 -8.07
CA CYS A 66 -4.02 -4.00 -7.32
C CYS A 66 -4.89 -4.08 -6.08
N THR A 67 -4.61 -5.09 -5.25
CA THR A 67 -5.37 -5.29 -4.03
C THR A 67 -4.61 -4.70 -2.84
N LEU A 68 -5.30 -4.65 -1.71
CA LEU A 68 -4.71 -4.12 -0.49
C LEU A 68 -5.17 -4.96 0.71
N GLU A 69 -4.18 -5.46 1.43
CA GLU A 69 -4.46 -6.28 2.60
C GLU A 69 -3.49 -5.94 3.74
N LEU A 70 -4.03 -5.30 4.76
CA LEU A 70 -3.24 -4.92 5.91
C LEU A 70 -2.95 -6.15 6.77
N LEU A 71 -1.67 -6.38 7.01
CA LEU A 71 -1.24 -7.51 7.82
C LEU A 71 -1.19 -7.11 9.29
N LYS A 72 -1.35 -8.10 10.14
CA LYS A 72 -1.33 -7.87 11.58
C LYS A 72 0.09 -8.08 12.11
N PHE A 73 0.80 -8.98 11.45
CA PHE A 73 2.17 -9.29 11.83
C PHE A 73 2.82 -10.24 10.84
N GLU A 74 4.06 -9.91 10.47
CA GLU A 74 4.80 -10.73 9.52
C GLU A 74 5.84 -11.57 10.25
N ASP A 75 6.32 -12.58 9.57
CA ASP A 75 7.33 -13.47 10.14
C ASP A 75 7.84 -14.43 9.06
N GLU A 76 8.94 -14.03 8.44
CA GLU A 76 9.54 -14.84 7.38
C GLU A 76 10.80 -14.16 6.85
N GLU A 77 10.59 -13.14 6.03
CA GLU A 77 11.69 -12.41 5.44
C GLU A 77 11.77 -11.00 6.05
N ALA A 78 10.68 -10.27 5.90
CA ALA A 78 10.62 -8.91 6.42
C ALA A 78 11.28 -7.96 5.43
N GLN A 79 12.54 -8.22 5.16
CA GLN A 79 13.30 -7.39 4.23
C GLN A 79 13.47 -5.99 4.80
N ALA A 80 12.38 -5.23 4.75
CA ALA A 80 12.38 -3.87 5.25
C ALA A 80 11.15 -3.64 6.12
N VAL A 81 11.20 -4.21 7.32
CA VAL A 81 10.09 -4.08 8.25
C VAL A 81 10.62 -3.58 9.60
N TYR A 82 11.36 -4.46 10.27
CA TYR A 82 11.92 -4.11 11.57
C TYR A 82 12.66 -2.78 11.51
N SER A 83 13.35 -2.56 10.39
CA SER A 83 14.09 -1.33 10.20
C SER A 83 14.96 -1.04 11.42
N GLY A 84 16.20 -1.49 11.35
CA GLY A 84 17.13 -1.28 12.45
C GLY A 84 17.40 0.20 12.67
N PRO A 85 16.89 0.71 13.83
CA PRO A 85 17.07 2.11 14.17
C PRO A 85 18.50 2.38 14.63
N SER A 86 19.29 2.95 13.72
CA SER A 86 20.67 3.27 14.02
C SER A 86 21.45 1.98 14.30
N SER A 87 22.73 2.01 13.91
CA SER A 87 23.59 0.86 14.12
C SER A 87 24.03 0.78 15.59
N GLY A 88 23.17 0.18 16.40
CA GLY A 88 23.45 0.03 17.81
C GLY A 88 22.91 -1.30 18.34
N GLY A 1 5.78 0.36 -27.50
CA GLY A 1 6.87 -0.37 -26.87
C GLY A 1 6.96 -0.02 -25.39
N SER A 2 6.24 -0.79 -24.57
CA SER A 2 6.26 -0.57 -23.14
C SER A 2 7.37 -1.40 -22.49
N SER A 3 8.19 -0.71 -21.72
CA SER A 3 9.30 -1.36 -21.03
C SER A 3 9.09 -1.31 -19.52
N GLY A 4 8.96 -0.08 -19.02
CA GLY A 4 8.75 0.11 -17.59
C GLY A 4 9.93 0.87 -16.96
N SER A 5 9.76 2.19 -16.87
CA SER A 5 10.80 3.02 -16.30
C SER A 5 10.19 4.33 -15.80
N SER A 6 9.58 5.06 -16.71
CA SER A 6 8.94 6.32 -16.36
C SER A 6 7.52 6.38 -16.93
N GLY A 7 6.68 7.16 -16.26
CA GLY A 7 5.30 7.30 -16.69
C GLY A 7 4.49 8.08 -15.65
N ASP A 8 3.94 9.19 -16.08
CA ASP A 8 3.14 10.03 -15.21
C ASP A 8 2.17 9.15 -14.41
N SER A 9 1.69 9.70 -13.31
CA SER A 9 0.77 8.99 -12.45
C SER A 9 -0.51 8.66 -13.21
N LYS A 10 -1.39 7.93 -12.55
CA LYS A 10 -2.66 7.54 -13.16
C LYS A 10 -3.61 7.05 -12.07
N PRO A 11 -4.93 7.09 -12.40
CA PRO A 11 -5.95 6.66 -11.46
C PRO A 11 -5.99 5.12 -11.37
N ILE A 12 -5.53 4.62 -10.23
CA ILE A 12 -5.51 3.20 -10.00
C ILE A 12 -6.64 2.81 -9.04
N LYS A 13 -7.04 1.56 -9.10
CA LYS A 13 -8.10 1.06 -8.24
C LYS A 13 -7.51 0.09 -7.22
N VAL A 14 -7.95 0.24 -5.98
CA VAL A 14 -7.47 -0.62 -4.91
C VAL A 14 -8.67 -1.15 -4.12
N THR A 15 -8.83 -2.47 -4.16
CA THR A 15 -9.91 -3.12 -3.45
C THR A 15 -9.49 -3.50 -2.04
N LEU A 16 -10.26 -3.03 -1.06
CA LEU A 16 -9.97 -3.32 0.33
C LEU A 16 -10.01 -4.84 0.54
N PRO A 17 -9.36 -5.26 1.67
CA PRO A 17 -9.30 -6.67 2.00
C PRO A 17 -10.66 -7.16 2.55
N ASP A 18 -11.60 -6.23 2.60
CA ASP A 18 -12.93 -6.55 3.10
C ASP A 18 -13.89 -6.70 1.92
N GLY A 19 -13.42 -6.30 0.75
CA GLY A 19 -14.23 -6.39 -0.46
C GLY A 19 -14.51 -5.00 -1.03
N LYS A 20 -14.60 -4.03 -0.12
CA LYS A 20 -14.87 -2.66 -0.53
C LYS A 20 -13.82 -2.21 -1.55
N GLN A 21 -14.13 -1.12 -2.23
CA GLN A 21 -13.22 -0.59 -3.23
C GLN A 21 -12.82 0.85 -2.88
N VAL A 22 -11.66 1.24 -3.37
CA VAL A 22 -11.16 2.59 -3.11
C VAL A 22 -10.43 3.10 -4.35
N ASP A 23 -10.26 4.41 -4.40
CA ASP A 23 -9.60 5.03 -5.53
C ASP A 23 -8.18 5.43 -5.11
N ALA A 24 -7.22 5.10 -5.98
CA ALA A 24 -5.83 5.41 -5.72
C ALA A 24 -5.18 5.92 -7.01
N GLU A 25 -3.96 6.41 -6.85
CA GLU A 25 -3.22 6.93 -7.99
C GLU A 25 -1.78 6.41 -7.97
N SER A 26 -1.36 5.91 -9.13
CA SER A 26 -0.01 5.37 -9.26
C SER A 26 1.02 6.44 -8.88
N TRP A 27 2.00 6.02 -8.09
CA TRP A 27 3.05 6.92 -7.65
C TRP A 27 2.37 8.17 -7.06
N LYS A 28 1.31 7.94 -6.32
CA LYS A 28 0.57 9.03 -5.69
C LYS A 28 0.10 8.59 -4.31
N THR A 29 -0.91 7.74 -4.30
CA THR A 29 -1.47 7.24 -3.06
C THR A 29 -0.84 5.90 -2.69
N THR A 30 -0.83 5.62 -1.39
CA THR A 30 -0.25 4.38 -0.90
C THR A 30 -1.30 3.59 -0.11
N PRO A 31 -0.85 2.41 0.39
CA PRO A 31 -1.74 1.55 1.17
C PRO A 31 -1.95 2.10 2.58
N TYR A 32 -0.94 2.78 3.06
CA TYR A 32 -1.00 3.38 4.39
C TYR A 32 -2.06 4.48 4.46
N GLN A 33 -2.01 5.36 3.45
CA GLN A 33 -2.95 6.46 3.38
C GLN A 33 -4.34 5.95 3.01
N ILE A 34 -4.36 4.81 2.34
CA ILE A 34 -5.62 4.21 1.93
C ILE A 34 -6.42 3.82 3.17
N ALA A 35 -5.83 2.95 3.97
CA ALA A 35 -6.49 2.50 5.19
C ALA A 35 -7.00 3.71 5.97
N CYS A 36 -6.07 4.60 6.30
CA CYS A 36 -6.42 5.80 7.05
C CYS A 36 -7.72 6.36 6.47
N GLY A 37 -7.80 6.36 5.15
CA GLY A 37 -8.97 6.85 4.47
C GLY A 37 -10.26 6.36 5.14
N ILE A 38 -10.39 5.05 5.21
CA ILE A 38 -11.56 4.45 5.83
C ILE A 38 -11.87 5.17 7.14
N SER A 39 -11.06 4.88 8.15
CA SER A 39 -11.24 5.50 9.45
C SER A 39 -9.90 5.51 10.20
N GLN A 40 -9.60 6.67 10.77
CA GLN A 40 -8.37 6.84 11.52
C GLN A 40 -8.27 5.78 12.62
N GLY A 41 -7.29 4.88 12.46
CA GLY A 41 -7.09 3.82 13.42
C GLY A 41 -6.58 2.55 12.75
N LEU A 42 -7.28 2.16 11.68
CA LEU A 42 -6.91 0.97 10.94
C LEU A 42 -5.42 1.05 10.58
N ALA A 43 -5.04 2.17 9.99
CA ALA A 43 -3.67 2.38 9.58
C ALA A 43 -2.75 2.15 10.78
N ASP A 44 -3.10 2.79 11.89
CA ASP A 44 -2.32 2.66 13.11
C ASP A 44 -1.99 1.19 13.34
N ASN A 45 -3.03 0.38 13.34
CA ASN A 45 -2.85 -1.06 13.55
C ASN A 45 -2.68 -1.75 12.19
N THR A 46 -1.45 -1.68 11.68
CA THR A 46 -1.15 -2.28 10.40
C THR A 46 0.31 -2.76 10.38
N VAL A 47 0.48 -4.03 10.05
CA VAL A 47 1.81 -4.62 9.98
C VAL A 47 2.41 -4.38 8.60
N ILE A 48 1.88 -5.11 7.63
CA ILE A 48 2.35 -4.98 6.26
C ILE A 48 1.16 -5.09 5.31
N ALA A 49 1.17 -4.22 4.30
CA ALA A 49 0.09 -4.21 3.32
C ALA A 49 0.55 -4.97 2.08
N LYS A 50 -0.36 -5.79 1.55
CA LYS A 50 -0.08 -6.58 0.37
C LYS A 50 -0.64 -5.87 -0.87
N VAL A 51 0.14 -5.89 -1.93
CA VAL A 51 -0.27 -5.25 -3.17
C VAL A 51 -0.22 -6.28 -4.31
N ASN A 52 -1.38 -6.84 -4.60
CA ASN A 52 -1.48 -7.84 -5.65
C ASN A 52 -1.03 -9.19 -5.12
N ASN A 53 -1.25 -9.38 -3.83
CA ASN A 53 -0.86 -10.63 -3.17
C ASN A 53 0.65 -10.64 -2.96
N VAL A 54 1.21 -9.44 -2.95
CA VAL A 54 2.65 -9.29 -2.75
C VAL A 54 2.90 -8.21 -1.71
N VAL A 55 3.73 -8.55 -0.72
CA VAL A 55 4.05 -7.62 0.34
C VAL A 55 4.35 -6.24 -0.26
N TRP A 56 3.83 -5.22 0.41
CA TRP A 56 4.04 -3.85 -0.05
C TRP A 56 4.24 -2.97 1.18
N ASP A 57 5.26 -2.13 1.10
CA ASP A 57 5.58 -1.23 2.20
C ASP A 57 4.50 -0.14 2.28
N LEU A 58 4.12 0.19 3.50
CA LEU A 58 3.11 1.21 3.73
C LEU A 58 3.66 2.56 3.26
N ASP A 59 4.96 2.73 3.39
CA ASP A 59 5.62 3.96 3.00
C ASP A 59 6.02 3.85 1.53
N ARG A 60 5.08 3.38 0.72
CA ARG A 60 5.34 3.24 -0.71
C ARG A 60 4.01 3.23 -1.48
N PRO A 61 3.96 4.08 -2.53
CA PRO A 61 2.76 4.18 -3.35
C PRO A 61 2.63 2.97 -4.28
N LEU A 62 1.39 2.57 -4.53
CA LEU A 62 1.12 1.44 -5.40
C LEU A 62 1.75 1.69 -6.77
N GLU A 63 1.52 0.75 -7.67
CA GLU A 63 2.06 0.86 -9.02
C GLU A 63 0.91 0.91 -10.03
N GLU A 64 -0.13 0.15 -9.74
CA GLU A 64 -1.29 0.10 -10.62
C GLU A 64 -2.42 -0.71 -9.96
N ASP A 65 -3.56 -0.74 -10.64
CA ASP A 65 -4.72 -1.46 -10.14
C ASP A 65 -4.25 -2.78 -9.51
N CYS A 66 -4.45 -2.89 -8.21
CA CYS A 66 -4.06 -4.08 -7.48
C CYS A 66 -5.00 -4.23 -6.27
N THR A 67 -4.70 -5.25 -5.47
CA THR A 67 -5.50 -5.52 -4.28
C THR A 67 -4.72 -5.13 -3.02
N LEU A 68 -5.44 -4.61 -2.04
CA LEU A 68 -4.83 -4.21 -0.80
C LEU A 68 -5.23 -5.19 0.31
N GLU A 69 -4.26 -5.54 1.14
CA GLU A 69 -4.51 -6.46 2.23
C GLU A 69 -3.51 -6.21 3.37
N LEU A 70 -4.02 -5.63 4.44
CA LEU A 70 -3.19 -5.33 5.60
C LEU A 70 -2.91 -6.63 6.35
N LEU A 71 -1.67 -6.75 6.80
CA LEU A 71 -1.25 -7.94 7.54
C LEU A 71 -1.30 -7.64 9.04
N LYS A 72 -1.61 -8.68 9.80
CA LYS A 72 -1.70 -8.53 11.25
C LYS A 72 -0.43 -9.11 11.90
N PHE A 73 0.60 -9.24 11.07
CA PHE A 73 1.87 -9.77 11.55
C PHE A 73 2.90 -9.80 10.42
N GLU A 74 4.15 -9.55 10.80
CA GLU A 74 5.23 -9.55 9.83
C GLU A 74 5.61 -10.98 9.45
N ASP A 75 6.06 -11.13 8.21
CA ASP A 75 6.45 -12.44 7.71
C ASP A 75 7.95 -12.43 7.42
N GLU A 76 8.68 -13.20 8.22
CA GLU A 76 10.12 -13.29 8.06
C GLU A 76 10.48 -13.43 6.58
N GLU A 77 10.96 -12.32 6.03
CA GLU A 77 11.36 -12.29 4.62
C GLU A 77 12.59 -11.41 4.43
N ALA A 78 13.11 -11.43 3.21
CA ALA A 78 14.28 -10.64 2.88
C ALA A 78 14.06 -9.95 1.54
N GLN A 79 13.13 -9.00 1.54
CA GLN A 79 12.80 -8.26 0.34
C GLN A 79 12.22 -6.89 0.70
N ALA A 80 11.13 -6.92 1.43
CA ALA A 80 10.47 -5.69 1.84
C ALA A 80 10.09 -5.80 3.32
N VAL A 81 10.93 -5.22 4.17
CA VAL A 81 10.69 -5.25 5.60
C VAL A 81 11.22 -3.96 6.21
N TYR A 82 10.30 -3.16 6.75
CA TYR A 82 10.66 -1.91 7.37
C TYR A 82 9.55 -1.40 8.29
N SER A 83 9.94 -0.92 9.44
CA SER A 83 9.00 -0.41 10.42
C SER A 83 9.73 0.26 11.58
N GLY A 84 9.45 1.53 11.77
CA GLY A 84 10.08 2.29 12.83
C GLY A 84 9.31 2.14 14.15
N PRO A 85 10.00 1.55 15.16
CA PRO A 85 9.39 1.34 16.46
C PRO A 85 9.30 2.65 17.24
N SER A 86 8.12 3.24 17.19
CA SER A 86 7.88 4.51 17.88
C SER A 86 6.39 4.76 18.03
N SER A 87 5.97 4.99 19.27
CA SER A 87 4.57 5.24 19.54
C SER A 87 4.22 6.70 19.24
N GLY A 88 3.01 6.90 18.74
CA GLY A 88 2.56 8.25 18.40
C GLY A 88 1.04 8.29 18.25
N GLY A 1 9.43 0.10 -36.42
CA GLY A 1 8.65 -0.28 -35.27
C GLY A 1 9.38 0.08 -33.97
N SER A 2 8.86 1.09 -33.29
CA SER A 2 9.45 1.54 -32.04
C SER A 2 8.40 2.28 -31.21
N SER A 3 8.21 1.78 -29.99
CA SER A 3 7.24 2.38 -29.08
C SER A 3 7.84 2.49 -27.68
N GLY A 4 7.13 3.21 -26.82
CA GLY A 4 7.59 3.40 -25.45
C GLY A 4 6.57 4.22 -24.65
N SER A 5 7.02 5.39 -24.21
CA SER A 5 6.17 6.28 -23.43
C SER A 5 5.82 5.63 -22.09
N SER A 6 6.23 6.30 -21.02
CA SER A 6 5.97 5.80 -19.68
C SER A 6 6.61 6.72 -18.64
N GLY A 7 5.99 6.78 -17.48
CA GLY A 7 6.49 7.61 -16.40
C GLY A 7 5.51 8.75 -16.10
N ASP A 8 4.44 8.40 -15.39
CA ASP A 8 3.43 9.37 -15.03
C ASP A 8 2.35 8.70 -14.18
N SER A 9 1.90 9.42 -13.16
CA SER A 9 0.87 8.90 -12.27
C SER A 9 -0.44 8.74 -13.03
N LYS A 10 -1.31 7.89 -12.49
CA LYS A 10 -2.60 7.63 -13.10
C LYS A 10 -3.57 7.14 -12.04
N PRO A 11 -4.89 7.30 -12.34
CA PRO A 11 -5.93 6.87 -11.41
C PRO A 11 -6.09 5.35 -11.44
N ILE A 12 -5.67 4.73 -10.34
CA ILE A 12 -5.76 3.28 -10.23
C ILE A 12 -6.87 2.92 -9.23
N LYS A 13 -7.19 1.64 -9.20
CA LYS A 13 -8.22 1.14 -8.31
C LYS A 13 -7.62 0.14 -7.33
N VAL A 14 -7.97 0.31 -6.07
CA VAL A 14 -7.46 -0.57 -5.03
C VAL A 14 -8.64 -1.15 -4.23
N THR A 15 -8.78 -2.46 -4.30
CA THR A 15 -9.84 -3.14 -3.60
C THR A 15 -9.42 -3.46 -2.16
N LEU A 16 -10.36 -3.25 -1.24
CA LEU A 16 -10.09 -3.51 0.16
C LEU A 16 -10.09 -5.02 0.41
N PRO A 17 -9.49 -5.41 1.55
CA PRO A 17 -9.41 -6.82 1.91
C PRO A 17 -10.77 -7.33 2.41
N ASP A 18 -11.74 -6.43 2.41
CA ASP A 18 -13.08 -6.79 2.85
C ASP A 18 -14.02 -6.85 1.63
N GLY A 19 -13.46 -6.50 0.49
CA GLY A 19 -14.24 -6.52 -0.74
C GLY A 19 -14.47 -5.10 -1.26
N LYS A 20 -14.58 -4.17 -0.32
CA LYS A 20 -14.80 -2.77 -0.67
C LYS A 20 -13.79 -2.35 -1.72
N GLN A 21 -14.04 -1.18 -2.30
CA GLN A 21 -13.16 -0.65 -3.33
C GLN A 21 -12.88 0.83 -3.07
N VAL A 22 -11.72 1.27 -3.52
CA VAL A 22 -11.32 2.65 -3.35
C VAL A 22 -10.52 3.11 -4.57
N ASP A 23 -10.43 4.43 -4.72
CA ASP A 23 -9.70 5.00 -5.84
C ASP A 23 -8.32 5.46 -5.35
N ALA A 24 -7.31 5.07 -6.12
CA ALA A 24 -5.94 5.43 -5.79
C ALA A 24 -5.21 5.88 -7.06
N GLU A 25 -3.95 6.25 -6.87
CA GLU A 25 -3.13 6.69 -7.99
C GLU A 25 -1.74 6.09 -7.90
N SER A 26 -1.25 5.63 -9.04
CA SER A 26 0.07 5.02 -9.10
C SER A 26 1.14 6.08 -8.80
N TRP A 27 1.98 5.76 -7.82
CA TRP A 27 3.04 6.67 -7.43
C TRP A 27 2.40 7.94 -6.87
N LYS A 28 1.27 7.75 -6.20
CA LYS A 28 0.55 8.87 -5.62
C LYS A 28 0.00 8.45 -4.25
N THR A 29 -0.90 7.48 -4.28
CA THR A 29 -1.50 6.99 -3.05
C THR A 29 -0.81 5.70 -2.60
N THR A 30 -0.80 5.50 -1.29
CA THR A 30 -0.18 4.32 -0.71
C THR A 30 -1.22 3.49 0.05
N PRO A 31 -0.76 2.31 0.53
CA PRO A 31 -1.63 1.41 1.28
C PRO A 31 -1.88 1.94 2.69
N TYR A 32 -0.92 2.70 3.18
CA TYR A 32 -1.02 3.27 4.52
C TYR A 32 -2.12 4.35 4.57
N GLN A 33 -2.21 5.10 3.48
CA GLN A 33 -3.20 6.16 3.40
C GLN A 33 -4.60 5.56 3.24
N ILE A 34 -4.74 4.71 2.24
CA ILE A 34 -6.01 4.07 1.98
C ILE A 34 -6.67 3.68 3.30
N ALA A 35 -6.02 2.75 3.99
CA ALA A 35 -6.54 2.28 5.28
C ALA A 35 -6.99 3.48 6.11
N CYS A 36 -6.11 4.47 6.19
CA CYS A 36 -6.41 5.67 6.95
C CYS A 36 -7.80 6.16 6.55
N GLY A 37 -7.94 6.48 5.27
CA GLY A 37 -9.21 6.96 4.75
C GLY A 37 -10.38 6.19 5.37
N ILE A 38 -10.32 4.87 5.23
CA ILE A 38 -11.36 4.02 5.77
C ILE A 38 -11.70 4.46 7.19
N SER A 39 -10.71 4.30 8.08
CA SER A 39 -10.90 4.68 9.47
C SER A 39 -9.57 5.17 10.05
N GLN A 40 -9.65 6.27 10.79
CA GLN A 40 -8.47 6.85 11.40
C GLN A 40 -7.98 5.97 12.55
N GLY A 41 -6.84 5.32 12.31
CA GLY A 41 -6.27 4.44 13.32
C GLY A 41 -5.92 3.08 12.71
N LEU A 42 -6.75 2.66 11.77
CA LEU A 42 -6.54 1.38 11.11
C LEU A 42 -5.13 1.32 10.53
N ALA A 43 -4.71 2.44 9.96
CA ALA A 43 -3.39 2.53 9.37
C ALA A 43 -2.34 2.29 10.45
N ASP A 44 -2.30 3.20 11.41
CA ASP A 44 -1.36 3.10 12.50
C ASP A 44 -1.27 1.64 12.97
N ASN A 45 -2.44 1.01 13.04
CA ASN A 45 -2.51 -0.38 13.46
C ASN A 45 -2.40 -1.30 12.24
N THR A 46 -1.24 -1.23 11.60
CA THR A 46 -0.99 -2.04 10.42
C THR A 46 0.42 -2.63 10.47
N VAL A 47 0.51 -3.90 10.10
CA VAL A 47 1.79 -4.59 10.10
C VAL A 47 2.42 -4.49 8.70
N ILE A 48 1.75 -5.09 7.74
CA ILE A 48 2.24 -5.07 6.36
C ILE A 48 1.04 -5.13 5.41
N ALA A 49 1.12 -4.31 4.37
CA ALA A 49 0.06 -4.27 3.38
C ALA A 49 0.50 -5.02 2.12
N LYS A 50 -0.42 -5.81 1.59
CA LYS A 50 -0.13 -6.58 0.39
C LYS A 50 -0.71 -5.86 -0.83
N VAL A 51 0.08 -5.83 -1.89
CA VAL A 51 -0.33 -5.18 -3.11
C VAL A 51 -0.26 -6.17 -4.27
N ASN A 52 -1.41 -6.74 -4.60
CA ASN A 52 -1.49 -7.70 -5.68
C ASN A 52 -1.07 -9.08 -5.16
N ASN A 53 -1.24 -9.25 -3.86
CA ASN A 53 -0.88 -10.51 -3.21
C ASN A 53 0.63 -10.53 -2.96
N VAL A 54 1.22 -9.34 -2.95
CA VAL A 54 2.65 -9.22 -2.71
C VAL A 54 2.88 -8.14 -1.64
N VAL A 55 3.74 -8.48 -0.69
CA VAL A 55 4.07 -7.55 0.37
C VAL A 55 4.34 -6.17 -0.21
N TRP A 56 3.81 -5.16 0.46
CA TRP A 56 3.99 -3.78 0.02
C TRP A 56 4.15 -2.90 1.26
N ASP A 57 5.21 -2.11 1.24
CA ASP A 57 5.49 -1.22 2.36
C ASP A 57 4.38 -0.17 2.45
N LEU A 58 4.10 0.23 3.69
CA LEU A 58 3.06 1.23 3.93
C LEU A 58 3.55 2.59 3.44
N ASP A 59 4.84 2.83 3.62
CA ASP A 59 5.44 4.09 3.20
C ASP A 59 5.86 3.98 1.73
N ARG A 60 4.95 3.47 0.92
CA ARG A 60 5.22 3.31 -0.50
C ARG A 60 3.91 3.31 -1.28
N PRO A 61 3.87 4.15 -2.35
CA PRO A 61 2.69 4.26 -3.19
C PRO A 61 2.57 3.04 -4.11
N LEU A 62 1.32 2.69 -4.41
CA LEU A 62 1.06 1.56 -5.28
C LEU A 62 1.69 1.80 -6.65
N GLU A 63 1.54 0.82 -7.52
CA GLU A 63 2.08 0.92 -8.87
C GLU A 63 0.95 1.03 -9.89
N GLU A 64 -0.14 0.34 -9.59
CA GLU A 64 -1.30 0.34 -10.48
C GLU A 64 -2.43 -0.49 -9.88
N ASP A 65 -3.53 -0.57 -10.62
CA ASP A 65 -4.68 -1.33 -10.17
C ASP A 65 -4.21 -2.63 -9.53
N CYS A 66 -4.42 -2.73 -8.23
CA CYS A 66 -4.03 -3.91 -7.48
C CYS A 66 -4.97 -4.06 -6.28
N THR A 67 -4.74 -5.12 -5.52
CA THR A 67 -5.54 -5.39 -4.35
C THR A 67 -4.78 -5.00 -3.08
N LEU A 68 -5.53 -4.51 -2.10
CA LEU A 68 -4.94 -4.10 -0.84
C LEU A 68 -5.38 -5.07 0.26
N GLU A 69 -4.42 -5.46 1.09
CA GLU A 69 -4.69 -6.38 2.18
C GLU A 69 -3.74 -6.11 3.35
N LEU A 70 -4.34 -5.72 4.47
CA LEU A 70 -3.55 -5.43 5.66
C LEU A 70 -3.34 -6.71 6.44
N LEU A 71 -2.08 -6.95 6.78
CA LEU A 71 -1.72 -8.14 7.53
C LEU A 71 -1.82 -7.85 9.03
N LYS A 72 -2.05 -8.91 9.79
CA LYS A 72 -2.19 -8.78 11.24
C LYS A 72 -0.98 -9.44 11.91
N PHE A 73 -0.31 -8.66 12.75
CA PHE A 73 0.86 -9.16 13.45
C PHE A 73 1.55 -10.27 12.66
N GLU A 74 1.92 -9.92 11.43
CA GLU A 74 2.58 -10.88 10.56
C GLU A 74 3.53 -11.77 11.38
N ASP A 75 3.70 -12.99 10.89
CA ASP A 75 4.56 -13.95 11.56
C ASP A 75 4.57 -15.27 10.77
N GLU A 76 5.63 -15.45 10.00
CA GLU A 76 5.77 -16.65 9.20
C GLU A 76 7.12 -16.64 8.47
N GLU A 77 7.29 -15.65 7.61
CA GLU A 77 8.52 -15.53 6.85
C GLU A 77 9.09 -14.12 6.99
N ALA A 78 8.21 -13.13 6.88
CA ALA A 78 8.60 -11.74 6.99
C ALA A 78 9.26 -11.29 5.69
N GLN A 79 10.32 -11.99 5.32
CA GLN A 79 11.04 -11.69 4.11
C GLN A 79 11.66 -10.29 4.19
N ALA A 80 10.82 -9.29 3.91
CA ALA A 80 11.26 -7.91 3.95
C ALA A 80 10.35 -7.12 4.89
N VAL A 81 10.92 -6.67 6.00
CA VAL A 81 10.18 -5.90 6.98
C VAL A 81 11.16 -5.11 7.85
N TYR A 82 10.61 -4.11 8.54
CA TYR A 82 11.42 -3.28 9.41
C TYR A 82 12.24 -4.13 10.39
N SER A 83 13.46 -3.70 10.61
CA SER A 83 14.35 -4.41 11.52
C SER A 83 15.55 -3.52 11.89
N GLY A 84 15.29 -2.62 12.82
CA GLY A 84 16.33 -1.70 13.28
C GLY A 84 15.92 -0.99 14.56
N PRO A 85 14.97 -0.03 14.41
CA PRO A 85 14.47 0.72 15.55
C PRO A 85 13.53 -0.13 16.41
N SER A 86 13.92 -0.32 17.66
CA SER A 86 13.12 -1.10 18.58
C SER A 86 13.04 -0.39 19.94
N SER A 87 11.86 -0.49 20.55
CA SER A 87 11.65 0.14 21.84
C SER A 87 10.40 -0.47 22.50
N GLY A 88 10.48 -0.59 23.82
CA GLY A 88 9.38 -1.16 24.59
C GLY A 88 9.35 -2.68 24.45
N GLY A 1 12.46 -5.23 -27.77
CA GLY A 1 12.33 -3.87 -27.25
C GLY A 1 13.58 -3.48 -26.44
N SER A 2 13.46 -2.37 -25.73
CA SER A 2 14.56 -1.89 -24.92
C SER A 2 14.09 -0.70 -24.05
N SER A 3 14.08 -0.94 -22.76
CA SER A 3 13.66 0.08 -21.81
C SER A 3 12.19 0.45 -22.05
N GLY A 4 11.64 1.20 -21.12
CA GLY A 4 10.25 1.62 -21.22
C GLY A 4 10.15 3.14 -21.27
N SER A 5 9.65 3.70 -20.18
CA SER A 5 9.48 5.14 -20.09
C SER A 5 9.44 5.58 -18.62
N SER A 6 8.49 5.02 -17.89
CA SER A 6 8.34 5.33 -16.48
C SER A 6 7.95 6.80 -16.32
N GLY A 7 7.10 7.05 -15.33
CA GLY A 7 6.65 8.40 -15.06
C GLY A 7 5.17 8.57 -15.44
N ASP A 8 4.64 9.74 -15.10
CA ASP A 8 3.25 10.05 -15.40
C ASP A 8 2.35 9.09 -14.63
N SER A 9 1.73 9.62 -13.58
CA SER A 9 0.84 8.83 -12.76
C SER A 9 -0.45 8.52 -13.52
N LYS A 10 -1.36 7.83 -12.84
CA LYS A 10 -2.63 7.47 -13.44
C LYS A 10 -3.60 7.00 -12.34
N PRO A 11 -4.91 7.07 -12.67
CA PRO A 11 -5.94 6.67 -11.72
C PRO A 11 -6.01 5.15 -11.61
N ILE A 12 -5.59 4.64 -10.47
CA ILE A 12 -5.61 3.21 -10.22
C ILE A 12 -6.74 2.87 -9.25
N LYS A 13 -6.97 1.58 -9.09
CA LYS A 13 -8.01 1.11 -8.19
C LYS A 13 -7.42 0.08 -7.22
N VAL A 14 -7.78 0.23 -5.96
CA VAL A 14 -7.30 -0.67 -4.93
C VAL A 14 -8.49 -1.19 -4.11
N THR A 15 -8.65 -2.50 -4.14
CA THR A 15 -9.74 -3.14 -3.42
C THR A 15 -9.31 -3.46 -1.99
N LEU A 16 -10.08 -2.97 -1.05
CA LEU A 16 -9.79 -3.21 0.36
C LEU A 16 -9.90 -4.71 0.66
N PRO A 17 -9.28 -5.11 1.79
CA PRO A 17 -9.30 -6.51 2.20
C PRO A 17 -10.67 -6.90 2.77
N ASP A 18 -11.58 -5.93 2.73
CA ASP A 18 -12.93 -6.16 3.24
C ASP A 18 -13.87 -6.41 2.06
N GLY A 19 -13.39 -6.05 0.87
CA GLY A 19 -14.19 -6.23 -0.33
C GLY A 19 -14.47 -4.88 -0.99
N LYS A 20 -14.58 -3.86 -0.17
CA LYS A 20 -14.85 -2.52 -0.67
C LYS A 20 -13.72 -2.09 -1.60
N GLN A 21 -14.06 -1.17 -2.50
CA GLN A 21 -13.08 -0.67 -3.46
C GLN A 21 -12.70 0.77 -3.13
N VAL A 22 -11.49 1.13 -3.51
CA VAL A 22 -11.00 2.48 -3.26
C VAL A 22 -10.39 3.05 -4.54
N ASP A 23 -10.18 4.36 -4.53
CA ASP A 23 -9.60 5.03 -5.68
C ASP A 23 -8.22 5.58 -5.32
N ALA A 24 -7.24 5.22 -6.13
CA ALA A 24 -5.88 5.67 -5.89
C ALA A 24 -5.22 6.00 -7.24
N GLU A 25 -3.98 6.45 -7.16
CA GLU A 25 -3.23 6.80 -8.35
C GLU A 25 -1.81 6.24 -8.27
N SER A 26 -1.32 5.78 -9.42
CA SER A 26 0.01 5.22 -9.49
C SER A 26 1.05 6.28 -9.12
N TRP A 27 1.94 5.90 -8.21
CA TRP A 27 2.99 6.82 -7.76
C TRP A 27 2.31 8.07 -7.19
N LYS A 28 1.24 7.83 -6.45
CA LYS A 28 0.50 8.93 -5.84
C LYS A 28 0.03 8.50 -4.45
N THR A 29 -0.95 7.60 -4.44
CA THR A 29 -1.49 7.10 -3.19
C THR A 29 -0.84 5.77 -2.80
N THR A 30 -0.80 5.51 -1.50
CA THR A 30 -0.21 4.29 -1.00
C THR A 30 -1.23 3.50 -0.19
N PRO A 31 -0.78 2.32 0.33
CA PRO A 31 -1.65 1.46 1.11
C PRO A 31 -1.87 2.04 2.51
N TYR A 32 -0.88 2.79 2.98
CA TYR A 32 -0.95 3.40 4.29
C TYR A 32 -2.03 4.48 4.34
N GLN A 33 -1.98 5.37 3.36
CA GLN A 33 -2.94 6.45 3.28
C GLN A 33 -4.33 5.90 2.94
N ILE A 34 -4.33 4.81 2.20
CA ILE A 34 -5.57 4.16 1.81
C ILE A 34 -6.39 3.82 3.06
N ALA A 35 -5.68 3.30 4.05
CA ALA A 35 -6.33 2.93 5.30
C ALA A 35 -6.63 4.19 6.11
N CYS A 36 -5.66 5.08 6.16
CA CYS A 36 -5.81 6.32 6.89
C CYS A 36 -7.19 6.90 6.57
N GLY A 37 -7.52 6.89 5.29
CA GLY A 37 -8.79 7.41 4.84
C GLY A 37 -9.94 6.89 5.72
N ILE A 38 -9.89 5.60 5.99
CA ILE A 38 -10.91 4.96 6.82
C ILE A 38 -10.76 5.46 8.26
N SER A 39 -11.79 5.19 9.06
CA SER A 39 -11.79 5.59 10.45
C SER A 39 -10.40 5.36 11.06
N GLN A 40 -9.97 6.34 11.84
CA GLN A 40 -8.66 6.25 12.49
C GLN A 40 -8.57 4.97 13.32
N GLY A 41 -7.55 4.19 13.04
CA GLY A 41 -7.33 2.94 13.75
C GLY A 41 -7.19 1.77 12.78
N LEU A 42 -7.63 2.01 11.55
CA LEU A 42 -7.57 0.98 10.52
C LEU A 42 -6.11 0.80 10.09
N ALA A 43 -5.40 1.91 10.01
CA ALA A 43 -4.00 1.89 9.61
C ALA A 43 -3.14 1.51 10.82
N ASP A 44 -3.45 2.15 11.95
CA ASP A 44 -2.71 1.90 13.17
C ASP A 44 -2.59 0.39 13.39
N ASN A 45 -3.61 -0.32 12.94
CA ASN A 45 -3.63 -1.76 13.08
C ASN A 45 -3.12 -2.41 11.78
N THR A 46 -2.01 -1.87 11.30
CA THR A 46 -1.41 -2.37 10.07
C THR A 46 0.07 -2.71 10.30
N VAL A 47 0.47 -3.86 9.80
CA VAL A 47 1.84 -4.30 9.94
C VAL A 47 2.53 -4.27 8.56
N ILE A 48 1.85 -4.85 7.60
CA ILE A 48 2.39 -4.90 6.24
C ILE A 48 1.23 -4.94 5.24
N ALA A 49 1.32 -4.07 4.24
CA ALA A 49 0.29 -3.99 3.22
C ALA A 49 0.71 -4.84 2.01
N LYS A 50 -0.22 -5.67 1.56
CA LYS A 50 0.03 -6.53 0.42
C LYS A 50 -0.56 -5.90 -0.84
N VAL A 51 0.27 -5.80 -1.86
CA VAL A 51 -0.16 -5.21 -3.13
C VAL A 51 -0.10 -6.28 -4.22
N ASN A 52 -1.27 -6.83 -4.51
CA ASN A 52 -1.38 -7.86 -5.53
C ASN A 52 -0.90 -9.19 -4.95
N ASN A 53 -1.18 -9.37 -3.67
CA ASN A 53 -0.78 -10.59 -2.99
C ASN A 53 0.73 -10.60 -2.79
N VAL A 54 1.30 -9.40 -2.82
CA VAL A 54 2.74 -9.25 -2.65
C VAL A 54 3.02 -8.15 -1.62
N VAL A 55 3.92 -8.47 -0.70
CA VAL A 55 4.28 -7.51 0.34
C VAL A 55 4.54 -6.15 -0.28
N TRP A 56 4.02 -5.13 0.38
CA TRP A 56 4.19 -3.76 -0.10
C TRP A 56 4.37 -2.85 1.12
N ASP A 57 5.37 -1.98 1.02
CA ASP A 57 5.66 -1.06 2.10
C ASP A 57 4.54 -0.01 2.18
N LEU A 58 4.25 0.40 3.40
CA LEU A 58 3.21 1.40 3.64
C LEU A 58 3.69 2.76 3.12
N ASP A 59 5.00 2.96 3.20
CA ASP A 59 5.61 4.20 2.76
C ASP A 59 5.98 4.08 1.28
N ARG A 60 5.11 3.41 0.53
CA ARG A 60 5.34 3.23 -0.90
C ARG A 60 4.01 3.19 -1.65
N PRO A 61 3.94 4.03 -2.71
CA PRO A 61 2.73 4.09 -3.53
C PRO A 61 2.62 2.88 -4.44
N LEU A 62 1.38 2.47 -4.68
CA LEU A 62 1.11 1.32 -5.54
C LEU A 62 1.69 1.59 -6.92
N GLU A 63 1.49 0.62 -7.81
CA GLU A 63 1.98 0.74 -9.17
C GLU A 63 0.81 0.79 -10.16
N GLU A 64 -0.25 0.07 -9.80
CA GLU A 64 -1.44 0.03 -10.63
C GLU A 64 -2.55 -0.78 -9.95
N ASP A 65 -3.69 -0.84 -10.60
CA ASP A 65 -4.83 -1.56 -10.07
C ASP A 65 -4.34 -2.87 -9.44
N CYS A 66 -4.49 -2.95 -8.12
CA CYS A 66 -4.07 -4.13 -7.39
C CYS A 66 -4.94 -4.25 -6.14
N THR A 67 -4.67 -5.30 -5.37
CA THR A 67 -5.42 -5.54 -4.14
C THR A 67 -4.61 -5.07 -2.94
N LEU A 68 -5.34 -4.75 -1.87
CA LEU A 68 -4.71 -4.29 -0.64
C LEU A 68 -5.16 -5.18 0.52
N GLU A 69 -4.18 -5.58 1.33
CA GLU A 69 -4.47 -6.44 2.47
C GLU A 69 -3.55 -6.07 3.63
N LEU A 70 -4.16 -5.49 4.67
CA LEU A 70 -3.41 -5.10 5.85
C LEU A 70 -3.08 -6.33 6.69
N LEU A 71 -1.80 -6.51 6.95
CA LEU A 71 -1.34 -7.64 7.74
C LEU A 71 -1.37 -7.27 9.22
N LYS A 72 -1.50 -8.29 10.06
CA LYS A 72 -1.54 -8.09 11.49
C LYS A 72 -0.12 -8.21 12.05
N PHE A 73 0.66 -9.08 11.44
CA PHE A 73 2.03 -9.30 11.86
C PHE A 73 2.79 -10.17 10.85
N GLU A 74 3.92 -9.65 10.42
CA GLU A 74 4.76 -10.36 9.46
C GLU A 74 6.23 -10.16 9.78
N ASP A 75 7.05 -11.08 9.28
CA ASP A 75 8.48 -11.02 9.50
C ASP A 75 9.20 -10.93 8.15
N GLU A 76 9.26 -9.71 7.63
CA GLU A 76 9.91 -9.48 6.35
C GLU A 76 10.54 -8.09 6.31
N GLU A 77 11.77 -8.04 5.81
CA GLU A 77 12.49 -6.78 5.72
C GLU A 77 12.63 -6.15 7.10
N ALA A 78 13.55 -5.20 7.19
CA ALA A 78 13.79 -4.51 8.45
C ALA A 78 13.98 -3.01 8.18
N GLN A 79 14.80 -2.73 7.19
CA GLN A 79 15.08 -1.35 6.82
C GLN A 79 14.09 -0.88 5.74
N ALA A 80 12.89 -1.42 5.81
CA ALA A 80 11.85 -1.07 4.86
C ALA A 80 10.53 -1.69 5.30
N VAL A 81 10.24 -1.56 6.60
CA VAL A 81 9.02 -2.10 7.15
C VAL A 81 8.10 -0.95 7.56
N TYR A 82 8.73 0.14 7.99
CA TYR A 82 7.97 1.31 8.42
C TYR A 82 6.71 0.91 9.19
N SER A 83 6.87 0.79 10.49
CA SER A 83 5.76 0.41 11.35
C SER A 83 4.86 1.62 11.60
N GLY A 84 5.47 2.69 12.09
CA GLY A 84 4.74 3.91 12.38
C GLY A 84 5.66 5.14 12.27
N PRO A 85 5.02 6.33 12.28
CA PRO A 85 5.76 7.58 12.19
C PRO A 85 6.45 7.91 13.51
N SER A 86 7.75 8.14 13.42
CA SER A 86 8.54 8.45 14.60
C SER A 86 8.32 9.91 15.00
N SER A 87 8.41 10.78 14.00
CA SER A 87 8.23 12.21 14.23
C SER A 87 9.17 12.68 15.33
N GLY A 88 10.28 13.27 14.90
CA GLY A 88 11.28 13.78 15.82
C GLY A 88 10.60 14.42 17.05
N GLY A 1 0.53 -2.49 -22.13
CA GLY A 1 1.14 -2.85 -23.40
C GLY A 1 1.99 -1.72 -23.95
N SER A 2 1.32 -0.72 -24.50
CA SER A 2 2.00 0.43 -25.07
C SER A 2 2.27 1.46 -23.98
N SER A 3 3.36 2.20 -24.16
CA SER A 3 3.74 3.22 -23.21
C SER A 3 3.71 4.61 -23.87
N GLY A 4 3.75 5.63 -23.03
CA GLY A 4 3.73 7.00 -23.52
C GLY A 4 4.80 7.84 -22.83
N SER A 5 4.95 9.07 -23.32
CA SER A 5 5.93 9.97 -22.76
C SER A 5 5.31 10.78 -21.62
N SER A 6 4.34 11.60 -21.98
CA SER A 6 3.66 12.43 -21.00
C SER A 6 2.58 11.61 -20.28
N GLY A 7 2.47 11.84 -18.98
CA GLY A 7 1.50 11.13 -18.18
C GLY A 7 1.61 11.53 -16.70
N ASP A 8 2.66 11.02 -16.07
CA ASP A 8 2.90 11.30 -14.66
C ASP A 8 1.75 10.72 -13.82
N SER A 9 2.05 9.63 -13.15
CA SER A 9 1.06 8.97 -12.32
C SER A 9 -0.21 8.70 -13.13
N LYS A 10 -1.15 8.04 -12.48
CA LYS A 10 -2.42 7.72 -13.12
C LYS A 10 -3.41 7.21 -12.07
N PRO A 11 -4.72 7.32 -12.41
CA PRO A 11 -5.77 6.88 -11.51
C PRO A 11 -5.87 5.34 -11.49
N ILE A 12 -5.52 4.77 -10.36
CA ILE A 12 -5.56 3.33 -10.19
C ILE A 12 -6.69 2.96 -9.22
N LYS A 13 -7.00 1.68 -9.19
CA LYS A 13 -8.05 1.18 -8.31
C LYS A 13 -7.44 0.23 -7.28
N VAL A 14 -7.88 0.38 -6.04
CA VAL A 14 -7.39 -0.46 -4.97
C VAL A 14 -8.58 -1.01 -4.17
N THR A 15 -8.67 -2.33 -4.14
CA THR A 15 -9.75 -2.98 -3.42
C THR A 15 -9.32 -3.29 -1.98
N LEU A 16 -10.28 -3.19 -1.08
CA LEU A 16 -10.02 -3.46 0.33
C LEU A 16 -10.02 -4.97 0.57
N PRO A 17 -9.44 -5.36 1.73
CA PRO A 17 -9.37 -6.77 2.09
C PRO A 17 -10.73 -7.28 2.57
N ASP A 18 -11.71 -6.37 2.54
CA ASP A 18 -13.06 -6.72 2.96
C ASP A 18 -13.96 -6.84 1.73
N GLY A 19 -13.44 -6.36 0.62
CA GLY A 19 -14.19 -6.40 -0.63
C GLY A 19 -14.44 -5.00 -1.17
N LYS A 20 -14.58 -4.05 -0.25
CA LYS A 20 -14.82 -2.67 -0.62
C LYS A 20 -13.76 -2.23 -1.63
N GLN A 21 -14.09 -1.18 -2.36
CA GLN A 21 -13.17 -0.64 -3.36
C GLN A 21 -12.89 0.83 -3.08
N VAL A 22 -11.71 1.27 -3.50
CA VAL A 22 -11.29 2.64 -3.30
C VAL A 22 -10.53 3.12 -4.53
N ASP A 23 -10.45 4.44 -4.67
CA ASP A 23 -9.75 5.04 -5.79
C ASP A 23 -8.37 5.50 -5.33
N ALA A 24 -7.36 5.16 -6.11
CA ALA A 24 -5.99 5.53 -5.79
C ALA A 24 -5.28 5.96 -7.08
N GLU A 25 -4.03 6.38 -6.91
CA GLU A 25 -3.23 6.82 -8.05
C GLU A 25 -1.81 6.26 -7.94
N SER A 26 -1.32 5.77 -9.07
CA SER A 26 0.02 5.20 -9.12
C SER A 26 1.04 6.26 -8.71
N TRP A 27 1.98 5.84 -7.87
CA TRP A 27 3.02 6.74 -7.40
C TRP A 27 2.35 8.00 -6.86
N LYS A 28 1.22 7.80 -6.21
CA LYS A 28 0.47 8.90 -5.64
C LYS A 28 -0.06 8.51 -4.26
N THR A 29 -0.95 7.52 -4.27
CA THR A 29 -1.53 7.04 -3.04
C THR A 29 -0.84 5.76 -2.58
N THR A 30 -0.91 5.51 -1.28
CA THR A 30 -0.30 4.33 -0.70
C THR A 30 -1.33 3.52 0.08
N PRO A 31 -0.88 2.31 0.54
CA PRO A 31 -1.75 1.43 1.31
C PRO A 31 -1.93 1.96 2.73
N TYR A 32 -1.01 2.81 3.15
CA TYR A 32 -1.06 3.38 4.49
C TYR A 32 -2.15 4.45 4.58
N GLN A 33 -2.32 5.18 3.49
CA GLN A 33 -3.33 6.23 3.44
C GLN A 33 -4.72 5.62 3.31
N ILE A 34 -4.87 4.78 2.30
CA ILE A 34 -6.15 4.12 2.06
C ILE A 34 -6.77 3.70 3.40
N ALA A 35 -6.07 2.80 4.07
CA ALA A 35 -6.53 2.31 5.36
C ALA A 35 -7.01 3.48 6.20
N CYS A 36 -6.19 4.52 6.24
CA CYS A 36 -6.53 5.70 7.01
C CYS A 36 -7.90 6.20 6.56
N GLY A 37 -8.02 6.43 5.26
CA GLY A 37 -9.26 6.90 4.68
C GLY A 37 -10.46 6.26 5.38
N ILE A 38 -10.45 4.93 5.41
CA ILE A 38 -11.52 4.18 6.04
C ILE A 38 -11.88 4.83 7.39
N SER A 39 -11.01 4.59 8.36
CA SER A 39 -11.22 5.15 9.69
C SER A 39 -9.88 5.39 10.38
N GLN A 40 -9.75 6.58 10.95
CA GLN A 40 -8.51 6.94 11.64
C GLN A 40 -8.20 5.92 12.73
N GLY A 41 -7.11 5.19 12.52
CA GLY A 41 -6.69 4.17 13.47
C GLY A 41 -6.21 2.91 12.76
N LEU A 42 -6.92 2.57 11.69
CA LEU A 42 -6.58 1.39 10.91
C LEU A 42 -5.11 1.45 10.52
N ALA A 43 -4.74 2.58 9.92
CA ALA A 43 -3.36 2.78 9.48
C ALA A 43 -2.43 2.67 10.70
N ASP A 44 -2.99 2.97 11.86
CA ASP A 44 -2.23 2.91 13.10
C ASP A 44 -1.94 1.45 13.45
N ASN A 45 -2.93 0.61 13.17
CA ASN A 45 -2.80 -0.81 13.45
C ASN A 45 -2.52 -1.57 12.14
N THR A 46 -1.34 -1.33 11.60
CA THR A 46 -0.95 -1.97 10.35
C THR A 46 0.42 -2.62 10.51
N VAL A 47 0.61 -3.72 9.78
CA VAL A 47 1.86 -4.45 9.83
C VAL A 47 2.53 -4.39 8.45
N ILE A 48 1.92 -5.11 7.51
CA ILE A 48 2.44 -5.15 6.15
C ILE A 48 1.27 -5.20 5.16
N ALA A 49 1.26 -4.25 4.24
CA ALA A 49 0.22 -4.18 3.24
C ALA A 49 0.64 -4.98 2.00
N LYS A 50 -0.28 -5.80 1.52
CA LYS A 50 -0.02 -6.61 0.35
C LYS A 50 -0.61 -5.93 -0.89
N VAL A 51 0.20 -5.87 -1.94
CA VAL A 51 -0.23 -5.26 -3.17
C VAL A 51 -0.17 -6.28 -4.30
N ASN A 52 -1.33 -6.84 -4.63
CA ASN A 52 -1.43 -7.83 -5.68
C ASN A 52 -0.99 -9.19 -5.12
N ASN A 53 -1.21 -9.37 -3.83
CA ASN A 53 -0.84 -10.61 -3.17
C ASN A 53 0.67 -10.65 -2.96
N VAL A 54 1.27 -9.47 -2.96
CA VAL A 54 2.70 -9.35 -2.77
C VAL A 54 2.99 -8.30 -1.70
N VAL A 55 3.92 -8.64 -0.80
CA VAL A 55 4.29 -7.73 0.27
C VAL A 55 4.55 -6.34 -0.31
N TRP A 56 3.95 -5.35 0.33
CA TRP A 56 4.10 -3.97 -0.10
C TRP A 56 4.34 -3.11 1.13
N ASP A 57 5.10 -2.04 0.93
CA ASP A 57 5.40 -1.13 2.03
C ASP A 57 4.29 -0.10 2.16
N LEU A 58 4.11 0.38 3.38
CA LEU A 58 3.07 1.37 3.64
C LEU A 58 3.53 2.74 3.14
N ASP A 59 4.85 2.91 3.12
CA ASP A 59 5.43 4.16 2.67
C ASP A 59 5.55 4.15 1.14
N ARG A 60 5.55 2.94 0.60
CA ARG A 60 5.65 2.77 -0.84
C ARG A 60 4.26 2.83 -1.49
N PRO A 61 4.12 3.77 -2.47
CA PRO A 61 2.86 3.95 -3.16
C PRO A 61 2.62 2.81 -4.16
N LEU A 62 1.36 2.47 -4.33
CA LEU A 62 0.98 1.40 -5.25
C LEU A 62 1.60 1.68 -6.62
N GLU A 63 1.40 0.73 -7.52
CA GLU A 63 1.94 0.86 -8.86
C GLU A 63 0.80 0.97 -9.88
N GLU A 64 -0.25 0.20 -9.64
CA GLU A 64 -1.40 0.20 -10.51
C GLU A 64 -2.52 -0.65 -9.92
N ASP A 65 -3.62 -0.73 -10.66
CA ASP A 65 -4.77 -1.50 -10.21
C ASP A 65 -4.29 -2.79 -9.57
N CYS A 66 -4.46 -2.87 -8.25
CA CYS A 66 -4.05 -4.04 -7.51
C CYS A 66 -4.94 -4.17 -6.27
N THR A 67 -4.71 -5.23 -5.52
CA THR A 67 -5.47 -5.47 -4.31
C THR A 67 -4.66 -5.09 -3.07
N LEU A 68 -5.38 -4.57 -2.07
CA LEU A 68 -4.74 -4.17 -0.84
C LEU A 68 -5.19 -5.08 0.30
N GLU A 69 -4.25 -5.44 1.15
CA GLU A 69 -4.54 -6.30 2.28
C GLU A 69 -3.60 -6.00 3.44
N LEU A 70 -4.20 -5.71 4.59
CA LEU A 70 -3.44 -5.40 5.78
C LEU A 70 -3.21 -6.67 6.59
N LEU A 71 -1.93 -7.03 6.74
CA LEU A 71 -1.57 -8.23 7.48
C LEU A 71 -1.70 -7.95 8.97
N LYS A 72 -1.93 -9.02 9.72
CA LYS A 72 -2.07 -8.91 11.16
C LYS A 72 -0.84 -9.52 11.84
N PHE A 73 -0.10 -8.67 12.54
CA PHE A 73 1.10 -9.12 13.23
C PHE A 73 2.07 -9.78 12.27
N GLU A 74 3.28 -9.27 12.25
CA GLU A 74 4.32 -9.79 11.37
C GLU A 74 4.28 -11.32 11.38
N ASP A 75 4.85 -11.90 10.33
CA ASP A 75 4.88 -13.35 10.20
C ASP A 75 6.10 -13.76 9.37
N GLU A 76 7.17 -14.09 10.08
CA GLU A 76 8.39 -14.50 9.42
C GLU A 76 8.80 -13.47 8.36
N GLU A 77 9.44 -12.40 8.82
CA GLU A 77 9.87 -11.35 7.93
C GLU A 77 10.99 -10.53 8.58
N ALA A 78 11.78 -9.88 7.73
CA ALA A 78 12.88 -9.06 8.21
C ALA A 78 13.20 -7.99 7.17
N GLN A 79 13.57 -8.45 5.98
CA GLN A 79 13.89 -7.53 4.90
C GLN A 79 12.71 -6.61 4.60
N ALA A 80 11.59 -7.22 4.27
CA ALA A 80 10.38 -6.47 3.96
C ALA A 80 9.64 -6.15 5.25
N VAL A 81 10.21 -5.19 5.99
CA VAL A 81 9.61 -4.78 7.25
C VAL A 81 9.20 -3.31 7.15
N TYR A 82 10.12 -2.50 6.67
CA TYR A 82 9.86 -1.08 6.52
C TYR A 82 10.69 -0.48 5.37
N SER A 83 11.98 -0.78 5.40
CA SER A 83 12.88 -0.28 4.37
C SER A 83 12.91 1.25 4.40
N GLY A 84 13.94 1.79 3.77
CA GLY A 84 14.10 3.23 3.71
C GLY A 84 15.55 3.64 3.98
N PRO A 85 15.76 4.97 4.12
CA PRO A 85 17.09 5.50 4.39
C PRO A 85 17.51 5.25 5.83
N SER A 86 18.82 5.25 6.04
CA SER A 86 19.36 5.02 7.37
C SER A 86 18.79 6.04 8.36
N SER A 87 17.93 5.55 9.23
CA SER A 87 17.30 6.39 10.23
C SER A 87 17.16 5.64 11.56
N GLY A 88 17.42 6.36 12.63
CA GLY A 88 17.33 5.77 13.96
C GLY A 88 18.25 6.48 14.95
N GLY A 1 8.92 -4.11 -26.59
CA GLY A 1 9.88 -5.01 -25.97
C GLY A 1 11.23 -4.32 -25.78
N SER A 2 11.91 -4.72 -24.71
CA SER A 2 13.21 -4.15 -24.41
C SER A 2 13.19 -2.64 -24.62
N SER A 3 12.76 -1.93 -23.60
CA SER A 3 12.68 -0.49 -23.65
C SER A 3 12.85 0.11 -22.26
N GLY A 4 11.96 -0.29 -21.37
CA GLY A 4 12.00 0.19 -19.99
C GLY A 4 10.60 0.43 -19.45
N SER A 5 10.49 1.43 -18.60
CA SER A 5 9.20 1.78 -18.01
C SER A 5 9.15 3.28 -17.68
N SER A 6 8.08 3.91 -18.13
CA SER A 6 7.90 5.33 -17.89
C SER A 6 6.44 5.71 -18.10
N GLY A 7 5.95 6.60 -17.24
CA GLY A 7 4.58 7.06 -17.32
C GLY A 7 4.18 7.82 -16.06
N ASP A 8 3.54 8.97 -16.28
CA ASP A 8 3.09 9.79 -15.17
C ASP A 8 2.02 9.05 -14.38
N SER A 9 1.74 9.57 -13.19
CA SER A 9 0.74 8.97 -12.33
C SER A 9 -0.58 8.80 -13.10
N LYS A 10 -1.48 8.03 -12.49
CA LYS A 10 -2.76 7.78 -13.10
C LYS A 10 -3.72 7.21 -12.06
N PRO A 11 -5.03 7.25 -12.39
CA PRO A 11 -6.06 6.74 -11.48
C PRO A 11 -6.07 5.20 -11.49
N ILE A 12 -5.68 4.65 -10.35
CA ILE A 12 -5.64 3.20 -10.20
C ILE A 12 -6.80 2.75 -9.32
N LYS A 13 -7.10 1.46 -9.39
CA LYS A 13 -8.18 0.90 -8.60
C LYS A 13 -7.60 -0.07 -7.57
N VAL A 14 -7.96 0.16 -6.31
CA VAL A 14 -7.49 -0.69 -5.24
C VAL A 14 -8.68 -1.30 -4.51
N THR A 15 -8.78 -2.62 -4.61
CA THR A 15 -9.87 -3.35 -3.97
C THR A 15 -9.48 -3.74 -2.55
N LEU A 16 -10.36 -3.41 -1.61
CA LEU A 16 -10.12 -3.74 -0.21
C LEU A 16 -10.09 -5.25 -0.04
N PRO A 17 -9.47 -5.69 1.09
CA PRO A 17 -9.37 -7.11 1.38
C PRO A 17 -10.71 -7.67 1.87
N ASP A 18 -11.71 -6.79 1.89
CA ASP A 18 -13.04 -7.18 2.32
C ASP A 18 -13.96 -7.29 1.10
N GLY A 19 -13.41 -6.90 -0.04
CA GLY A 19 -14.16 -6.95 -1.28
C GLY A 19 -14.48 -5.53 -1.79
N LYS A 20 -14.65 -4.62 -0.84
CA LYS A 20 -14.94 -3.24 -1.18
C LYS A 20 -13.89 -2.73 -2.18
N GLN A 21 -14.21 -1.58 -2.77
CA GLN A 21 -13.31 -0.97 -3.73
C GLN A 21 -13.00 0.47 -3.34
N VAL A 22 -11.82 0.92 -3.75
CA VAL A 22 -11.40 2.27 -3.44
C VAL A 22 -10.66 2.86 -4.65
N ASP A 23 -10.53 4.18 -4.64
CA ASP A 23 -9.85 4.87 -5.72
C ASP A 23 -8.46 5.30 -5.26
N ALA A 24 -7.48 4.99 -6.10
CA ALA A 24 -6.10 5.34 -5.78
C ALA A 24 -5.39 5.81 -7.07
N GLU A 25 -4.15 6.23 -6.89
CA GLU A 25 -3.37 6.71 -8.02
C GLU A 25 -1.94 6.17 -7.92
N SER A 26 -1.45 5.66 -9.04
CA SER A 26 -0.11 5.11 -9.10
C SER A 26 0.91 6.18 -8.72
N TRP A 27 1.78 5.82 -7.78
CA TRP A 27 2.81 6.74 -7.32
C TRP A 27 2.11 7.98 -6.77
N LYS A 28 1.02 7.74 -6.04
CA LYS A 28 0.26 8.83 -5.47
C LYS A 28 -0.27 8.40 -4.09
N THR A 29 -1.14 7.41 -4.11
CA THR A 29 -1.72 6.90 -2.88
C THR A 29 -0.99 5.63 -2.43
N THR A 30 -1.05 5.38 -1.13
CA THR A 30 -0.41 4.20 -0.57
C THR A 30 -1.41 3.37 0.23
N PRO A 31 -0.94 2.19 0.69
CA PRO A 31 -1.78 1.29 1.45
C PRO A 31 -1.97 1.81 2.88
N TYR A 32 -1.04 2.65 3.30
CA TYR A 32 -1.09 3.22 4.63
C TYR A 32 -2.19 4.29 4.74
N GLN A 33 -2.38 4.99 3.63
CA GLN A 33 -3.40 6.04 3.58
C GLN A 33 -4.79 5.42 3.43
N ILE A 34 -4.93 4.57 2.43
CA ILE A 34 -6.19 3.90 2.17
C ILE A 34 -6.84 3.50 3.51
N ALA A 35 -6.02 2.90 4.36
CA ALA A 35 -6.48 2.47 5.66
C ALA A 35 -6.86 3.69 6.49
N CYS A 36 -5.91 4.61 6.60
CA CYS A 36 -6.14 5.82 7.37
C CYS A 36 -7.46 6.44 6.92
N GLY A 37 -7.63 6.50 5.61
CA GLY A 37 -8.84 7.07 5.03
C GLY A 37 -10.06 6.70 5.87
N ILE A 38 -10.31 5.40 5.99
CA ILE A 38 -11.43 4.91 6.75
C ILE A 38 -11.58 5.74 8.03
N SER A 39 -10.56 5.66 8.86
CA SER A 39 -10.55 6.40 10.11
C SER A 39 -9.11 6.67 10.56
N GLN A 40 -8.94 7.80 11.23
CA GLN A 40 -7.62 8.19 11.71
C GLN A 40 -7.17 7.25 12.82
N GLY A 41 -6.02 6.63 12.60
CA GLY A 41 -5.46 5.70 13.57
C GLY A 41 -5.39 4.28 13.00
N LEU A 42 -6.39 3.96 12.20
CA LEU A 42 -6.45 2.64 11.57
C LEU A 42 -5.12 2.33 10.90
N ALA A 43 -4.49 3.38 10.38
CA ALA A 43 -3.22 3.23 9.71
C ALA A 43 -2.22 2.59 10.67
N ASP A 44 -2.25 3.06 11.91
CA ASP A 44 -1.36 2.54 12.94
C ASP A 44 -1.49 1.02 12.99
N ASN A 45 -2.72 0.55 12.82
CA ASN A 45 -2.99 -0.87 12.86
C ASN A 45 -2.25 -1.56 11.70
N THR A 46 -2.65 -2.79 11.44
CA THR A 46 -2.05 -3.56 10.37
C THR A 46 -0.57 -3.82 10.67
N VAL A 47 0.04 -4.66 9.84
CA VAL A 47 1.44 -5.00 10.01
C VAL A 47 2.17 -4.79 8.67
N ILE A 48 1.60 -5.35 7.63
CA ILE A 48 2.17 -5.24 6.30
C ILE A 48 1.06 -5.26 5.26
N ALA A 49 1.09 -4.27 4.37
CA ALA A 49 0.10 -4.17 3.33
C ALA A 49 0.61 -4.89 2.07
N LYS A 50 -0.26 -5.72 1.52
CA LYS A 50 0.07 -6.47 0.33
C LYS A 50 -0.50 -5.78 -0.91
N VAL A 51 0.26 -5.81 -1.98
CA VAL A 51 -0.16 -5.18 -3.22
C VAL A 51 -0.03 -6.18 -4.36
N ASN A 52 -1.16 -6.78 -4.71
CA ASN A 52 -1.20 -7.76 -5.78
C ASN A 52 -0.71 -9.11 -5.25
N ASN A 53 -0.95 -9.32 -3.97
CA ASN A 53 -0.55 -10.56 -3.32
C ASN A 53 0.96 -10.53 -3.06
N VAL A 54 1.49 -9.32 -3.03
CA VAL A 54 2.91 -9.13 -2.79
C VAL A 54 3.11 -8.07 -1.70
N VAL A 55 3.97 -8.40 -0.75
CA VAL A 55 4.25 -7.50 0.35
C VAL A 55 4.50 -6.09 -0.21
N TRP A 56 3.88 -5.12 0.44
CA TRP A 56 4.03 -3.73 0.02
C TRP A 56 4.14 -2.87 1.29
N ASP A 57 5.22 -2.10 1.35
CA ASP A 57 5.45 -1.22 2.48
C ASP A 57 4.34 -0.18 2.56
N LEU A 58 3.96 0.14 3.78
CA LEU A 58 2.91 1.12 4.00
C LEU A 58 3.38 2.49 3.50
N ASP A 59 4.65 2.78 3.76
CA ASP A 59 5.24 4.03 3.34
C ASP A 59 5.70 3.92 1.88
N ARG A 60 4.78 3.46 1.04
CA ARG A 60 5.08 3.30 -0.37
C ARG A 60 3.79 3.30 -1.19
N PRO A 61 3.77 4.18 -2.23
CA PRO A 61 2.60 4.29 -3.10
C PRO A 61 2.52 3.09 -4.05
N LEU A 62 1.29 2.72 -4.37
CA LEU A 62 1.05 1.61 -5.26
C LEU A 62 1.73 1.89 -6.61
N GLU A 63 1.54 0.96 -7.54
CA GLU A 63 2.11 1.10 -8.87
C GLU A 63 1.01 1.16 -9.92
N GLU A 64 -0.04 0.39 -9.66
CA GLU A 64 -1.18 0.35 -10.59
C GLU A 64 -2.29 -0.52 -10.01
N ASP A 65 -3.36 -0.64 -10.79
CA ASP A 65 -4.49 -1.44 -10.37
C ASP A 65 -3.99 -2.73 -9.71
N CYS A 66 -4.21 -2.80 -8.40
CA CYS A 66 -3.79 -3.97 -7.64
C CYS A 66 -4.72 -4.12 -6.44
N THR A 67 -4.53 -5.22 -5.71
CA THR A 67 -5.34 -5.49 -4.54
C THR A 67 -4.63 -4.99 -3.28
N LEU A 68 -5.43 -4.84 -2.22
CA LEU A 68 -4.89 -4.37 -0.96
C LEU A 68 -5.30 -5.34 0.16
N GLU A 69 -4.30 -5.78 0.91
CA GLU A 69 -4.55 -6.70 2.00
C GLU A 69 -3.70 -6.33 3.22
N LEU A 70 -4.38 -6.07 4.32
CA LEU A 70 -3.71 -5.70 5.56
C LEU A 70 -3.37 -6.96 6.35
N LEU A 71 -2.10 -7.05 6.75
CA LEU A 71 -1.63 -8.19 7.50
C LEU A 71 -1.68 -7.86 9.00
N LYS A 72 -1.80 -8.91 9.80
CA LYS A 72 -1.86 -8.75 11.24
C LYS A 72 -0.47 -8.95 11.83
N PHE A 73 0.33 -9.76 11.14
CA PHE A 73 1.68 -10.04 11.58
C PHE A 73 2.43 -10.88 10.53
N GLU A 74 3.67 -10.46 10.27
CA GLU A 74 4.50 -11.15 9.31
C GLU A 74 5.67 -11.83 10.01
N ASP A 75 6.46 -12.54 9.21
CA ASP A 75 7.63 -13.24 9.74
C ASP A 75 8.55 -13.63 8.59
N GLU A 76 9.46 -12.71 8.28
CA GLU A 76 10.41 -12.94 7.20
C GLU A 76 11.76 -12.31 7.55
N GLU A 77 11.73 -11.00 7.76
CA GLU A 77 12.94 -10.27 8.10
C GLU A 77 12.71 -9.42 9.34
N ALA A 78 13.81 -8.84 9.84
CA ALA A 78 13.74 -8.00 11.01
C ALA A 78 14.34 -6.63 10.69
N GLN A 79 13.52 -5.80 10.06
CA GLN A 79 13.97 -4.46 9.70
C GLN A 79 12.76 -3.58 9.38
N ALA A 80 11.99 -4.01 8.39
CA ALA A 80 10.80 -3.28 7.99
C ALA A 80 9.55 -4.02 8.44
N VAL A 81 9.12 -3.69 9.65
CA VAL A 81 7.93 -4.32 10.21
C VAL A 81 7.33 -3.42 11.29
N TYR A 82 6.01 -3.44 11.38
CA TYR A 82 5.31 -2.63 12.35
C TYR A 82 5.83 -1.19 12.34
N SER A 83 5.14 -0.36 11.57
CA SER A 83 5.52 1.04 11.46
C SER A 83 6.90 1.17 10.81
N GLY A 84 6.91 1.78 9.63
CA GLY A 84 8.15 1.96 8.90
C GLY A 84 8.90 3.20 9.41
N PRO A 85 10.09 3.44 8.79
CA PRO A 85 10.92 4.57 9.17
C PRO A 85 10.33 5.88 8.65
N SER A 86 9.96 6.74 9.59
CA SER A 86 9.38 8.03 9.24
C SER A 86 10.30 8.76 8.27
N SER A 87 9.77 9.03 7.08
CA SER A 87 10.54 9.73 6.07
C SER A 87 10.38 11.24 6.23
N GLY A 88 11.46 11.96 5.95
CA GLY A 88 11.45 13.40 6.07
C GLY A 88 12.57 14.03 5.24
#